data_7U4D
#
_entry.id   7U4D
#
_cell.length_a   1.00
_cell.length_b   1.00
_cell.length_c   1.00
_cell.angle_alpha   90.00
_cell.angle_beta   90.00
_cell.angle_gamma   90.00
#
_symmetry.space_group_name_H-M   'P 1'
#
loop_
_entity.id
_entity.type
_entity.pdbx_description
1 polymer 'Histone H3-like centromeric protein A'
2 polymer 'Histone H4'
3 polymer 'Histone H2A'
4 polymer 'Histone H2B type 1-C/E/F/G/I'
5 polymer 'DNA (147-MER)'
6 polymer 'DNA (147-MER)'
7 polymer 'Centromere protein N'
#
loop_
_entity_poly.entity_id
_entity_poly.type
_entity_poly.pdbx_seq_one_letter_code
_entity_poly.pdbx_strand_id
1 'polypeptide(L)'
;MGPRRRSRKPEAPRRRSPSPTPTPGPSRRGPSLGASSHQHSRRRQGWLKEIRKLQKSTHLLIRKLPFSRLAREICVKFTR
GVDFNWQAQALLALQEAAEAFLVHLFEDAYLLTLHAGRVTLFPKDVQLARRIRGLEEGLG
;
A,E,L,P
2 'polypeptide(L)'
;MSGRGKGGKGLGKGGAKRHRKVLRDNIQGITKPAIRRLARRGGVKRISGLIYEETRGVLKVFLENVIRDAVTYTEHAKRK
TVTAMDVVYALKRQGRTLYGFGG
;
B,F,M,Q
3 'polypeptide(L)'
;MSGRGKQGGKARAKAKSRSSRAGLQFPVGRVHRLLRKGNYAERVGAGAPVYLAAVLEYLTAEILELAGNAARDNKKTRII
PRHLQLAIRNDEELNKLLGRVTIAQGGVLPNIQAVLLPKKTESHHKAKGK
;
C,G,N,R
4 'polypeptide(L)'
;MPEPAKSAPAPKKGSKKAVTKAQKKDGKKRKRSRKESYSVYVYKVLKQVHPDTGISSKAMGIMNSFVNDIFERIAGEASR
LAHYNKRSTITSREIQTAVRLLLPGELAKHAVSEGTKAVTKYTSSK
;
D,H,O,S
5 'polydeoxyribonucleotide'
;(DA)(DT)(DC)(DT)(DG)(DA)(DG)(DA)(DA)(DT)(DC)(DC)(DG)(DG)(DT)(DG)(DC)(DC)(DG)(DA)
(DG)(DG)(DC)(DC)(DG)(DC)(DT)(DC)(DA)(DA)(DT)(DT)(DG)(DG)(DT)(DC)(DG)(DT)(DA)(DG)
(DA)(DC)(DA)(DG)(DC)(DT)(DC)(DT)(DA)(DG)(DC)(DA)(DC)(DC)(DG)(DC)(DT)(DT)(DA)(DA)
(DA)(DC)(DG)(DC)(DA)(DC)(DG)(DT)(DA)(DC)(DG)(DC)(DG)(DC)(DT)(DG)(DT)(DC)(DC)(DC)
(DC)(DC)(DG)(DC)(DG)(DT)(DT)(DT)(DT)(DA)(DA)(DC)(DC)(DG)(DC)(DC)(DA)(DA)(DG)(DG)
(DG)(DG)(DA)(DT)(DT)(DA)(DC)(DT)(DC)(DC)(DC)(DT)(DA)(DG)(DT)(DC)(DT)(DC)(DC)(DA)
(DG)(DG)(DC)(DA)(DC)(DG)(DT)(DG)(DT)(DC)(DA)(DG)(DA)(DT)(DA)(DT)(DA)(DT)(DA)(DC)
(DA)(DT)(DC)(DC)(DG)(DA)(DT)
;
I,T
6 'polydeoxyribonucleotide'
;(DA)(DT)(DC)(DG)(DG)(DA)(DT)(DG)(DT)(DA)(DT)(DA)(DT)(DA)(DT)(DC)(DT)(DG)(DA)(DC)
(DA)(DC)(DG)(DT)(DG)(DC)(DC)(DT)(DG)(DG)(DA)(DG)(DA)(DC)(DT)(DA)(DG)(DG)(DG)(DA)
(DG)(DT)(DA)(DA)(DT)(DC)(DC)(DC)(DC)(DT)(DT)(DG)(DG)(DC)(DG)(DG)(DT)(DT)(DA)(DA)
(DA)(DA)(DC)(DG)(DC)(DG)(DG)(DG)(DG)(DG)(DA)(DC)(DA)(DG)(DC)(DG)(DC)(DG)(DT)(DA)
(DC)(DG)(DT)(DG)(DC)(DG)(DT)(DT)(DT)(DA)(DA)(DG)(DC)(DG)(DG)(DT)(DG)(DC)(DT)(DA)
(DG)(DA)(DG)(DC)(DT)(DG)(DT)(DC)(DT)(DA)(DC)(DG)(DA)(DC)(DC)(DA)(DA)(DT)(DT)(DG)
(DA)(DG)(DC)(DG)(DG)(DC)(DC)(DT)(DC)(DG)(DG)(DC)(DA)(DC)(DC)(DG)(DG)(DA)(DT)(DT)
(DC)(DT)(DC)(DA)(DG)(DA)(DT)
;
J,U
7 'polypeptide(L)'
;MDETVAEFIKRTILKIPMNELTTILKAWDFLSENQLQTVNFRQRKESVVQHLIHLCEEKRASISDAALLDIIYMQFHQHQ
KVWDVFQMSKGPGEDVDLFDMKQFKNSFKKILQRALKNVTVSFRETEENAVWIRIAWGTQYTKPNQYKPTYVVYYSQTPY
AFTSSSMLRRNTPLLGQALTIASKHHQIVKMDLRSRYLDSLKAIVFKQYNQTFETHNSTTPLQERSLGLDINMDSRIIHE
NIVEKERVQRITQETFGDYPQPQLEFAQYKLETKFKSGLNGSILAEREEHHHHHH
;
K,V
#
# COMPACT_ATOMS: atom_id res chain seq x y z
N GLY A 46 -1.59 -60.06 -2.92
CA GLY A 46 -2.34 -59.21 -2.02
C GLY A 46 -3.06 -58.08 -2.72
N TRP A 47 -2.31 -57.04 -3.10
CA TRP A 47 -2.90 -55.91 -3.81
C TRP A 47 -3.19 -56.23 -5.27
N LEU A 48 -2.61 -57.30 -5.79
CA LEU A 48 -2.62 -57.53 -7.23
C LEU A 48 -3.97 -57.98 -7.74
N LYS A 49 -4.82 -58.52 -6.86
CA LYS A 49 -6.21 -58.78 -7.22
C LYS A 49 -7.07 -57.53 -7.12
N GLU A 50 -6.55 -56.45 -6.53
CA GLU A 50 -7.29 -55.22 -6.36
C GLU A 50 -7.09 -54.26 -7.52
N ILE A 51 -5.87 -54.22 -8.09
CA ILE A 51 -5.60 -53.35 -9.23
C ILE A 51 -6.36 -53.85 -10.45
N ARG A 52 -6.24 -55.14 -10.76
CA ARG A 52 -6.85 -55.69 -11.97
C ARG A 52 -8.36 -55.78 -11.89
N LYS A 53 -8.96 -55.50 -10.74
CA LYS A 53 -10.40 -55.31 -10.66
C LYS A 53 -10.79 -53.87 -10.93
N LEU A 54 -9.95 -52.91 -10.54
CA LEU A 54 -10.29 -51.51 -10.66
C LEU A 54 -9.90 -50.91 -12.00
N GLN A 55 -8.95 -51.50 -12.71
CA GLN A 55 -8.65 -51.09 -14.07
C GLN A 55 -9.54 -51.80 -15.09
N LYS A 56 -10.60 -52.45 -14.64
CA LYS A 56 -11.60 -53.06 -15.50
C LYS A 56 -12.92 -52.32 -15.48
N SER A 57 -13.38 -51.90 -14.30
CA SER A 57 -14.66 -51.21 -14.18
C SER A 57 -14.53 -49.76 -14.64
N THR A 58 -15.64 -49.04 -14.58
CA THR A 58 -15.66 -47.67 -15.06
C THR A 58 -16.42 -46.71 -14.17
N HIS A 59 -16.99 -47.16 -13.06
CA HIS A 59 -17.84 -46.31 -12.24
C HIS A 59 -17.02 -45.32 -11.43
N LEU A 60 -17.72 -44.38 -10.81
CA LEU A 60 -17.08 -43.34 -10.02
C LEU A 60 -16.55 -43.92 -8.71
N LEU A 61 -15.48 -43.31 -8.22
CA LEU A 61 -14.83 -43.77 -6.99
C LEU A 61 -15.06 -42.83 -5.83
N ILE A 62 -14.87 -41.53 -6.04
CA ILE A 62 -15.27 -40.55 -5.05
C ILE A 62 -16.80 -40.49 -5.02
N ARG A 63 -17.38 -40.58 -3.82
CA ARG A 63 -18.82 -40.61 -3.70
C ARG A 63 -19.43 -39.24 -4.04
N LYS A 64 -20.68 -39.27 -4.49
CA LYS A 64 -21.27 -38.10 -5.15
C LYS A 64 -21.57 -36.98 -4.16
N LEU A 65 -22.11 -37.32 -3.00
CA LEU A 65 -22.49 -36.30 -2.03
C LEU A 65 -21.32 -35.59 -1.34
N PRO A 66 -20.20 -36.24 -0.95
CA PRO A 66 -19.07 -35.44 -0.44
C PRO A 66 -18.46 -34.54 -1.48
N PHE A 67 -18.39 -34.98 -2.73
CA PHE A 67 -17.85 -34.13 -3.78
C PHE A 67 -18.79 -32.98 -4.09
N SER A 68 -20.10 -33.21 -3.98
CA SER A 68 -21.05 -32.12 -4.16
C SER A 68 -20.93 -31.09 -3.03
N ARG A 69 -20.76 -31.54 -1.79
CA ARG A 69 -20.59 -30.58 -0.69
C ARG A 69 -19.27 -29.83 -0.80
N LEU A 70 -18.22 -30.49 -1.31
CA LEU A 70 -16.95 -29.79 -1.52
C LEU A 70 -17.05 -28.73 -2.61
N ALA A 71 -17.76 -29.05 -3.70
CA ALA A 71 -17.93 -28.07 -4.76
C ALA A 71 -18.79 -26.90 -4.32
N ARG A 72 -19.85 -27.17 -3.55
CA ARG A 72 -20.68 -26.06 -3.06
C ARG A 72 -19.97 -25.25 -1.98
N GLU A 73 -18.96 -25.84 -1.32
CA GLU A 73 -18.14 -25.06 -0.40
C GLU A 73 -17.20 -24.13 -1.14
N ILE A 74 -16.48 -24.67 -2.13
CA ILE A 74 -15.46 -23.88 -2.82
C ILE A 74 -16.10 -22.84 -3.73
N CYS A 75 -17.29 -23.11 -4.26
CA CYS A 75 -17.94 -22.19 -5.18
C CYS A 75 -18.41 -20.91 -4.49
N VAL A 76 -18.81 -20.99 -3.21
CA VAL A 76 -19.39 -19.83 -2.56
C VAL A 76 -18.34 -18.80 -2.15
N LYS A 77 -17.06 -19.15 -2.21
CA LYS A 77 -16.00 -18.21 -1.90
C LYS A 77 -15.61 -17.36 -3.08
N PHE A 78 -15.80 -17.86 -4.31
CA PHE A 78 -15.41 -17.16 -5.53
C PHE A 78 -16.57 -16.47 -6.21
N THR A 79 -17.62 -16.13 -5.48
CA THR A 79 -18.76 -15.44 -6.07
C THR A 79 -19.34 -14.38 -5.15
N ARG A 80 -18.60 -13.99 -4.12
CA ARG A 80 -18.99 -12.97 -3.14
C ARG A 80 -20.26 -13.37 -2.39
N GLY A 81 -20.26 -14.60 -1.87
CA GLY A 81 -21.29 -15.03 -0.95
C GLY A 81 -22.66 -15.25 -1.56
N VAL A 82 -22.71 -15.80 -2.77
CA VAL A 82 -23.96 -16.05 -3.48
C VAL A 82 -24.09 -17.55 -3.67
N ASP A 83 -25.28 -18.10 -3.44
CA ASP A 83 -25.49 -19.49 -3.76
C ASP A 83 -25.67 -19.68 -5.26
N PHE A 84 -25.63 -20.92 -5.70
CA PHE A 84 -25.96 -21.24 -7.08
C PHE A 84 -26.81 -22.49 -7.08
N ASN A 85 -27.11 -22.98 -8.27
CA ASN A 85 -27.91 -24.18 -8.45
C ASN A 85 -27.23 -24.97 -9.56
N TRP A 86 -26.37 -25.91 -9.16
CA TRP A 86 -25.75 -26.81 -10.10
C TRP A 86 -26.81 -27.70 -10.73
N GLN A 87 -26.80 -27.82 -12.05
CA GLN A 87 -27.54 -28.89 -12.67
C GLN A 87 -26.96 -30.24 -12.26
N ALA A 88 -27.82 -31.25 -12.21
CA ALA A 88 -27.42 -32.60 -11.82
C ALA A 88 -26.50 -33.27 -12.83
N GLN A 89 -26.27 -32.66 -13.99
CA GLN A 89 -25.36 -33.19 -14.98
C GLN A 89 -23.94 -32.62 -14.82
N ALA A 90 -23.80 -31.38 -14.36
CA ALA A 90 -22.50 -30.73 -14.37
C ALA A 90 -21.57 -31.26 -13.29
N LEU A 91 -22.13 -31.70 -12.18
CA LEU A 91 -21.32 -32.28 -11.11
C LEU A 91 -20.64 -33.56 -11.56
N LEU A 92 -21.30 -34.31 -12.46
CA LEU A 92 -20.66 -35.44 -13.09
C LEU A 92 -19.47 -35.01 -13.95
N ALA A 93 -19.58 -33.84 -14.59
CA ALA A 93 -18.49 -33.36 -15.42
C ALA A 93 -17.29 -32.94 -14.58
N LEU A 94 -17.54 -32.23 -13.47
CA LEU A 94 -16.49 -31.92 -12.51
C LEU A 94 -15.83 -33.17 -11.98
N GLN A 95 -16.63 -34.18 -11.62
CA GLN A 95 -16.08 -35.37 -10.99
C GLN A 95 -15.30 -36.21 -11.98
N GLU A 96 -15.74 -36.26 -13.24
CA GLU A 96 -14.99 -37.00 -14.25
C GLU A 96 -13.67 -36.31 -14.59
N ALA A 97 -13.67 -34.98 -14.66
CA ALA A 97 -12.42 -34.28 -14.91
C ALA A 97 -11.46 -34.42 -13.73
N ALA A 98 -11.99 -34.39 -12.51
CA ALA A 98 -11.14 -34.54 -11.33
C ALA A 98 -10.56 -35.94 -11.24
N GLU A 99 -11.35 -36.96 -11.55
CA GLU A 99 -10.83 -38.33 -11.54
C GLU A 99 -9.79 -38.54 -12.63
N ALA A 100 -10.03 -38.00 -13.84
CA ALA A 100 -9.05 -38.17 -14.91
C ALA A 100 -7.75 -37.44 -14.60
N PHE A 101 -7.84 -36.24 -14.02
CA PHE A 101 -6.65 -35.49 -13.66
C PHE A 101 -5.85 -36.17 -12.56
N LEU A 102 -6.54 -36.70 -11.53
CA LEU A 102 -5.82 -37.36 -10.45
C LEU A 102 -5.22 -38.69 -10.89
N VAL A 103 -5.90 -39.41 -11.79
CA VAL A 103 -5.35 -40.69 -12.23
C VAL A 103 -4.13 -40.48 -13.11
N HIS A 104 -4.18 -39.49 -14.01
CA HIS A 104 -3.00 -39.18 -14.82
C HIS A 104 -1.86 -38.64 -13.95
N LEU A 105 -2.20 -37.88 -12.91
CA LEU A 105 -1.18 -37.34 -12.00
C LEU A 105 -0.50 -38.44 -11.21
N PHE A 106 -1.27 -39.38 -10.66
CA PHE A 106 -0.65 -40.47 -9.90
C PHE A 106 0.08 -41.45 -10.81
N GLU A 107 -0.34 -41.61 -12.05
CA GLU A 107 0.47 -42.39 -12.99
C GLU A 107 1.83 -41.75 -13.23
N ASP A 108 1.86 -40.42 -13.41
CA ASP A 108 3.15 -39.79 -13.66
C ASP A 108 4.01 -39.76 -12.41
N ALA A 109 3.38 -39.59 -11.25
CA ALA A 109 4.11 -39.61 -9.99
C ALA A 109 4.70 -40.99 -9.73
N TYR A 110 3.94 -42.05 -10.05
CA TYR A 110 4.48 -43.39 -9.88
C TYR A 110 5.57 -43.69 -10.90
N LEU A 111 5.49 -43.09 -12.08
CA LEU A 111 6.61 -43.17 -13.01
C LEU A 111 7.84 -42.49 -12.44
N LEU A 112 7.66 -41.45 -11.63
CA LEU A 112 8.81 -40.87 -10.95
C LEU A 112 9.34 -41.77 -9.84
N THR A 113 8.46 -42.49 -9.15
CA THR A 113 8.91 -43.27 -7.99
C THR A 113 9.77 -44.46 -8.39
N LEU A 114 9.53 -45.06 -9.55
CA LEU A 114 10.36 -46.18 -9.99
C LEU A 114 11.72 -45.73 -10.49
N HIS A 115 11.93 -44.44 -10.67
CA HIS A 115 13.22 -43.95 -11.13
C HIS A 115 14.24 -43.96 -10.00
N ALA A 116 13.82 -43.57 -8.80
CA ALA A 116 14.72 -43.41 -7.67
C ALA A 116 14.87 -44.68 -6.84
N GLY A 117 14.48 -45.83 -7.37
CA GLY A 117 14.59 -47.08 -6.65
C GLY A 117 13.47 -47.35 -5.67
N ARG A 118 12.58 -46.39 -5.45
CA ARG A 118 11.49 -46.56 -4.51
C ARG A 118 10.42 -47.48 -5.11
N VAL A 119 9.48 -47.87 -4.24
CA VAL A 119 8.20 -48.40 -4.66
C VAL A 119 7.15 -47.53 -3.97
N THR A 120 7.52 -46.99 -2.82
CA THR A 120 6.64 -46.16 -2.02
C THR A 120 6.51 -44.79 -2.66
N LEU A 121 5.32 -44.19 -2.59
CA LEU A 121 5.02 -42.92 -3.23
C LEU A 121 5.00 -41.81 -2.17
N PHE A 122 6.13 -41.13 -2.00
CA PHE A 122 6.26 -40.09 -1.00
C PHE A 122 5.70 -38.76 -1.49
N PRO A 123 5.43 -37.82 -0.57
CA PRO A 123 4.98 -36.47 -1.01
C PRO A 123 6.05 -35.64 -1.68
N LYS A 124 7.31 -36.06 -1.66
CA LYS A 124 8.30 -35.42 -2.52
C LYS A 124 8.03 -35.72 -3.99
N ASP A 125 7.34 -36.82 -4.28
CA ASP A 125 7.11 -37.23 -5.66
C ASP A 125 5.98 -36.45 -6.31
N VAL A 126 4.92 -36.16 -5.55
CA VAL A 126 3.77 -35.48 -6.15
C VAL A 126 4.06 -34.01 -6.39
N GLN A 127 4.77 -33.37 -5.45
CA GLN A 127 5.12 -31.96 -5.64
C GLN A 127 6.22 -31.73 -6.66
N LEU A 128 6.77 -32.78 -7.27
CA LEU A 128 7.73 -32.63 -8.34
C LEU A 128 7.14 -32.90 -9.71
N ALA A 129 6.12 -33.75 -9.78
CA ALA A 129 5.44 -34.02 -11.04
C ALA A 129 4.44 -32.95 -11.41
N ARG A 130 4.38 -31.85 -10.69
CA ARG A 130 3.61 -30.69 -11.11
C ARG A 130 4.49 -29.56 -11.63
N ARG A 131 5.72 -29.45 -11.13
CA ARG A 131 6.61 -28.41 -11.64
C ARG A 131 7.20 -28.78 -12.99
N ILE A 132 7.34 -30.08 -13.26
CA ILE A 132 7.80 -30.50 -14.58
C ILE A 132 6.72 -30.26 -15.62
N ARG A 133 5.48 -30.58 -15.28
CA ARG A 133 4.39 -30.43 -16.24
C ARG A 133 4.02 -28.97 -16.44
N GLY A 134 4.15 -28.15 -15.41
CA GLY A 134 3.88 -26.73 -15.54
C GLY A 134 2.41 -26.38 -15.60
N ARG B 24 -18.22 -30.78 9.49
CA ARG B 24 -17.36 -29.73 10.05
C ARG B 24 -15.95 -29.86 9.50
N ASP B 25 -15.66 -30.98 8.85
CA ASP B 25 -14.33 -31.25 8.33
C ASP B 25 -14.14 -30.73 6.91
N ASN B 26 -15.17 -30.93 6.07
CA ASN B 26 -15.43 -30.21 4.82
C ASN B 26 -14.48 -30.54 3.66
N ILE B 27 -13.41 -31.27 3.92
CA ILE B 27 -12.58 -31.75 2.82
C ILE B 27 -12.28 -33.22 3.11
N GLN B 28 -12.64 -33.68 4.31
CA GLN B 28 -12.48 -35.07 4.67
C GLN B 28 -13.60 -35.95 4.13
N GLY B 29 -14.52 -35.39 3.34
CA GLY B 29 -15.38 -36.21 2.51
C GLY B 29 -14.60 -37.02 1.50
N ILE B 30 -13.50 -36.47 1.01
CA ILE B 30 -12.44 -37.28 0.43
C ILE B 30 -11.86 -38.13 1.55
N THR B 31 -11.99 -39.44 1.45
CA THR B 31 -11.68 -40.29 2.58
C THR B 31 -10.24 -40.79 2.51
N LYS B 32 -9.85 -41.52 3.54
CA LYS B 32 -8.56 -42.20 3.54
C LYS B 32 -8.47 -43.36 2.55
N PRO B 33 -9.53 -44.14 2.23
CA PRO B 33 -9.40 -45.08 1.12
C PRO B 33 -9.88 -44.63 -0.25
N ALA B 34 -10.55 -43.49 -0.40
CA ALA B 34 -10.90 -43.04 -1.74
C ALA B 34 -9.66 -42.63 -2.51
N ILE B 35 -8.72 -42.00 -1.82
CA ILE B 35 -7.40 -41.74 -2.39
C ILE B 35 -6.69 -43.05 -2.69
N ARG B 36 -6.95 -44.08 -1.86
CA ARG B 36 -6.36 -45.38 -2.14
C ARG B 36 -6.97 -46.01 -3.38
N ARG B 37 -8.28 -45.83 -3.61
CA ARG B 37 -8.88 -46.34 -4.84
C ARG B 37 -8.37 -45.62 -6.06
N LEU B 38 -8.16 -44.30 -5.97
CA LEU B 38 -7.59 -43.58 -7.11
C LEU B 38 -6.14 -43.98 -7.36
N ALA B 39 -5.40 -44.29 -6.31
CA ALA B 39 -4.03 -44.74 -6.52
C ALA B 39 -3.97 -46.16 -7.05
N ARG B 40 -4.97 -47.00 -6.74
CA ARG B 40 -4.98 -48.33 -7.34
C ARG B 40 -5.38 -48.26 -8.80
N ARG B 41 -6.28 -47.34 -9.15
CA ARG B 41 -6.59 -47.14 -10.57
C ARG B 41 -5.38 -46.61 -11.31
N GLY B 42 -4.61 -45.72 -10.67
CA GLY B 42 -3.38 -45.25 -11.28
C GLY B 42 -2.32 -46.32 -11.38
N GLY B 43 -2.36 -47.32 -10.51
CA GLY B 43 -1.37 -48.38 -10.54
C GLY B 43 -0.18 -48.12 -9.64
N VAL B 44 -0.45 -47.84 -8.38
CA VAL B 44 0.59 -47.63 -7.37
C VAL B 44 0.47 -48.72 -6.33
N LYS B 45 1.60 -49.37 -6.03
CA LYS B 45 1.54 -50.55 -5.18
C LYS B 45 1.39 -50.19 -3.71
N ARG B 46 2.04 -49.13 -3.24
CA ARG B 46 2.12 -48.88 -1.81
C ARG B 46 2.21 -47.37 -1.56
N ILE B 47 1.09 -46.78 -1.17
CA ILE B 47 1.05 -45.38 -0.82
C ILE B 47 1.83 -45.16 0.47
N SER B 48 2.47 -44.00 0.57
CA SER B 48 3.05 -43.54 1.83
C SER B 48 2.00 -42.91 2.74
N GLY B 49 2.47 -42.10 3.67
CA GLY B 49 1.69 -41.54 4.76
C GLY B 49 1.07 -40.23 4.35
N LEU B 50 1.83 -39.13 4.49
CA LEU B 50 1.34 -37.77 4.32
C LEU B 50 0.74 -37.40 2.95
N ILE B 51 0.70 -38.35 2.00
CA ILE B 51 -0.05 -38.21 0.75
C ILE B 51 -1.51 -37.87 1.03
N TYR B 52 -2.06 -38.45 2.10
CA TYR B 52 -3.42 -38.15 2.53
C TYR B 52 -3.60 -36.67 2.90
N GLU B 53 -2.52 -36.00 3.31
CA GLU B 53 -2.56 -34.57 3.54
C GLU B 53 -2.09 -33.76 2.34
N GLU B 54 -1.53 -34.40 1.32
CA GLU B 54 -1.03 -33.69 0.15
C GLU B 54 -2.07 -33.58 -0.95
N THR B 55 -2.72 -34.71 -1.27
CA THR B 55 -3.68 -34.74 -2.38
C THR B 55 -4.88 -33.87 -2.09
N ARG B 56 -5.30 -33.81 -0.81
CA ARG B 56 -6.35 -32.90 -0.37
C ARG B 56 -6.00 -31.44 -0.61
N GLY B 57 -4.72 -31.10 -0.71
CA GLY B 57 -4.37 -29.78 -1.21
C GLY B 57 -4.64 -29.66 -2.70
N VAL B 58 -4.06 -30.58 -3.48
CA VAL B 58 -3.87 -30.38 -4.92
C VAL B 58 -5.20 -30.32 -5.65
N LEU B 59 -6.07 -31.32 -5.38
CA LEU B 59 -7.45 -31.35 -5.88
C LEU B 59 -8.17 -30.03 -5.64
N LYS B 60 -8.02 -29.50 -4.41
CA LYS B 60 -8.69 -28.25 -4.06
C LYS B 60 -8.26 -27.12 -4.97
N VAL B 61 -6.95 -27.03 -5.22
CA VAL B 61 -6.41 -26.01 -6.11
C VAL B 61 -6.98 -26.16 -7.50
N PHE B 62 -7.06 -27.41 -7.99
CA PHE B 62 -7.57 -27.64 -9.33
C PHE B 62 -9.03 -27.25 -9.43
N LEU B 63 -9.81 -27.49 -8.37
CA LEU B 63 -11.22 -27.16 -8.45
C LEU B 63 -11.43 -25.66 -8.49
N GLU B 64 -10.53 -24.91 -7.86
CA GLU B 64 -10.62 -23.46 -7.94
C GLU B 64 -10.41 -23.02 -9.38
N ASN B 65 -9.41 -23.59 -10.05
CA ASN B 65 -9.16 -23.19 -11.42
C ASN B 65 -10.13 -23.84 -12.40
N VAL B 66 -11.17 -24.52 -11.93
CA VAL B 66 -12.34 -24.74 -12.75
C VAL B 66 -13.46 -23.82 -12.33
N ILE B 67 -13.73 -23.73 -11.03
CA ILE B 67 -14.99 -23.16 -10.58
C ILE B 67 -14.96 -21.65 -10.71
N ARG B 68 -13.84 -21.01 -10.35
CA ARG B 68 -13.65 -19.60 -10.64
C ARG B 68 -13.67 -19.33 -12.14
N ASP B 69 -13.24 -20.30 -12.94
CA ASP B 69 -13.34 -20.16 -14.37
C ASP B 69 -14.71 -20.56 -14.91
N ALA B 70 -15.53 -21.25 -14.11
CA ALA B 70 -16.86 -21.63 -14.57
C ALA B 70 -17.97 -20.79 -13.97
N VAL B 71 -17.71 -20.11 -12.86
CA VAL B 71 -18.70 -19.18 -12.33
C VAL B 71 -18.70 -17.87 -13.13
N THR B 72 -17.67 -17.64 -13.94
CA THR B 72 -17.62 -16.41 -14.73
C THR B 72 -18.60 -16.44 -15.89
N TYR B 73 -18.59 -17.54 -16.66
CA TYR B 73 -19.46 -17.67 -17.83
C TYR B 73 -20.93 -17.60 -17.44
N THR B 74 -21.32 -18.32 -16.39
CA THR B 74 -22.70 -18.23 -15.93
C THR B 74 -23.01 -16.89 -15.26
N GLU B 75 -22.01 -16.12 -14.88
CA GLU B 75 -22.30 -14.76 -14.44
C GLU B 75 -22.62 -13.88 -15.63
N HIS B 76 -22.04 -14.18 -16.78
CA HIS B 76 -22.19 -13.30 -17.93
C HIS B 76 -23.56 -13.47 -18.59
N ALA B 77 -24.15 -14.65 -18.56
CA ALA B 77 -25.40 -14.89 -19.24
C ALA B 77 -26.62 -14.66 -18.35
N LYS B 78 -26.44 -14.00 -17.20
CA LYS B 78 -27.50 -13.67 -16.24
C LYS B 78 -28.25 -14.91 -15.77
N ARG B 79 -27.51 -15.97 -15.45
CA ARG B 79 -28.10 -17.23 -15.04
C ARG B 79 -27.53 -17.63 -13.68
N LYS B 80 -28.40 -17.92 -12.73
CA LYS B 80 -27.97 -18.48 -11.46
C LYS B 80 -27.74 -19.98 -11.52
N THR B 81 -27.91 -20.59 -12.68
CA THR B 81 -27.78 -22.04 -12.84
C THR B 81 -26.48 -22.32 -13.59
N VAL B 82 -25.62 -23.16 -13.01
CA VAL B 82 -24.34 -23.48 -13.59
C VAL B 82 -24.53 -24.77 -14.39
N THR B 83 -24.75 -24.63 -15.70
CA THR B 83 -25.05 -25.77 -16.53
C THR B 83 -23.80 -26.59 -16.82
N ALA B 84 -24.00 -27.70 -17.53
CA ALA B 84 -22.88 -28.56 -17.89
C ALA B 84 -22.01 -27.93 -18.96
N MET B 85 -22.62 -27.17 -19.87
CA MET B 85 -21.88 -26.54 -20.95
C MET B 85 -20.87 -25.52 -20.44
N ASP B 86 -21.16 -24.90 -19.29
CA ASP B 86 -20.25 -23.94 -18.72
C ASP B 86 -18.98 -24.62 -18.21
N VAL B 87 -19.14 -25.77 -17.55
CA VAL B 87 -17.97 -26.50 -17.06
C VAL B 87 -17.21 -27.09 -18.23
N VAL B 88 -17.90 -27.52 -19.30
CA VAL B 88 -17.23 -28.03 -20.49
C VAL B 88 -16.41 -26.93 -21.16
N TYR B 89 -16.95 -25.72 -21.22
CA TYR B 89 -16.22 -24.60 -21.81
C TYR B 89 -15.02 -24.20 -20.95
N ALA B 90 -15.18 -24.22 -19.63
CA ALA B 90 -14.06 -23.87 -18.75
C ALA B 90 -12.94 -24.90 -18.83
N LEU B 91 -13.30 -26.18 -18.90
CA LEU B 91 -12.29 -27.22 -19.06
C LEU B 91 -11.65 -27.18 -20.44
N LYS B 92 -12.38 -26.74 -21.46
CA LYS B 92 -11.78 -26.57 -22.78
C LYS B 92 -10.81 -25.40 -22.77
N ARG B 93 -11.12 -24.36 -22.01
CA ARG B 93 -10.25 -23.20 -21.96
C ARG B 93 -8.99 -23.49 -21.15
N GLN B 94 -9.10 -24.30 -20.09
CA GLN B 94 -7.92 -24.71 -19.33
C GLN B 94 -6.96 -25.52 -20.18
N GLY B 95 -7.47 -26.29 -21.12
CA GLY B 95 -6.67 -27.15 -21.97
C GLY B 95 -7.04 -28.61 -21.90
N ARG B 96 -7.76 -29.03 -20.85
CA ARG B 96 -8.12 -30.42 -20.65
C ARG B 96 -9.54 -30.59 -21.19
N THR B 97 -9.63 -30.93 -22.47
CA THR B 97 -10.93 -30.99 -23.14
C THR B 97 -11.72 -32.20 -22.67
N LEU B 98 -12.99 -31.97 -22.32
CA LEU B 98 -13.90 -33.03 -21.92
C LEU B 98 -14.95 -33.22 -23.01
N TYR B 99 -15.21 -34.47 -23.38
CA TYR B 99 -16.17 -34.74 -24.45
C TYR B 99 -17.55 -35.12 -23.92
N GLY B 100 -17.61 -36.18 -23.12
CA GLY B 100 -18.80 -36.98 -22.91
C GLY B 100 -20.11 -36.32 -22.50
N PHE B 101 -20.08 -35.07 -22.07
CA PHE B 101 -21.31 -34.42 -21.64
C PHE B 101 -21.63 -33.27 -22.57
N GLY B 102 -22.80 -32.68 -22.36
CA GLY B 102 -23.27 -31.61 -23.21
C GLY B 102 -24.77 -31.43 -23.11
N ALA C 15 -10.93 17.00 -35.76
CA ALA C 15 -10.73 18.23 -35.01
C ALA C 15 -10.56 17.92 -33.53
N LYS C 16 -10.77 16.66 -33.16
CA LYS C 16 -10.67 16.22 -31.78
C LYS C 16 -10.33 14.74 -31.77
N SER C 17 -9.36 14.36 -30.95
CA SER C 17 -8.82 13.01 -30.96
C SER C 17 -9.64 12.09 -30.07
N ARG C 18 -9.63 10.80 -30.42
CA ARG C 18 -10.38 9.81 -29.65
C ARG C 18 -9.66 9.45 -28.36
N SER C 19 -8.33 9.32 -28.40
CA SER C 19 -7.57 9.04 -27.20
C SER C 19 -7.59 10.22 -26.23
N SER C 20 -7.79 11.44 -26.74
CA SER C 20 -7.89 12.60 -25.87
C SER C 20 -9.21 12.64 -25.11
N ARG C 21 -10.30 12.19 -25.73
CA ARG C 21 -11.51 11.95 -24.96
C ARG C 21 -11.31 10.78 -24.01
N ALA C 22 -10.56 9.77 -24.44
CA ALA C 22 -10.36 8.59 -23.63
C ALA C 22 -9.41 8.84 -22.47
N GLY C 23 -8.60 9.88 -22.54
CA GLY C 23 -7.60 10.12 -21.50
C GLY C 23 -6.52 9.07 -21.48
N LEU C 24 -6.22 8.48 -22.63
CA LEU C 24 -5.33 7.34 -22.73
C LEU C 24 -4.14 7.72 -23.60
N GLN C 25 -3.33 6.72 -23.95
CA GLN C 25 -2.24 6.92 -24.87
C GLN C 25 -2.25 5.98 -26.06
N PHE C 26 -2.70 4.74 -25.89
CA PHE C 26 -2.90 3.86 -27.03
C PHE C 26 -4.05 4.36 -27.90
N PRO C 27 -4.02 4.08 -29.20
CA PRO C 27 -5.07 4.58 -30.08
C PRO C 27 -6.38 3.84 -29.88
N VAL C 28 -7.45 4.43 -30.42
CA VAL C 28 -8.78 3.87 -30.33
C VAL C 28 -9.34 3.54 -31.70
N GLY C 29 -9.13 4.41 -32.68
CA GLY C 29 -9.62 4.14 -34.02
C GLY C 29 -8.92 2.99 -34.71
N ARG C 30 -7.64 2.78 -34.38
CA ARG C 30 -6.91 1.68 -35.00
C ARG C 30 -7.37 0.34 -34.44
N VAL C 31 -7.63 0.28 -33.14
CA VAL C 31 -8.13 -0.94 -32.52
C VAL C 31 -9.53 -1.26 -33.02
N HIS C 32 -10.36 -0.23 -33.19
CA HIS C 32 -11.71 -0.43 -33.75
C HIS C 32 -11.64 -0.88 -35.20
N ARG C 33 -10.66 -0.38 -35.95
CA ARG C 33 -10.50 -0.80 -37.34
C ARG C 33 -10.08 -2.26 -37.41
N LEU C 34 -9.15 -2.68 -36.55
CA LEU C 34 -8.73 -4.08 -36.53
C LEU C 34 -9.85 -4.98 -36.04
N LEU C 35 -10.66 -4.50 -35.10
CA LEU C 35 -11.70 -5.35 -34.56
C LEU C 35 -12.90 -5.43 -35.49
N ARG C 36 -13.03 -4.51 -36.45
CA ARG C 36 -13.98 -4.76 -37.53
C ARG C 36 -13.38 -5.64 -38.61
N LYS C 37 -12.17 -5.33 -39.06
CA LYS C 37 -11.57 -6.06 -40.18
C LYS C 37 -11.06 -7.44 -39.80
N GLY C 38 -10.99 -7.77 -38.52
CA GLY C 38 -10.52 -9.08 -38.14
C GLY C 38 -11.55 -10.18 -38.25
N ASN C 39 -12.82 -9.82 -38.49
CA ASN C 39 -13.96 -10.73 -38.47
C ASN C 39 -14.04 -11.51 -37.15
N TYR C 40 -14.22 -10.75 -36.07
CA TYR C 40 -14.49 -11.35 -34.78
C TYR C 40 -15.97 -11.38 -34.44
N ALA C 41 -16.71 -10.36 -34.83
CA ALA C 41 -18.17 -10.40 -34.79
C ALA C 41 -18.69 -9.47 -35.87
N GLU C 42 -19.94 -9.68 -36.25
CA GLU C 42 -20.55 -8.90 -37.31
C GLU C 42 -21.05 -7.54 -36.83
N ARG C 43 -20.89 -7.23 -35.56
CA ARG C 43 -21.34 -5.96 -35.02
C ARG C 43 -20.44 -5.60 -33.86
N VAL C 44 -19.91 -4.37 -33.88
CA VAL C 44 -18.94 -3.93 -32.89
C VAL C 44 -19.55 -2.80 -32.08
N GLY C 45 -19.67 -3.00 -30.77
CA GLY C 45 -20.15 -1.95 -29.91
C GLY C 45 -19.15 -0.82 -29.80
N ALA C 46 -19.66 0.38 -29.53
CA ALA C 46 -18.82 1.57 -29.58
C ALA C 46 -17.90 1.67 -28.37
N GLY C 47 -18.38 1.32 -27.18
CA GLY C 47 -17.59 1.44 -25.97
C GLY C 47 -16.51 0.40 -25.78
N ALA C 48 -16.48 -0.63 -26.63
CA ALA C 48 -15.54 -1.74 -26.43
C ALA C 48 -14.08 -1.38 -26.65
N PRO C 49 -13.65 -0.80 -27.80
CA PRO C 49 -12.19 -0.67 -28.00
C PRO C 49 -11.54 0.35 -27.11
N VAL C 50 -12.29 1.29 -26.53
CA VAL C 50 -11.72 2.20 -25.54
C VAL C 50 -11.29 1.44 -24.30
N TYR C 51 -12.19 0.59 -23.78
CA TYR C 51 -11.90 -0.30 -22.67
C TYR C 51 -10.73 -1.23 -22.99
N LEU C 52 -10.71 -1.79 -24.20
CA LEU C 52 -9.65 -2.71 -24.58
C LEU C 52 -8.30 -2.01 -24.68
N ALA C 53 -8.29 -0.78 -25.20
CA ALA C 53 -7.06 -0.01 -25.29
C ALA C 53 -6.56 0.40 -23.91
N ALA C 54 -7.48 0.67 -22.98
CA ALA C 54 -7.06 0.97 -21.62
C ALA C 54 -6.44 -0.26 -20.94
N VAL C 55 -6.99 -1.45 -21.22
CA VAL C 55 -6.42 -2.68 -20.67
C VAL C 55 -5.02 -2.92 -21.23
N LEU C 56 -4.85 -2.71 -22.54
CA LEU C 56 -3.53 -2.89 -23.16
C LEU C 56 -2.53 -1.87 -22.63
N GLU C 57 -3.00 -0.63 -22.40
CA GLU C 57 -2.12 0.39 -21.85
C GLU C 57 -1.67 0.04 -20.44
N TYR C 58 -2.58 -0.50 -19.62
CA TYR C 58 -2.19 -0.87 -18.28
C TYR C 58 -1.22 -2.04 -18.26
N LEU C 59 -1.39 -3.00 -19.18
CA LEU C 59 -0.46 -4.14 -19.23
C LEU C 59 0.93 -3.69 -19.66
N THR C 60 1.02 -2.88 -20.73
CA THR C 60 2.32 -2.40 -21.19
C THR C 60 2.95 -1.48 -20.15
N ALA C 61 2.14 -0.69 -19.45
CA ALA C 61 2.66 0.18 -18.40
C ALA C 61 3.22 -0.62 -17.24
N GLU C 62 2.55 -1.71 -16.87
CA GLU C 62 3.04 -2.57 -15.79
C GLU C 62 4.35 -3.24 -16.16
N ILE C 63 4.45 -3.77 -17.39
CA ILE C 63 5.67 -4.51 -17.69
C ILE C 63 6.84 -3.56 -17.95
N LEU C 64 6.59 -2.35 -18.48
CA LEU C 64 7.69 -1.41 -18.64
C LEU C 64 8.08 -0.77 -17.31
N GLU C 65 7.12 -0.61 -16.39
CA GLU C 65 7.43 -0.12 -15.06
C GLU C 65 8.27 -1.13 -14.29
N LEU C 66 8.03 -2.43 -14.52
CA LEU C 66 8.91 -3.43 -13.92
C LEU C 66 10.25 -3.54 -14.64
N ALA C 67 10.29 -3.21 -15.93
CA ALA C 67 11.53 -3.34 -16.67
C ALA C 67 12.51 -2.21 -16.35
N GLY C 68 12.00 -0.99 -16.18
CA GLY C 68 12.89 0.15 -15.97
C GLY C 68 13.65 0.12 -14.67
N ASN C 69 13.06 -0.50 -13.63
CA ASN C 69 13.76 -0.64 -12.36
C ASN C 69 14.95 -1.57 -12.49
N ALA C 70 14.77 -2.69 -13.21
CA ALA C 70 15.89 -3.58 -13.46
C ALA C 70 16.88 -2.96 -14.44
N ALA C 71 16.42 -2.04 -15.29
CA ALA C 71 17.34 -1.33 -16.17
C ALA C 71 18.25 -0.40 -15.39
N ARG C 72 17.69 0.35 -14.42
CA ARG C 72 18.52 1.16 -13.56
C ARG C 72 19.33 0.33 -12.57
N ASP C 73 18.89 -0.91 -12.30
CA ASP C 73 19.64 -1.80 -11.42
C ASP C 73 20.96 -2.21 -12.05
N ASN C 74 21.02 -2.32 -13.38
CA ASN C 74 22.23 -2.69 -14.10
C ASN C 74 22.97 -1.46 -14.61
N LYS C 75 22.65 -0.27 -14.06
CA LYS C 75 23.29 1.01 -14.38
C LYS C 75 23.18 1.35 -15.86
N LYS C 76 22.02 1.07 -16.44
CA LYS C 76 21.76 1.32 -17.86
C LYS C 76 20.51 2.16 -18.00
N THR C 77 20.40 2.82 -19.15
CA THR C 77 19.21 3.59 -19.48
C THR C 77 18.56 3.16 -20.78
N ARG C 78 19.11 2.15 -21.47
CA ARG C 78 18.59 1.68 -22.74
C ARG C 78 18.12 0.25 -22.56
N ILE C 79 16.85 0.00 -22.82
CA ILE C 79 16.23 -1.29 -22.55
C ILE C 79 16.67 -2.31 -23.60
N ILE C 80 17.29 -3.39 -23.14
CA ILE C 80 17.69 -4.52 -23.97
C ILE C 80 16.72 -5.66 -23.63
N PRO C 81 16.59 -6.71 -24.45
CA PRO C 81 15.61 -7.76 -24.15
C PRO C 81 15.88 -8.55 -22.87
N ARG C 82 17.12 -8.57 -22.38
CA ARG C 82 17.43 -9.26 -21.12
C ARG C 82 16.68 -8.63 -19.95
N HIS C 83 16.47 -7.32 -20.00
CA HIS C 83 15.73 -6.65 -18.94
C HIS C 83 14.26 -7.04 -18.97
N LEU C 84 13.68 -7.19 -20.17
CA LEU C 84 12.31 -7.66 -20.28
C LEU C 84 12.18 -9.10 -19.82
N GLN C 85 13.19 -9.94 -20.13
CA GLN C 85 13.20 -11.33 -19.67
C GLN C 85 13.19 -11.41 -18.16
N LEU C 86 14.03 -10.60 -17.51
CA LEU C 86 14.08 -10.61 -16.04
C LEU C 86 12.81 -10.03 -15.43
N ALA C 87 12.25 -8.98 -16.03
CA ALA C 87 11.05 -8.38 -15.47
C ALA C 87 9.83 -9.26 -15.67
N ILE C 88 9.83 -10.12 -16.68
CA ILE C 88 8.78 -11.12 -16.79
C ILE C 88 8.99 -12.23 -15.77
N ARG C 89 10.19 -12.81 -15.72
CA ARG C 89 10.37 -14.03 -14.96
C ARG C 89 10.44 -13.82 -13.45
N ASN C 90 10.85 -12.63 -12.98
CA ASN C 90 10.90 -12.43 -11.53
C ASN C 90 9.51 -12.19 -10.94
N ASP C 91 8.65 -11.47 -11.66
CA ASP C 91 7.30 -11.24 -11.16
C ASP C 91 6.48 -12.51 -11.28
N GLU C 92 5.58 -12.71 -10.30
CA GLU C 92 4.83 -13.96 -10.22
C GLU C 92 3.68 -13.99 -11.20
N GLU C 93 2.87 -12.93 -11.22
CA GLU C 93 1.63 -12.95 -11.99
C GLU C 93 1.87 -12.82 -13.48
N LEU C 94 2.91 -12.09 -13.88
CA LEU C 94 3.27 -12.07 -15.29
C LEU C 94 3.87 -13.39 -15.73
N ASN C 95 4.57 -14.08 -14.83
CA ASN C 95 5.02 -15.44 -15.14
C ASN C 95 3.84 -16.38 -15.28
N LYS C 96 2.75 -16.13 -14.56
CA LYS C 96 1.52 -16.88 -14.78
C LYS C 96 0.95 -16.55 -16.15
N LEU C 97 1.04 -15.28 -16.57
CA LEU C 97 0.46 -14.90 -17.85
C LEU C 97 1.34 -15.32 -19.02
N LEU C 98 2.60 -14.94 -19.02
CA LEU C 98 3.50 -15.19 -20.14
C LEU C 98 4.31 -16.47 -19.90
N GLY C 99 3.58 -17.56 -19.72
CA GLY C 99 4.23 -18.83 -19.42
C GLY C 99 4.88 -19.48 -20.62
N ARG C 100 4.11 -19.68 -21.68
CA ARG C 100 4.60 -20.36 -22.88
C ARG C 100 5.08 -19.34 -23.92
N VAL C 101 6.03 -18.51 -23.52
CA VAL C 101 6.61 -17.50 -24.41
C VAL C 101 8.11 -17.50 -24.21
N THR C 102 8.86 -17.68 -25.28
CA THR C 102 10.31 -17.57 -25.27
C THR C 102 10.69 -16.22 -25.85
N ILE C 103 11.09 -15.29 -24.99
CA ILE C 103 11.55 -13.98 -25.44
C ILE C 103 12.83 -14.14 -26.23
N ALA C 104 12.88 -13.54 -27.41
CA ALA C 104 14.07 -13.62 -28.24
C ALA C 104 15.23 -12.87 -27.61
N GLN C 105 16.44 -13.41 -27.82
CA GLN C 105 17.70 -12.88 -27.29
C GLN C 105 17.69 -12.76 -25.77
N GLY C 106 16.99 -13.68 -25.10
CA GLY C 106 16.63 -13.47 -23.72
C GLY C 106 17.55 -14.09 -22.68
N GLY C 107 17.93 -15.34 -22.87
CA GLY C 107 18.65 -16.03 -21.83
C GLY C 107 17.71 -16.47 -20.72
N VAL C 108 18.32 -16.90 -19.60
CA VAL C 108 17.57 -17.48 -18.49
C VAL C 108 17.93 -16.73 -17.21
N LEU C 109 17.14 -17.00 -16.17
CA LEU C 109 17.39 -16.48 -14.83
C LEU C 109 18.67 -17.06 -14.25
N PRO C 110 19.30 -16.37 -13.31
CA PRO C 110 20.36 -17.02 -12.52
C PRO C 110 19.76 -18.02 -11.54
N ASN C 111 19.90 -19.30 -11.85
CA ASN C 111 19.25 -20.37 -11.09
C ASN C 111 20.26 -21.49 -10.91
N ILE C 112 20.67 -21.72 -9.67
CA ILE C 112 21.68 -22.73 -9.34
C ILE C 112 21.07 -23.68 -8.32
N GLN C 113 21.22 -24.98 -8.55
CA GLN C 113 20.88 -26.07 -7.63
C GLN C 113 19.39 -26.11 -7.27
N ARG D 34 3.55 2.39 -44.80
CA ARG D 34 2.40 1.70 -45.35
C ARG D 34 2.09 0.44 -44.56
N LYS D 35 3.04 0.03 -43.73
CA LYS D 35 2.91 -1.15 -42.87
C LYS D 35 3.02 -0.68 -41.43
N GLU D 36 1.89 -0.57 -40.75
CA GLU D 36 1.85 0.11 -39.47
C GLU D 36 2.38 -0.79 -38.35
N SER D 37 2.58 -0.18 -37.18
CA SER D 37 3.09 -0.86 -36.00
C SER D 37 2.64 -0.06 -34.78
N TYR D 38 3.14 -0.45 -33.62
CA TYR D 38 2.77 0.15 -32.35
C TYR D 38 3.98 0.72 -31.62
N SER D 39 4.95 1.25 -32.37
CA SER D 39 6.18 1.69 -31.72
C SER D 39 6.00 3.05 -31.05
N VAL D 40 5.29 3.96 -31.71
CA VAL D 40 5.17 5.34 -31.25
C VAL D 40 4.41 5.40 -29.93
N TYR D 41 3.39 4.54 -29.80
CA TYR D 41 2.55 4.60 -28.61
C TYR D 41 3.27 4.01 -27.39
N VAL D 42 4.03 2.93 -27.59
CA VAL D 42 4.84 2.37 -26.53
C VAL D 42 5.91 3.35 -26.12
N TYR D 43 6.46 4.10 -27.09
CA TYR D 43 7.44 5.12 -26.77
C TYR D 43 6.83 6.26 -25.95
N LYS D 44 5.58 6.63 -26.26
CA LYS D 44 4.91 7.67 -25.48
C LYS D 44 4.60 7.22 -24.06
N VAL D 45 4.19 5.96 -23.89
CA VAL D 45 3.92 5.44 -22.55
C VAL D 45 5.20 5.34 -21.74
N LEU D 46 6.31 4.97 -22.40
CA LEU D 46 7.59 4.87 -21.71
C LEU D 46 8.10 6.25 -21.30
N LYS D 47 7.94 7.26 -22.17
CA LYS D 47 8.31 8.61 -21.76
C LYS D 47 7.34 9.21 -20.76
N GLN D 48 6.14 8.65 -20.64
CA GLN D 48 5.24 9.09 -19.58
C GLN D 48 5.67 8.56 -18.22
N VAL D 49 5.81 7.23 -18.09
CA VAL D 49 6.08 6.64 -16.79
C VAL D 49 7.57 6.59 -16.45
N HIS D 50 8.43 7.12 -17.31
CA HIS D 50 9.86 7.21 -17.05
C HIS D 50 10.41 8.45 -17.73
N PRO D 51 11.33 9.18 -17.09
CA PRO D 51 11.77 10.46 -17.63
C PRO D 51 12.58 10.37 -18.90
N ASP D 52 13.65 9.56 -18.90
CA ASP D 52 14.55 9.54 -20.05
C ASP D 52 15.07 8.15 -20.38
N THR D 53 14.39 7.10 -19.96
CA THR D 53 14.86 5.75 -20.20
C THR D 53 14.64 5.37 -21.65
N GLY D 54 15.72 5.30 -22.42
CA GLY D 54 15.61 4.94 -23.82
C GLY D 54 15.33 3.47 -24.01
N ILE D 55 14.88 3.13 -25.22
CA ILE D 55 14.54 1.76 -25.59
C ILE D 55 15.12 1.48 -26.97
N SER D 56 15.75 0.31 -27.10
CA SER D 56 16.43 -0.01 -28.35
C SER D 56 15.40 -0.34 -29.43
N SER D 57 15.88 -0.37 -30.68
CA SER D 57 14.99 -0.66 -31.80
C SER D 57 14.70 -2.14 -31.95
N LYS D 58 15.35 -3.01 -31.18
CA LYS D 58 15.01 -4.42 -31.24
C LYS D 58 13.98 -4.79 -30.18
N ALA D 59 14.17 -4.30 -28.95
CA ALA D 59 13.25 -4.63 -27.86
C ALA D 59 11.88 -4.04 -28.08
N MET D 60 11.81 -2.87 -28.73
CA MET D 60 10.54 -2.31 -29.19
C MET D 60 9.78 -3.27 -30.08
N GLY D 61 10.51 -4.00 -30.93
CA GLY D 61 9.89 -5.04 -31.75
C GLY D 61 9.22 -6.11 -30.92
N ILE D 62 9.83 -6.48 -29.78
CA ILE D 62 9.22 -7.40 -28.84
C ILE D 62 7.88 -6.87 -28.36
N MET D 63 7.82 -5.57 -28.06
CA MET D 63 6.59 -4.97 -27.61
C MET D 63 5.50 -5.02 -28.68
N ASN D 64 5.90 -4.92 -29.96
CA ASN D 64 4.94 -5.12 -31.04
C ASN D 64 4.36 -6.51 -30.97
N SER D 65 5.23 -7.52 -30.91
CA SER D 65 4.73 -8.89 -30.83
C SER D 65 4.18 -9.21 -29.45
N PHE D 66 4.29 -8.31 -28.48
CA PHE D 66 3.47 -8.51 -27.31
C PHE D 66 2.05 -8.05 -27.57
N VAL D 67 1.89 -6.83 -28.07
CA VAL D 67 0.58 -6.20 -28.03
C VAL D 67 -0.13 -6.31 -29.38
N ASN D 68 0.45 -7.05 -30.32
CA ASN D 68 -0.32 -7.69 -31.38
C ASN D 68 -0.69 -9.12 -31.00
N ASP D 69 -0.47 -9.50 -29.76
CA ASP D 69 -0.76 -10.84 -29.28
C ASP D 69 -1.86 -10.88 -28.23
N ILE D 70 -1.76 -10.01 -27.22
CA ILE D 70 -2.80 -9.92 -26.19
C ILE D 70 -4.11 -9.48 -26.81
N PHE D 71 -4.05 -8.52 -27.73
CA PHE D 71 -5.21 -8.14 -28.53
C PHE D 71 -5.74 -9.30 -29.36
N GLU D 72 -4.87 -10.23 -29.76
CA GLU D 72 -5.38 -11.41 -30.45
C GLU D 72 -6.09 -12.35 -29.49
N ARG D 73 -5.66 -12.39 -28.22
CA ARG D 73 -6.33 -13.27 -27.28
C ARG D 73 -7.68 -12.71 -26.87
N ILE D 74 -7.68 -11.55 -26.22
CA ILE D 74 -8.87 -10.99 -25.57
C ILE D 74 -9.96 -10.71 -26.60
N ALA D 75 -9.64 -9.88 -27.58
CA ALA D 75 -10.58 -9.61 -28.66
C ALA D 75 -10.78 -10.79 -29.60
N GLY D 76 -10.05 -11.88 -29.41
CA GLY D 76 -10.45 -13.13 -30.02
C GLY D 76 -11.43 -13.83 -29.12
N GLU D 77 -11.05 -13.99 -27.85
CA GLU D 77 -11.78 -14.87 -26.95
C GLU D 77 -13.15 -14.31 -26.58
N ALA D 78 -13.25 -12.98 -26.47
CA ALA D 78 -14.55 -12.36 -26.23
C ALA D 78 -15.49 -12.58 -27.40
N SER D 79 -14.96 -12.72 -28.62
CA SER D 79 -15.76 -13.11 -29.77
C SER D 79 -16.44 -14.45 -29.55
N ARG D 80 -15.75 -15.37 -28.87
CA ARG D 80 -16.34 -16.65 -28.51
C ARG D 80 -17.52 -16.47 -27.58
N LEU D 81 -17.46 -15.50 -26.68
CA LEU D 81 -18.59 -15.24 -25.82
C LEU D 81 -19.71 -14.50 -26.53
N ALA D 82 -19.50 -14.06 -27.76
CA ALA D 82 -20.61 -13.60 -28.58
C ALA D 82 -21.29 -14.75 -29.31
N HIS D 83 -20.77 -15.96 -29.18
CA HIS D 83 -21.29 -17.12 -29.88
C HIS D 83 -21.96 -18.12 -28.97
N TYR D 84 -21.53 -18.23 -27.71
CA TYR D 84 -22.14 -19.15 -26.78
C TYR D 84 -23.49 -18.65 -26.29
N ASN D 85 -23.65 -17.34 -26.19
CA ASN D 85 -24.89 -16.74 -25.72
C ASN D 85 -25.81 -16.36 -26.85
N LYS D 86 -25.41 -16.68 -28.10
CA LYS D 86 -26.19 -16.46 -29.32
C LYS D 86 -26.51 -14.98 -29.50
N ARG D 87 -25.46 -14.20 -29.59
CA ARG D 87 -25.50 -12.76 -29.80
C ARG D 87 -24.80 -12.42 -31.10
N SER D 88 -24.66 -11.14 -31.36
CA SER D 88 -23.89 -10.70 -32.51
C SER D 88 -23.06 -9.45 -32.25
N THR D 89 -23.04 -8.93 -31.04
CA THR D 89 -22.31 -7.71 -30.72
C THR D 89 -21.15 -7.99 -29.78
N ILE D 90 -20.24 -7.04 -29.70
CA ILE D 90 -19.16 -7.03 -28.70
C ILE D 90 -19.26 -5.69 -27.98
N THR D 91 -19.86 -5.70 -26.81
CA THR D 91 -19.95 -4.51 -25.99
C THR D 91 -18.82 -4.49 -24.99
N SER D 92 -18.86 -3.56 -24.04
CA SER D 92 -17.81 -3.48 -23.04
C SER D 92 -17.89 -4.63 -22.04
N ARG D 93 -19.07 -5.21 -21.86
CA ARG D 93 -19.26 -6.24 -20.85
C ARG D 93 -18.56 -7.54 -21.27
N GLU D 94 -18.56 -7.85 -22.56
CA GLU D 94 -17.89 -9.05 -23.02
C GLU D 94 -16.38 -8.92 -22.93
N ILE D 95 -15.84 -7.72 -23.22
CA ILE D 95 -14.42 -7.48 -23.05
C ILE D 95 -14.04 -7.52 -21.58
N GLN D 96 -14.95 -7.06 -20.70
CA GLN D 96 -14.71 -7.13 -19.27
C GLN D 96 -14.61 -8.56 -18.79
N THR D 97 -15.50 -9.43 -19.25
CA THR D 97 -15.42 -10.84 -18.86
C THR D 97 -14.21 -11.53 -19.48
N ALA D 98 -13.81 -11.12 -20.70
CA ALA D 98 -12.60 -11.70 -21.28
C ALA D 98 -11.36 -11.30 -20.52
N VAL D 99 -11.34 -10.09 -19.96
CA VAL D 99 -10.21 -9.69 -19.12
C VAL D 99 -10.25 -10.42 -17.78
N ARG D 100 -11.47 -10.67 -17.26
CA ARG D 100 -11.59 -11.49 -16.05
C ARG D 100 -11.10 -12.91 -16.27
N LEU D 101 -11.20 -13.42 -17.49
CA LEU D 101 -10.71 -14.78 -17.75
C LEU D 101 -9.21 -14.82 -18.07
N LEU D 102 -8.76 -13.97 -18.99
CA LEU D 102 -7.42 -14.11 -19.56
C LEU D 102 -6.30 -13.59 -18.66
N LEU D 103 -6.59 -13.10 -17.46
CA LEU D 103 -5.52 -12.58 -16.63
C LEU D 103 -5.57 -13.22 -15.26
N PRO D 104 -4.41 -13.40 -14.61
CA PRO D 104 -4.41 -13.84 -13.21
C PRO D 104 -4.91 -12.72 -12.30
N GLY D 105 -5.14 -13.09 -11.04
CA GLY D 105 -5.97 -12.35 -10.09
C GLY D 105 -5.76 -10.85 -9.88
N GLU D 106 -4.62 -10.46 -9.32
CA GLU D 106 -4.43 -9.06 -8.94
C GLU D 106 -4.30 -8.17 -10.17
N LEU D 107 -3.64 -8.67 -11.21
CA LEU D 107 -3.50 -7.92 -12.44
C LEU D 107 -4.86 -7.73 -13.12
N ALA D 108 -5.72 -8.75 -13.04
CA ALA D 108 -7.07 -8.64 -13.58
C ALA D 108 -7.90 -7.64 -12.79
N LYS D 109 -7.73 -7.62 -11.46
CA LYS D 109 -8.48 -6.68 -10.63
C LYS D 109 -8.07 -5.24 -10.93
N HIS D 110 -6.77 -4.99 -11.09
CA HIS D 110 -6.33 -3.65 -11.44
C HIS D 110 -6.77 -3.26 -12.85
N ALA D 111 -6.78 -4.21 -13.78
CA ALA D 111 -7.19 -3.90 -15.15
C ALA D 111 -8.68 -3.60 -15.24
N VAL D 112 -9.52 -4.37 -14.55
CA VAL D 112 -10.95 -4.10 -14.59
C VAL D 112 -11.27 -2.83 -13.80
N SER D 113 -10.45 -2.49 -12.80
CA SER D 113 -10.67 -1.24 -12.10
C SER D 113 -10.26 -0.03 -12.93
N GLU D 114 -9.29 -0.21 -13.82
CA GLU D 114 -8.83 0.91 -14.64
C GLU D 114 -9.69 1.11 -15.88
N GLY D 115 -10.23 0.02 -16.45
CA GLY D 115 -10.94 0.13 -17.71
C GLY D 115 -12.27 0.86 -17.58
N THR D 116 -13.05 0.56 -16.54
CA THR D 116 -14.29 1.28 -16.34
C THR D 116 -14.04 2.73 -15.96
N LYS D 117 -12.91 2.99 -15.29
CA LYS D 117 -12.49 4.36 -15.03
C LYS D 117 -12.20 5.10 -16.33
N ALA D 118 -11.70 4.40 -17.35
CA ALA D 118 -11.54 5.04 -18.66
C ALA D 118 -12.90 5.24 -19.34
N VAL D 119 -13.79 4.25 -19.25
CA VAL D 119 -15.07 4.32 -19.94
C VAL D 119 -15.98 5.41 -19.39
N THR D 120 -16.00 5.60 -18.06
CA THR D 120 -16.88 6.59 -17.46
C THR D 120 -16.49 8.01 -17.84
N LYS D 121 -15.21 8.28 -18.03
CA LYS D 121 -14.81 9.60 -18.50
C LYS D 121 -14.81 9.66 -20.03
N TYR D 122 -15.02 8.52 -20.69
CA TYR D 122 -15.34 8.59 -22.11
C TYR D 122 -16.81 8.90 -22.37
N THR D 123 -17.72 8.47 -21.51
CA THR D 123 -19.14 8.60 -21.79
C THR D 123 -19.60 10.05 -21.70
N SER D 124 -19.27 10.74 -20.61
CA SER D 124 -19.54 12.17 -20.48
C SER D 124 -18.49 12.96 -21.23
N SER D 125 -18.59 12.93 -22.55
CA SER D 125 -17.60 13.54 -23.44
C SER D 125 -17.63 15.05 -23.37
N GLN E 45 37.33 -26.79 -9.68
CA GLN E 45 36.10 -26.04 -9.93
C GLN E 45 35.88 -25.82 -11.42
N GLY E 46 35.94 -24.57 -11.85
CA GLY E 46 35.74 -24.24 -13.26
C GLY E 46 34.31 -24.15 -13.72
N TRP E 47 33.51 -25.18 -13.44
CA TRP E 47 32.10 -25.18 -13.84
C TRP E 47 31.30 -24.13 -13.09
N LEU E 48 31.71 -23.81 -11.86
CA LEU E 48 30.99 -22.81 -11.08
C LEU E 48 31.18 -21.42 -11.66
N LYS E 49 32.29 -21.19 -12.37
CA LYS E 49 32.45 -19.94 -13.09
C LYS E 49 31.69 -19.96 -14.41
N GLU E 50 31.61 -21.12 -15.07
CA GLU E 50 30.98 -21.19 -16.37
C GLU E 50 29.46 -21.07 -16.28
N ILE E 51 28.86 -21.57 -15.20
CA ILE E 51 27.42 -21.40 -15.02
C ILE E 51 27.10 -19.94 -14.74
N ARG E 52 27.96 -19.26 -13.98
CA ARG E 52 27.77 -17.84 -13.72
C ARG E 52 27.99 -17.01 -14.99
N LYS E 53 28.90 -17.44 -15.85
CA LYS E 53 29.18 -16.68 -17.06
C LYS E 53 28.10 -16.86 -18.12
N LEU E 54 27.73 -18.11 -18.40
CA LEU E 54 26.81 -18.37 -19.51
C LEU E 54 25.38 -17.96 -19.19
N GLN E 55 25.01 -17.90 -17.91
CA GLN E 55 23.69 -17.40 -17.55
C GLN E 55 23.62 -15.89 -17.53
N LYS E 56 24.74 -15.20 -17.69
CA LYS E 56 24.73 -13.75 -17.73
C LYS E 56 24.53 -13.22 -19.15
N SER E 57 25.37 -13.65 -20.08
CA SER E 57 25.25 -13.15 -21.45
C SER E 57 24.11 -13.85 -22.17
N THR E 58 23.70 -13.25 -23.28
CA THR E 58 22.54 -13.68 -24.06
C THR E 58 22.91 -13.92 -25.52
N HIS E 59 23.99 -14.64 -25.74
CA HIS E 59 24.49 -14.87 -27.09
C HIS E 59 23.73 -16.01 -27.76
N LEU E 60 24.25 -16.46 -28.89
CA LEU E 60 23.79 -17.67 -29.56
C LEU E 60 24.80 -18.76 -29.28
N LEU E 61 24.36 -19.83 -28.62
CA LEU E 61 25.28 -20.88 -28.23
C LEU E 61 25.57 -21.88 -29.34
N ILE E 62 24.90 -21.76 -30.48
CA ILE E 62 25.10 -22.65 -31.62
C ILE E 62 25.57 -21.80 -32.80
N ARG E 63 26.58 -22.30 -33.51
CA ARG E 63 27.13 -21.59 -34.66
C ARG E 63 26.10 -21.53 -35.80
N LYS E 64 26.29 -20.55 -36.69
CA LYS E 64 25.26 -20.21 -37.67
C LYS E 64 25.18 -21.21 -38.81
N LEU E 65 26.27 -21.35 -39.57
CA LEU E 65 26.23 -22.15 -40.79
C LEU E 65 25.98 -23.65 -40.64
N PRO E 66 26.48 -24.37 -39.61
CA PRO E 66 26.02 -25.76 -39.45
C PRO E 66 24.54 -25.88 -39.16
N PHE E 67 23.98 -24.97 -38.36
CA PHE E 67 22.55 -25.01 -38.11
C PHE E 67 21.76 -24.67 -39.36
N SER E 68 22.28 -23.76 -40.17
CA SER E 68 21.60 -23.41 -41.42
C SER E 68 21.64 -24.56 -42.42
N ARG E 69 22.78 -25.26 -42.50
CA ARG E 69 22.87 -26.40 -43.40
C ARG E 69 22.00 -27.56 -42.92
N LEU E 70 21.84 -27.72 -41.61
CA LEU E 70 20.93 -28.73 -41.09
C LEU E 70 19.48 -28.40 -41.41
N ALA E 71 19.09 -27.13 -41.24
CA ALA E 71 17.73 -26.72 -41.54
C ALA E 71 17.42 -26.86 -43.03
N ARG E 72 18.40 -26.55 -43.89
CA ARG E 72 18.19 -26.72 -45.32
C ARG E 72 18.12 -28.20 -45.70
N GLU E 73 18.91 -29.05 -45.03
CA GLU E 73 18.84 -30.49 -45.30
C GLU E 73 17.49 -31.07 -44.92
N ILE E 74 16.92 -30.62 -43.81
CA ILE E 74 15.59 -31.08 -43.42
C ILE E 74 14.54 -30.54 -44.38
N CYS E 75 14.70 -29.29 -44.84
CA CYS E 75 13.71 -28.70 -45.73
C CYS E 75 13.74 -29.33 -47.14
N VAL E 76 14.89 -29.89 -47.55
CA VAL E 76 14.95 -30.53 -48.86
C VAL E 76 14.10 -31.80 -48.90
N LYS E 77 14.09 -32.58 -47.81
CA LYS E 77 13.43 -33.87 -47.78
C LYS E 77 11.91 -33.79 -47.89
N PHE E 78 11.31 -32.63 -47.64
CA PHE E 78 9.88 -32.43 -47.76
C PHE E 78 9.58 -31.68 -49.05
N THR E 79 8.67 -32.23 -49.86
CA THR E 79 8.21 -31.68 -51.13
C THR E 79 9.39 -31.43 -52.08
N ARG E 80 9.96 -32.55 -52.53
CA ARG E 80 11.27 -32.61 -53.17
C ARG E 80 11.30 -31.87 -54.51
N GLY E 81 12.49 -31.86 -55.09
CA GLY E 81 12.69 -31.28 -56.40
C GLY E 81 13.06 -29.83 -56.33
N VAL E 82 12.13 -29.00 -55.88
CA VAL E 82 12.39 -27.57 -55.78
C VAL E 82 13.27 -27.29 -54.58
N ASP E 83 14.03 -26.21 -54.67
CA ASP E 83 14.72 -25.68 -53.51
C ASP E 83 13.76 -24.79 -52.72
N PHE E 84 14.24 -24.22 -51.62
CA PHE E 84 13.44 -23.29 -50.86
C PHE E 84 14.31 -22.16 -50.37
N ASN E 85 13.94 -20.94 -50.75
CA ASN E 85 14.59 -19.75 -50.24
C ASN E 85 14.27 -19.57 -48.77
N TRP E 86 15.25 -19.09 -48.02
CA TRP E 86 15.11 -18.73 -46.62
C TRP E 86 15.51 -17.28 -46.46
N GLN E 87 14.64 -16.49 -45.82
CA GLN E 87 15.09 -15.17 -45.41
C GLN E 87 16.09 -15.31 -44.29
N ALA E 88 16.99 -14.32 -44.18
CA ALA E 88 18.09 -14.40 -43.23
C ALA E 88 17.63 -14.20 -41.81
N GLN E 89 16.42 -13.70 -41.59
CA GLN E 89 15.89 -13.54 -40.25
C GLN E 89 15.15 -14.79 -39.77
N ALA E 90 14.64 -15.60 -40.71
CA ALA E 90 13.85 -16.77 -40.34
C ALA E 90 14.72 -17.86 -39.73
N LEU E 91 15.92 -18.05 -40.26
CA LEU E 91 16.82 -19.02 -39.67
C LEU E 91 17.27 -18.60 -38.27
N LEU E 92 17.46 -17.30 -38.06
CA LEU E 92 17.75 -16.80 -36.72
C LEU E 92 16.58 -17.02 -35.78
N ALA E 93 15.36 -16.89 -36.30
CA ALA E 93 14.16 -17.12 -35.49
C ALA E 93 14.06 -18.57 -35.06
N LEU E 94 14.26 -19.49 -36.00
CA LEU E 94 14.20 -20.91 -35.68
C LEU E 94 15.35 -21.33 -34.77
N GLN E 95 16.51 -20.68 -34.90
CA GLN E 95 17.63 -20.99 -34.02
C GLN E 95 17.37 -20.53 -32.60
N GLU E 96 16.74 -19.35 -32.44
CA GLU E 96 16.40 -18.90 -31.09
C GLU E 96 15.36 -19.79 -30.45
N ALA E 97 14.37 -20.26 -31.23
CA ALA E 97 13.38 -21.17 -30.69
C ALA E 97 14.00 -22.51 -30.28
N ALA E 98 14.91 -23.04 -31.11
CA ALA E 98 15.53 -24.32 -30.79
C ALA E 98 16.45 -24.22 -29.59
N GLU E 99 17.19 -23.11 -29.46
CA GLU E 99 18.04 -22.95 -28.28
C GLU E 99 17.24 -22.79 -27.01
N ALA E 100 16.14 -22.02 -27.05
CA ALA E 100 15.31 -21.86 -25.86
C ALA E 100 14.63 -23.17 -25.48
N PHE E 101 14.21 -23.95 -26.47
CA PHE E 101 13.61 -25.25 -26.19
C PHE E 101 14.60 -26.23 -25.58
N LEU E 102 15.83 -26.29 -26.10
CA LEU E 102 16.79 -27.25 -25.56
C LEU E 102 17.27 -26.85 -24.17
N VAL E 103 17.45 -25.55 -23.93
CA VAL E 103 17.86 -25.11 -22.59
C VAL E 103 16.77 -25.38 -21.57
N HIS E 104 15.50 -25.13 -21.96
CA HIS E 104 14.39 -25.44 -21.06
C HIS E 104 14.25 -26.94 -20.83
N LEU E 105 14.56 -27.75 -21.85
CA LEU E 105 14.49 -29.21 -21.69
C LEU E 105 15.57 -29.72 -20.74
N PHE E 106 16.80 -29.24 -20.87
CA PHE E 106 17.84 -29.71 -19.94
C PHE E 106 17.61 -29.20 -18.53
N GLU E 107 17.14 -27.96 -18.39
CA GLU E 107 16.87 -27.44 -17.04
C GLU E 107 15.67 -28.14 -16.40
N ASP E 108 14.73 -28.63 -17.22
CA ASP E 108 13.62 -29.37 -16.65
C ASP E 108 14.01 -30.81 -16.33
N ALA E 109 14.84 -31.42 -17.18
CA ALA E 109 15.25 -32.80 -16.97
C ALA E 109 16.32 -32.96 -15.91
N TYR E 110 16.98 -31.87 -15.52
CA TYR E 110 18.00 -32.00 -14.48
C TYR E 110 17.37 -32.29 -13.12
N LEU E 111 16.13 -31.84 -12.88
CA LEU E 111 15.47 -32.05 -11.60
C LEU E 111 15.10 -33.50 -11.34
N LEU E 112 15.26 -34.39 -12.30
CA LEU E 112 15.09 -35.81 -12.06
C LEU E 112 16.42 -36.53 -11.88
N THR E 113 17.48 -35.78 -11.58
CA THR E 113 18.75 -36.36 -11.17
C THR E 113 19.13 -35.97 -9.75
N LEU E 114 18.70 -34.81 -9.28
CA LEU E 114 18.79 -34.51 -7.86
C LEU E 114 17.76 -35.32 -7.09
N HIS E 115 16.66 -35.70 -7.74
CA HIS E 115 15.61 -36.44 -7.08
C HIS E 115 16.00 -37.87 -6.80
N ALA E 116 16.83 -38.46 -7.67
CA ALA E 116 17.30 -39.83 -7.48
C ALA E 116 18.56 -39.90 -6.66
N GLY E 117 19.02 -38.78 -6.11
CA GLY E 117 20.27 -38.74 -5.37
C GLY E 117 21.51 -38.58 -6.22
N ARG E 118 21.40 -38.72 -7.53
CA ARG E 118 22.55 -38.61 -8.40
C ARG E 118 22.97 -37.17 -8.58
N VAL E 119 23.98 -36.95 -9.41
CA VAL E 119 24.41 -35.61 -9.76
C VAL E 119 24.31 -35.49 -11.29
N THR E 120 24.47 -36.62 -11.96
CA THR E 120 24.71 -36.66 -13.40
C THR E 120 23.45 -37.01 -14.17
N LEU E 121 23.25 -36.35 -15.32
CA LEU E 121 22.17 -36.71 -16.23
C LEU E 121 22.38 -38.10 -16.84
N PHE E 122 21.31 -38.60 -17.46
CA PHE E 122 21.32 -39.85 -18.21
C PHE E 122 20.25 -39.72 -19.29
N PRO E 123 20.35 -40.52 -20.36
CA PRO E 123 19.27 -40.52 -21.36
C PRO E 123 17.94 -41.02 -20.82
N LYS E 124 17.96 -41.81 -19.75
CA LYS E 124 16.73 -42.18 -19.05
C LYS E 124 16.03 -40.94 -18.51
N ASP E 125 16.80 -39.96 -18.05
CA ASP E 125 16.24 -38.74 -17.48
C ASP E 125 15.55 -37.92 -18.56
N VAL E 126 16.18 -37.78 -19.73
CA VAL E 126 15.63 -36.98 -20.81
C VAL E 126 14.40 -37.66 -21.41
N GLN E 127 14.47 -38.98 -21.60
CA GLN E 127 13.31 -39.70 -22.13
C GLN E 127 12.15 -39.71 -21.15
N LEU E 128 12.43 -39.76 -19.84
CA LEU E 128 11.35 -39.66 -18.87
C LEU E 128 10.79 -38.25 -18.81
N ALA E 129 11.63 -37.23 -18.99
CA ALA E 129 11.15 -35.86 -18.99
C ALA E 129 10.28 -35.57 -20.19
N ARG E 130 10.55 -36.20 -21.32
CA ARG E 130 9.62 -36.10 -22.43
C ARG E 130 8.39 -36.96 -22.24
N ARG E 131 8.52 -38.05 -21.49
CA ARG E 131 7.37 -38.92 -21.20
C ARG E 131 6.37 -38.22 -20.30
N ILE E 132 6.83 -37.37 -19.40
CA ILE E 132 5.93 -36.69 -18.46
C ILE E 132 5.05 -35.68 -19.19
N ARG E 133 5.63 -34.92 -20.12
CA ARG E 133 4.88 -33.84 -20.77
C ARG E 133 3.86 -34.39 -21.76
N GLY E 134 4.33 -35.11 -22.77
CA GLY E 134 3.44 -35.66 -23.79
C GLY E 134 3.77 -35.18 -25.18
N LEU E 135 5.02 -34.75 -25.39
CA LEU E 135 5.45 -34.17 -26.65
C LEU E 135 5.67 -35.23 -27.72
N ASP F 25 28.24 -35.57 -43.35
CA ASP F 25 27.77 -35.35 -41.99
C ASP F 25 26.44 -34.61 -41.95
N ASN F 26 26.54 -33.28 -41.86
CA ASN F 26 25.44 -32.33 -41.77
C ASN F 26 24.57 -32.54 -40.53
N ILE F 27 25.06 -33.29 -39.54
CA ILE F 27 24.47 -33.32 -38.21
C ILE F 27 25.51 -33.14 -37.12
N GLN F 28 26.79 -33.38 -37.41
CA GLN F 28 27.88 -33.24 -36.46
C GLN F 28 28.33 -31.80 -36.29
N GLY F 29 27.63 -30.84 -36.90
CA GLY F 29 27.89 -29.45 -36.60
C GLY F 29 27.48 -29.06 -35.20
N ILE F 30 26.51 -29.77 -34.63
CA ILE F 30 26.12 -29.58 -33.24
C ILE F 30 27.11 -30.39 -32.41
N THR F 31 28.25 -29.80 -32.10
CA THR F 31 29.37 -30.56 -31.56
C THR F 31 29.18 -30.80 -30.06
N LYS F 32 30.17 -31.46 -29.47
CA LYS F 32 30.16 -31.71 -28.02
C LYS F 32 30.20 -30.44 -27.17
N PRO F 33 31.07 -29.43 -27.40
CA PRO F 33 30.99 -28.24 -26.55
C PRO F 33 29.76 -27.40 -26.78
N ALA F 34 29.10 -27.52 -27.94
CA ALA F 34 27.83 -26.81 -28.15
C ALA F 34 26.76 -27.35 -27.21
N ILE F 35 26.58 -28.67 -27.17
CA ILE F 35 25.60 -29.27 -26.28
C ILE F 35 26.05 -29.10 -24.84
N ARG F 36 27.35 -29.05 -24.60
CA ARG F 36 27.85 -28.82 -23.25
C ARG F 36 27.49 -27.43 -22.75
N ARG F 37 27.62 -26.40 -23.60
CA ARG F 37 27.21 -25.07 -23.19
C ARG F 37 25.70 -24.96 -23.07
N LEU F 38 24.95 -25.67 -23.93
CA LEU F 38 23.50 -25.73 -23.77
C LEU F 38 23.09 -26.37 -22.46
N ALA F 39 23.89 -27.30 -21.95
CA ALA F 39 23.58 -27.88 -20.66
C ALA F 39 24.02 -26.98 -19.51
N ARG F 40 25.21 -26.37 -19.61
CA ARG F 40 25.71 -25.50 -18.55
C ARG F 40 24.88 -24.24 -18.39
N ARG F 41 24.17 -23.81 -19.43
CA ARG F 41 23.18 -22.77 -19.21
C ARG F 41 22.04 -23.28 -18.34
N GLY F 42 21.65 -24.53 -18.53
CA GLY F 42 20.52 -25.07 -17.80
C GLY F 42 20.76 -25.44 -16.36
N GLY F 43 21.95 -25.21 -15.82
CA GLY F 43 22.23 -25.53 -14.45
C GLY F 43 22.74 -26.93 -14.20
N VAL F 44 22.99 -27.69 -15.26
CA VAL F 44 23.48 -29.06 -15.10
C VAL F 44 24.92 -29.03 -14.63
N LYS F 45 25.19 -29.70 -13.51
CA LYS F 45 26.56 -29.73 -12.98
C LYS F 45 27.45 -30.68 -13.78
N ARG F 46 27.10 -31.96 -13.81
CA ARG F 46 27.97 -32.99 -14.36
C ARG F 46 27.20 -33.78 -15.40
N ILE F 47 27.78 -33.93 -16.58
CA ILE F 47 27.09 -34.47 -17.76
C ILE F 47 27.62 -35.84 -18.07
N SER F 48 26.74 -36.76 -18.45
CA SER F 48 27.17 -38.08 -18.89
C SER F 48 27.61 -38.03 -20.35
N GLY F 49 27.78 -39.20 -20.96
CA GLY F 49 28.35 -39.24 -22.30
C GLY F 49 27.37 -39.58 -23.40
N LEU F 50 26.32 -40.33 -23.07
CA LEU F 50 25.39 -40.76 -24.11
C LEU F 50 24.41 -39.67 -24.52
N ILE F 51 24.32 -38.61 -23.71
CA ILE F 51 23.42 -37.46 -23.96
C ILE F 51 23.66 -36.88 -25.34
N TYR F 52 24.95 -36.81 -25.72
CA TYR F 52 25.40 -36.25 -26.98
C TYR F 52 24.88 -37.00 -28.21
N GLU F 53 24.21 -38.14 -28.05
CA GLU F 53 23.45 -38.68 -29.16
C GLU F 53 21.97 -38.33 -29.06
N GLU F 54 21.37 -38.56 -27.89
CA GLU F 54 19.92 -38.48 -27.75
C GLU F 54 19.42 -37.06 -27.95
N THR F 55 20.18 -36.09 -27.44
CA THR F 55 19.88 -34.68 -27.65
C THR F 55 19.86 -34.34 -29.14
N ARG F 56 20.87 -34.83 -29.90
CA ARG F 56 20.86 -34.63 -31.33
C ARG F 56 19.63 -35.25 -31.95
N GLY F 57 19.27 -36.46 -31.47
CA GLY F 57 18.05 -37.11 -31.91
C GLY F 57 16.83 -36.27 -31.62
N VAL F 58 16.74 -35.73 -30.38
CA VAL F 58 15.53 -35.01 -30.06
C VAL F 58 15.53 -33.67 -30.77
N LEU F 59 16.73 -33.15 -31.09
CA LEU F 59 16.82 -31.92 -31.86
C LEU F 59 16.22 -32.11 -33.24
N LYS F 60 16.49 -33.26 -33.85
CA LYS F 60 15.92 -33.54 -35.16
C LYS F 60 14.41 -33.70 -35.06
N VAL F 61 13.94 -34.39 -34.02
CA VAL F 61 12.49 -34.61 -33.91
C VAL F 61 11.80 -33.37 -33.39
N PHE F 62 12.56 -32.34 -33.02
CA PHE F 62 11.93 -31.04 -32.87
C PHE F 62 11.78 -30.37 -34.23
N LEU F 63 12.90 -30.25 -34.97
CA LEU F 63 12.97 -29.28 -36.06
C LEU F 63 12.08 -29.67 -37.21
N GLU F 64 11.91 -30.98 -37.42
CA GLU F 64 10.99 -31.50 -38.43
C GLU F 64 9.57 -30.97 -38.21
N ASN F 65 9.10 -31.01 -36.95
CA ASN F 65 7.76 -30.51 -36.66
C ASN F 65 7.66 -29.00 -36.71
N VAL F 66 8.75 -28.29 -36.94
CA VAL F 66 8.67 -26.85 -37.15
C VAL F 66 8.77 -26.60 -38.64
N ILE F 67 9.48 -27.48 -39.37
CA ILE F 67 9.77 -27.20 -40.77
C ILE F 67 8.52 -27.37 -41.62
N ARG F 68 7.89 -28.55 -41.57
CA ARG F 68 6.77 -28.78 -42.47
C ARG F 68 5.55 -27.95 -42.07
N ASP F 69 5.35 -27.74 -40.76
CA ASP F 69 4.36 -26.80 -40.29
C ASP F 69 4.66 -25.36 -40.70
N ALA F 70 5.91 -25.05 -41.02
CA ALA F 70 6.19 -23.78 -41.68
C ALA F 70 5.83 -23.86 -43.17
N VAL F 71 6.34 -24.89 -43.85
CA VAL F 71 6.46 -24.80 -45.30
C VAL F 71 5.12 -24.98 -46.00
N THR F 72 4.12 -25.53 -45.29
CA THR F 72 2.76 -25.58 -45.81
C THR F 72 2.21 -24.19 -46.04
N TYR F 73 2.49 -23.26 -45.12
CA TYR F 73 2.14 -21.86 -45.35
C TYR F 73 2.88 -21.32 -46.56
N THR F 74 4.14 -21.73 -46.73
CA THR F 74 4.90 -21.33 -47.90
C THR F 74 4.33 -21.96 -49.16
N GLU F 75 3.74 -23.13 -49.05
CA GLU F 75 3.09 -23.68 -50.23
C GLU F 75 1.70 -23.11 -50.44
N HIS F 76 1.15 -22.39 -49.47
CA HIS F 76 -0.19 -21.85 -49.69
C HIS F 76 -0.12 -20.55 -50.48
N ALA F 77 0.51 -19.53 -49.90
CA ALA F 77 0.87 -18.34 -50.66
C ALA F 77 1.99 -18.72 -51.60
N LYS F 78 1.68 -18.80 -52.89
CA LYS F 78 2.51 -19.53 -53.86
C LYS F 78 3.81 -18.77 -54.11
N ARG F 79 4.74 -18.90 -53.18
CA ARG F 79 6.06 -18.32 -53.30
C ARG F 79 7.09 -19.34 -52.84
N LYS F 80 8.30 -19.20 -53.36
CA LYS F 80 9.39 -20.13 -53.07
C LYS F 80 10.22 -19.71 -51.88
N THR F 81 9.73 -18.79 -51.05
CA THR F 81 10.55 -18.18 -50.02
C THR F 81 9.86 -18.29 -48.67
N VAL F 82 10.56 -18.86 -47.70
CA VAL F 82 10.06 -18.98 -46.33
C VAL F 82 10.36 -17.68 -45.60
N THR F 83 9.32 -16.92 -45.28
CA THR F 83 9.55 -15.70 -44.53
C THR F 83 9.67 -16.02 -43.04
N ALA F 84 10.06 -15.01 -42.26
CA ALA F 84 10.17 -15.20 -40.83
C ALA F 84 8.82 -15.32 -40.17
N MET F 85 7.80 -14.67 -40.76
CA MET F 85 6.45 -14.76 -40.23
C MET F 85 5.90 -16.17 -40.35
N ASP F 86 6.35 -16.93 -41.35
CA ASP F 86 5.91 -18.31 -41.49
C ASP F 86 6.41 -19.17 -40.34
N VAL F 87 7.67 -18.97 -39.93
CA VAL F 87 8.20 -19.75 -38.83
C VAL F 87 7.56 -19.32 -37.51
N VAL F 88 7.28 -18.02 -37.37
CA VAL F 88 6.60 -17.55 -36.18
C VAL F 88 5.18 -18.12 -36.09
N TYR F 89 4.51 -18.24 -37.23
CA TYR F 89 3.16 -18.80 -37.24
C TYR F 89 3.18 -20.31 -37.01
N ALA F 90 4.21 -21.00 -37.48
CA ALA F 90 4.33 -22.43 -37.21
C ALA F 90 4.58 -22.69 -35.73
N LEU F 91 5.38 -21.85 -35.09
CA LEU F 91 5.59 -21.99 -33.65
C LEU F 91 4.38 -21.54 -32.86
N LYS F 92 3.61 -20.60 -33.40
CA LYS F 92 2.33 -20.21 -32.80
C LYS F 92 1.37 -21.38 -32.76
N ARG F 93 1.23 -22.07 -33.89
CA ARG F 93 0.34 -23.23 -33.93
C ARG F 93 0.90 -24.40 -33.13
N GLN F 94 2.23 -24.48 -33.00
CA GLN F 94 2.85 -25.59 -32.29
C GLN F 94 2.62 -25.49 -30.79
N GLY F 95 2.64 -24.28 -30.24
CA GLY F 95 2.39 -24.09 -28.83
C GLY F 95 3.34 -23.12 -28.16
N ARG F 96 4.57 -23.06 -28.65
CA ARG F 96 5.61 -22.22 -28.07
C ARG F 96 5.58 -20.88 -28.79
N THR F 97 4.89 -19.89 -28.21
CA THR F 97 4.75 -18.60 -28.86
C THR F 97 6.07 -17.84 -28.81
N LEU F 98 6.49 -17.32 -29.95
CA LEU F 98 7.74 -16.57 -30.07
C LEU F 98 7.42 -15.11 -30.27
N TYR F 99 8.13 -14.24 -29.55
CA TYR F 99 7.96 -12.81 -29.70
C TYR F 99 9.15 -12.22 -30.45
N GLY F 100 9.12 -10.90 -30.63
CA GLY F 100 10.25 -10.19 -31.17
C GLY F 100 10.37 -10.19 -32.67
N PHE F 101 10.42 -11.37 -33.27
CA PHE F 101 10.76 -11.49 -34.68
C PHE F 101 9.59 -11.25 -35.61
N GLY F 102 8.45 -10.88 -35.06
CA GLY F 102 7.32 -10.46 -35.87
C GLY F 102 7.54 -9.07 -36.44
N LYS G 16 -31.19 -35.18 -55.74
CA LYS G 16 -30.78 -33.85 -56.14
C LYS G 16 -30.13 -33.09 -54.98
N SER G 17 -30.12 -33.73 -53.81
CA SER G 17 -29.54 -33.10 -52.63
C SER G 17 -28.02 -33.11 -52.71
N ARG G 18 -27.39 -32.08 -52.12
CA ARG G 18 -25.94 -31.94 -52.21
C ARG G 18 -25.19 -32.99 -51.39
N SER G 19 -25.85 -33.65 -50.45
CA SER G 19 -25.23 -34.79 -49.81
C SER G 19 -25.13 -35.96 -50.77
N SER G 20 -26.24 -36.29 -51.45
CA SER G 20 -26.26 -37.41 -52.38
C SER G 20 -25.60 -37.09 -53.70
N ARG G 21 -25.47 -35.82 -54.05
CA ARG G 21 -24.86 -35.44 -55.32
C ARG G 21 -23.36 -35.74 -55.32
N ALA G 22 -22.70 -35.51 -54.18
CA ALA G 22 -21.29 -35.81 -54.03
C ALA G 22 -21.04 -37.23 -53.53
N GLY G 23 -22.08 -37.97 -53.19
CA GLY G 23 -21.90 -39.31 -52.68
C GLY G 23 -21.37 -39.36 -51.26
N LEU G 24 -21.89 -38.51 -50.39
CA LEU G 24 -21.48 -38.47 -49.00
C LEU G 24 -22.58 -38.99 -48.09
N GLN G 25 -22.33 -38.89 -46.80
CA GLN G 25 -23.31 -39.23 -45.78
C GLN G 25 -23.52 -38.13 -44.76
N PHE G 26 -22.46 -37.40 -44.41
CA PHE G 26 -22.62 -36.21 -43.61
C PHE G 26 -23.31 -35.10 -44.40
N PRO G 27 -24.09 -34.24 -43.75
CA PRO G 27 -24.80 -33.20 -44.49
C PRO G 27 -23.85 -32.13 -45.00
N VAL G 28 -24.29 -31.44 -46.03
CA VAL G 28 -23.51 -30.38 -46.64
C VAL G 28 -24.15 -29.01 -46.40
N GLY G 29 -25.48 -28.96 -46.41
CA GLY G 29 -26.16 -27.70 -46.12
C GLY G 29 -25.98 -27.23 -44.71
N ARG G 30 -25.90 -28.16 -43.76
CA ARG G 30 -25.73 -27.76 -42.36
C ARG G 30 -24.32 -27.25 -42.11
N VAL G 31 -23.33 -27.87 -42.75
CA VAL G 31 -21.94 -27.42 -42.63
C VAL G 31 -21.76 -26.05 -43.27
N HIS G 32 -22.43 -25.81 -44.40
CA HIS G 32 -22.38 -24.51 -45.03
C HIS G 32 -23.11 -23.46 -44.21
N ARG G 33 -24.18 -23.85 -43.51
CA ARG G 33 -24.86 -22.93 -42.62
C ARG G 33 -23.98 -22.58 -41.42
N LEU G 34 -23.22 -23.55 -40.92
CA LEU G 34 -22.34 -23.25 -39.80
C LEU G 34 -21.07 -22.54 -40.22
N LEU G 35 -20.71 -22.56 -41.52
CA LEU G 35 -19.61 -21.75 -41.98
C LEU G 35 -20.04 -20.33 -42.36
N ARG G 36 -21.31 -20.12 -42.69
CA ARG G 36 -21.77 -18.75 -42.86
C ARG G 36 -21.89 -18.04 -41.51
N LYS G 37 -22.61 -18.64 -40.57
CA LYS G 37 -22.89 -18.03 -39.28
C LYS G 37 -21.84 -18.34 -38.22
N GLY G 38 -20.62 -18.65 -38.63
CA GLY G 38 -19.60 -19.00 -37.66
C GLY G 38 -18.55 -17.93 -37.47
N ASN G 39 -18.66 -16.85 -38.25
CA ASN G 39 -17.71 -15.72 -38.26
C ASN G 39 -16.28 -16.19 -38.50
N TYR G 40 -16.07 -16.76 -39.69
CA TYR G 40 -14.79 -17.32 -40.08
C TYR G 40 -14.15 -16.60 -41.25
N ALA G 41 -14.95 -16.24 -42.26
CA ALA G 41 -14.52 -15.33 -43.30
C ALA G 41 -15.75 -14.65 -43.83
N GLU G 42 -15.54 -13.61 -44.64
CA GLU G 42 -16.67 -12.84 -45.12
C GLU G 42 -17.40 -13.56 -46.24
N ARG G 43 -16.70 -14.39 -47.00
CA ARG G 43 -17.28 -15.14 -48.10
C ARG G 43 -16.84 -16.60 -47.99
N VAL G 44 -17.76 -17.51 -48.29
CA VAL G 44 -17.50 -18.95 -48.22
C VAL G 44 -17.72 -19.55 -49.59
N GLY G 45 -16.71 -20.24 -50.10
CA GLY G 45 -16.81 -20.87 -51.40
C GLY G 45 -17.73 -22.08 -51.39
N ALA G 46 -17.91 -22.64 -52.58
CA ALA G 46 -18.76 -23.82 -52.72
C ALA G 46 -17.97 -25.12 -52.70
N GLY G 47 -16.68 -25.10 -53.03
CA GLY G 47 -15.89 -26.30 -53.04
C GLY G 47 -15.33 -26.70 -51.69
N ALA G 48 -15.41 -25.83 -50.69
CA ALA G 48 -14.90 -26.12 -49.36
C ALA G 48 -15.76 -27.05 -48.50
N PRO G 49 -17.08 -26.82 -48.29
CA PRO G 49 -17.78 -27.63 -47.28
C PRO G 49 -18.00 -29.08 -47.69
N VAL G 50 -18.02 -29.39 -48.98
CA VAL G 50 -18.06 -30.79 -49.40
C VAL G 50 -16.78 -31.51 -49.03
N TYR G 51 -15.64 -30.84 -49.18
CA TYR G 51 -14.35 -31.36 -48.75
C TYR G 51 -14.32 -31.55 -47.25
N LEU G 52 -14.91 -30.59 -46.52
CA LEU G 52 -14.92 -30.66 -45.07
C LEU G 52 -15.77 -31.81 -44.56
N ALA G 53 -16.95 -32.00 -45.15
CA ALA G 53 -17.82 -33.10 -44.75
C ALA G 53 -17.21 -34.45 -45.11
N ALA G 54 -16.46 -34.52 -46.21
CA ALA G 54 -15.78 -35.77 -46.56
C ALA G 54 -14.70 -36.11 -45.54
N VAL G 55 -13.93 -35.10 -45.09
CA VAL G 55 -12.89 -35.35 -44.11
C VAL G 55 -13.50 -35.78 -42.76
N LEU G 56 -14.61 -35.14 -42.37
CA LEU G 56 -15.28 -35.52 -41.12
C LEU G 56 -15.85 -36.93 -41.20
N GLU G 57 -16.39 -37.32 -42.36
CA GLU G 57 -16.90 -38.68 -42.53
C GLU G 57 -15.79 -39.70 -42.46
N TYR G 58 -14.62 -39.38 -43.03
CA TYR G 58 -13.50 -40.31 -42.94
C TYR G 58 -13.00 -40.48 -41.53
N LEU G 59 -12.95 -39.39 -40.75
CA LEU G 59 -12.51 -39.51 -39.36
C LEU G 59 -13.51 -40.28 -38.51
N THR G 60 -14.81 -40.07 -38.76
CA THR G 60 -15.83 -40.80 -38.02
C THR G 60 -15.77 -42.30 -38.31
N ALA G 61 -15.58 -42.66 -39.59
CA ALA G 61 -15.44 -44.08 -39.93
C ALA G 61 -14.16 -44.67 -39.34
N GLU G 62 -13.09 -43.87 -39.29
CA GLU G 62 -11.82 -44.32 -38.72
C GLU G 62 -11.96 -44.63 -37.23
N ILE G 63 -12.72 -43.83 -36.49
CA ILE G 63 -12.94 -44.15 -35.07
C ILE G 63 -13.85 -45.36 -34.94
N LEU G 64 -14.98 -45.36 -35.64
CA LEU G 64 -16.00 -46.37 -35.35
C LEU G 64 -15.62 -47.76 -35.85
N GLU G 65 -14.68 -47.88 -36.79
CA GLU G 65 -14.20 -49.21 -37.17
C GLU G 65 -13.45 -49.88 -36.02
N LEU G 66 -12.51 -49.15 -35.42
CA LEU G 66 -11.76 -49.68 -34.29
C LEU G 66 -12.65 -49.88 -33.07
N ALA G 67 -13.60 -48.98 -32.86
CA ALA G 67 -14.54 -49.12 -31.74
C ALA G 67 -15.41 -50.35 -31.90
N GLY G 68 -15.92 -50.60 -33.12
CA GLY G 68 -16.72 -51.79 -33.35
C GLY G 68 -15.94 -53.07 -33.27
N ASN G 69 -14.66 -53.05 -33.70
CA ASN G 69 -13.85 -54.26 -33.57
C ASN G 69 -13.52 -54.57 -32.12
N ALA G 70 -13.25 -53.54 -31.31
CA ALA G 70 -13.01 -53.76 -29.90
C ALA G 70 -14.29 -54.16 -29.15
N ALA G 71 -15.45 -53.71 -29.63
CA ALA G 71 -16.71 -54.16 -29.06
C ALA G 71 -17.00 -55.61 -29.42
N ARG G 72 -16.62 -56.00 -30.64
CA ARG G 72 -16.81 -57.37 -31.08
C ARG G 72 -15.90 -58.33 -30.31
N ASP G 73 -14.67 -57.92 -30.03
CA ASP G 73 -13.76 -58.81 -29.32
C ASP G 73 -14.10 -58.97 -27.84
N ASN G 74 -14.96 -58.13 -27.28
CA ASN G 74 -15.43 -58.30 -25.92
C ASN G 74 -16.78 -59.01 -25.86
N LYS G 75 -17.22 -59.56 -26.99
CA LYS G 75 -18.43 -60.40 -27.10
C LYS G 75 -19.70 -59.65 -26.69
N LYS G 76 -19.78 -58.38 -27.05
CA LYS G 76 -20.95 -57.55 -26.78
C LYS G 76 -21.37 -56.85 -28.07
N THR G 77 -22.68 -56.75 -28.28
CA THR G 77 -23.24 -56.21 -29.51
C THR G 77 -23.68 -54.76 -29.34
N ARG G 78 -22.93 -53.99 -28.57
CA ARG G 78 -23.30 -52.61 -28.30
C ARG G 78 -22.03 -51.83 -28.00
N ILE G 79 -21.98 -50.58 -28.43
CA ILE G 79 -20.80 -49.76 -28.24
C ILE G 79 -20.95 -48.91 -26.99
N ILE G 80 -19.96 -48.99 -26.10
CA ILE G 80 -19.96 -48.29 -24.82
C ILE G 80 -18.66 -47.51 -24.73
N PRO G 81 -18.61 -46.42 -23.92
CA PRO G 81 -17.44 -45.53 -23.96
C PRO G 81 -16.12 -46.15 -23.55
N ARG G 82 -16.12 -47.25 -22.81
CA ARG G 82 -14.88 -47.98 -22.53
C ARG G 82 -14.27 -48.51 -23.82
N HIS G 83 -15.10 -48.87 -24.79
CA HIS G 83 -14.59 -49.39 -26.05
C HIS G 83 -13.94 -48.29 -26.88
N LEU G 84 -14.51 -47.08 -26.89
CA LEU G 84 -13.84 -45.96 -27.55
C LEU G 84 -12.56 -45.58 -26.83
N GLN G 85 -12.54 -45.71 -25.51
CA GLN G 85 -11.32 -45.43 -24.75
C GLN G 85 -10.20 -46.38 -25.16
N LEU G 86 -10.52 -47.68 -25.28
CA LEU G 86 -9.53 -48.66 -25.70
C LEU G 86 -9.10 -48.44 -27.16
N ALA G 87 -10.04 -48.09 -28.02
CA ALA G 87 -9.70 -47.91 -29.43
C ALA G 87 -8.86 -46.67 -29.66
N ILE G 88 -9.11 -45.59 -28.90
CA ILE G 88 -8.27 -44.41 -29.03
C ILE G 88 -6.90 -44.65 -28.44
N ARG G 89 -6.83 -45.18 -27.22
CA ARG G 89 -5.52 -45.32 -26.58
C ARG G 89 -4.70 -46.48 -27.14
N ASN G 90 -5.27 -47.37 -27.93
CA ASN G 90 -4.45 -48.39 -28.58
C ASN G 90 -3.98 -47.99 -29.97
N ASP G 91 -4.67 -47.08 -30.64
CA ASP G 91 -4.24 -46.58 -31.94
C ASP G 91 -3.14 -45.54 -31.77
N GLU G 92 -2.24 -45.47 -32.75
CA GLU G 92 -1.12 -44.55 -32.65
C GLU G 92 -1.46 -43.15 -33.19
N GLU G 93 -2.22 -43.07 -34.28
CA GLU G 93 -2.52 -41.77 -34.88
C GLU G 93 -3.47 -40.97 -34.01
N LEU G 94 -4.52 -41.61 -33.52
CA LEU G 94 -5.46 -40.92 -32.65
C LEU G 94 -4.88 -40.66 -31.26
N ASN G 95 -3.78 -41.33 -30.91
CA ASN G 95 -3.07 -40.99 -29.69
C ASN G 95 -2.43 -39.61 -29.79
N LYS G 96 -2.05 -39.19 -30.99
CA LYS G 96 -1.47 -37.87 -31.18
C LYS G 96 -2.53 -36.85 -31.55
N LEU G 97 -3.59 -37.26 -32.26
CA LEU G 97 -4.70 -36.35 -32.51
C LEU G 97 -5.45 -36.03 -31.23
N LEU G 98 -5.89 -37.06 -30.52
CA LEU G 98 -6.55 -36.86 -29.23
C LEU G 98 -5.57 -37.24 -28.14
N GLY G 99 -4.73 -36.27 -27.78
CA GLY G 99 -3.76 -36.48 -26.72
C GLY G 99 -4.05 -35.65 -25.50
N ARG G 100 -4.99 -34.71 -25.64
CA ARG G 100 -5.38 -33.86 -24.53
C ARG G 100 -6.87 -33.99 -24.28
N VAL G 101 -7.37 -35.22 -24.26
CA VAL G 101 -8.80 -35.48 -24.22
C VAL G 101 -9.10 -36.42 -23.06
N THR G 102 -10.00 -36.01 -22.18
CA THR G 102 -10.61 -36.89 -21.21
C THR G 102 -11.97 -37.33 -21.74
N ILE G 103 -12.35 -38.56 -21.43
CA ILE G 103 -13.59 -39.16 -21.93
C ILE G 103 -14.43 -39.58 -20.73
N ALA G 104 -15.68 -39.14 -20.69
CA ALA G 104 -16.58 -39.50 -19.62
C ALA G 104 -16.91 -40.99 -19.67
N GLN G 105 -17.08 -41.57 -18.48
CA GLN G 105 -17.20 -43.02 -18.26
C GLN G 105 -16.02 -43.76 -18.88
N GLY G 106 -14.84 -43.17 -18.75
CA GLY G 106 -13.71 -43.60 -19.54
C GLY G 106 -13.01 -44.84 -19.05
N GLY G 107 -12.44 -44.78 -17.86
CA GLY G 107 -11.49 -45.79 -17.45
C GLY G 107 -10.14 -45.52 -18.08
N VAL G 108 -9.20 -46.43 -17.83
CA VAL G 108 -7.84 -46.31 -18.35
C VAL G 108 -7.47 -47.60 -19.05
N LEU G 109 -6.24 -47.65 -19.52
CA LEU G 109 -5.67 -48.87 -20.04
C LEU G 109 -5.25 -49.79 -18.90
N PRO G 110 -5.22 -51.10 -19.13
CA PRO G 110 -4.72 -52.01 -18.08
C PRO G 110 -3.22 -51.91 -17.93
N ASN G 111 -2.76 -50.93 -17.15
CA ASN G 111 -1.34 -50.66 -16.97
C ASN G 111 -0.85 -51.29 -15.67
N ILE G 112 0.06 -52.25 -15.79
CA ILE G 112 0.74 -52.85 -14.65
C ILE G 112 2.24 -52.77 -14.95
N GLN G 113 3.02 -52.38 -13.95
CA GLN G 113 4.47 -52.40 -14.10
C GLN G 113 5.11 -52.69 -12.75
N ALA G 114 6.21 -53.43 -12.78
CA ALA G 114 6.97 -53.81 -11.60
C ALA G 114 8.27 -53.01 -11.55
N VAL G 115 9.12 -53.36 -10.60
CA VAL G 115 10.40 -52.67 -10.43
C VAL G 115 11.45 -53.15 -11.43
N ARG H 34 -35.68 -28.92 -31.95
CA ARG H 34 -35.33 -27.52 -32.16
C ARG H 34 -33.85 -27.29 -31.86
N LYS H 35 -33.23 -28.27 -31.21
CA LYS H 35 -31.81 -28.21 -30.87
C LYS H 35 -31.13 -29.39 -31.57
N GLU H 36 -30.44 -29.11 -32.67
CA GLU H 36 -29.99 -30.17 -33.56
C GLU H 36 -28.73 -30.85 -33.00
N SER H 37 -28.37 -31.95 -33.63
CA SER H 37 -27.21 -32.74 -33.26
C SER H 37 -26.77 -33.54 -34.48
N TYR H 38 -25.82 -34.44 -34.28
CA TYR H 38 -25.23 -35.24 -35.35
C TYR H 38 -25.39 -36.72 -35.09
N SER H 39 -26.50 -37.12 -34.47
CA SER H 39 -26.65 -38.52 -34.10
C SER H 39 -27.03 -39.39 -35.28
N VAL H 40 -27.95 -38.88 -36.13
CA VAL H 40 -28.50 -39.67 -37.23
C VAL H 40 -27.43 -40.01 -38.24
N TYR H 41 -26.52 -39.07 -38.49
CA TYR H 41 -25.51 -39.27 -39.52
C TYR H 41 -24.44 -40.26 -39.06
N VAL H 42 -24.05 -40.18 -37.79
CA VAL H 42 -23.12 -41.16 -37.22
C VAL H 42 -23.75 -42.54 -37.21
N TYR H 43 -25.06 -42.60 -36.96
CA TYR H 43 -25.76 -43.88 -37.01
C TYR H 43 -25.79 -44.45 -38.41
N LYS H 44 -25.94 -43.59 -39.42
CA LYS H 44 -25.93 -44.07 -40.81
C LYS H 44 -24.55 -44.56 -41.23
N VAL H 45 -23.50 -43.86 -40.80
CA VAL H 45 -22.14 -44.30 -41.13
C VAL H 45 -21.83 -45.62 -40.43
N LEU H 46 -22.30 -45.78 -39.20
CA LEU H 46 -22.07 -47.03 -38.47
C LEU H 46 -22.83 -48.19 -39.08
N LYS H 47 -24.06 -47.96 -39.53
CA LYS H 47 -24.77 -49.03 -40.24
C LYS H 47 -24.23 -49.26 -41.64
N GLN H 48 -23.48 -48.31 -42.20
CA GLN H 48 -22.81 -48.55 -43.47
C GLN H 48 -21.60 -49.46 -43.28
N VAL H 49 -20.66 -49.08 -42.41
CA VAL H 49 -19.41 -49.83 -42.30
C VAL H 49 -19.50 -51.00 -41.33
N HIS H 50 -20.67 -51.27 -40.74
CA HIS H 50 -20.90 -52.41 -39.88
C HIS H 50 -22.35 -52.85 -40.03
N PRO H 51 -22.60 -54.17 -40.04
CA PRO H 51 -23.96 -54.66 -40.34
C PRO H 51 -24.99 -54.36 -39.27
N ASP H 52 -24.70 -54.73 -38.02
CA ASP H 52 -25.72 -54.61 -36.98
C ASP H 52 -25.15 -54.17 -35.63
N THR H 53 -23.98 -53.54 -35.61
CA THR H 53 -23.37 -53.14 -34.36
C THR H 53 -24.09 -51.93 -33.80
N GLY H 54 -24.85 -52.13 -32.73
CA GLY H 54 -25.56 -51.04 -32.11
C GLY H 54 -24.64 -50.12 -31.33
N ILE H 55 -25.16 -48.93 -31.03
CA ILE H 55 -24.42 -47.91 -30.30
C ILE H 55 -25.34 -47.32 -29.24
N SER H 56 -24.83 -47.17 -28.02
CA SER H 56 -25.65 -46.70 -26.93
C SER H 56 -25.94 -45.21 -27.07
N SER H 57 -26.91 -44.73 -26.30
CA SER H 57 -27.29 -43.34 -26.37
C SER H 57 -26.33 -42.42 -25.62
N LYS H 58 -25.38 -42.97 -24.88
CA LYS H 58 -24.39 -42.12 -24.23
C LYS H 58 -23.15 -41.95 -25.09
N ALA H 59 -22.66 -43.04 -25.67
CA ALA H 59 -21.45 -42.99 -26.49
C ALA H 59 -21.67 -42.18 -27.75
N MET H 60 -22.88 -42.22 -28.30
CA MET H 60 -23.27 -41.33 -29.39
C MET H 60 -23.07 -39.86 -29.03
N GLY H 61 -23.36 -39.51 -27.77
CA GLY H 61 -23.09 -38.16 -27.29
C GLY H 61 -21.62 -37.79 -27.40
N ILE H 62 -20.73 -38.75 -27.11
CA ILE H 62 -19.30 -38.54 -27.30
C ILE H 62 -18.99 -38.17 -28.74
N MET H 63 -19.64 -38.87 -29.69
CA MET H 63 -19.41 -38.58 -31.09
C MET H 63 -19.87 -37.18 -31.45
N ASN H 64 -20.94 -36.69 -30.81
CA ASN H 64 -21.32 -35.30 -31.00
C ASN H 64 -20.21 -34.37 -30.56
N SER H 65 -19.70 -34.56 -29.35
CA SER H 65 -18.61 -33.72 -28.89
C SER H 65 -17.30 -34.08 -29.53
N PHE H 66 -17.24 -35.13 -30.36
CA PHE H 66 -16.08 -35.24 -31.21
C PHE H 66 -16.21 -34.33 -32.41
N VAL H 67 -17.35 -34.42 -33.11
CA VAL H 67 -17.42 -33.84 -34.43
C VAL H 67 -18.12 -32.48 -34.41
N ASN H 68 -18.43 -31.97 -33.23
CA ASN H 68 -18.56 -30.54 -33.02
C ASN H 68 -17.26 -29.93 -32.52
N ASP H 69 -16.17 -30.69 -32.56
CA ASP H 69 -14.88 -30.25 -32.09
C ASP H 69 -13.85 -30.16 -33.20
N ILE H 70 -13.73 -31.22 -34.02
CA ILE H 70 -12.81 -31.20 -35.15
C ILE H 70 -13.23 -30.14 -36.15
N PHE H 71 -14.53 -29.99 -36.39
CA PHE H 71 -15.06 -28.89 -37.17
C PHE H 71 -14.75 -27.54 -36.55
N GLU H 72 -14.62 -27.48 -35.23
CA GLU H 72 -14.19 -26.23 -34.62
C GLU H 72 -12.71 -25.96 -34.87
N ARG H 73 -11.90 -27.01 -34.97
CA ARG H 73 -10.48 -26.79 -35.22
C ARG H 73 -10.24 -26.39 -36.66
N ILE H 74 -10.56 -27.28 -37.60
CA ILE H 74 -10.18 -27.12 -39.01
C ILE H 74 -10.83 -25.89 -39.60
N ALA H 75 -12.15 -25.82 -39.56
CA ALA H 75 -12.86 -24.64 -40.03
C ALA H 75 -12.68 -23.44 -39.12
N GLY H 76 -12.00 -23.58 -37.98
CA GLY H 76 -11.50 -22.42 -37.29
C GLY H 76 -10.15 -22.04 -37.86
N GLU H 77 -9.25 -23.02 -37.93
CA GLU H 77 -7.85 -22.73 -38.21
C GLU H 77 -7.64 -22.29 -39.65
N ALA H 78 -8.42 -22.83 -40.58
CA ALA H 78 -8.35 -22.38 -41.97
C ALA H 78 -8.78 -20.93 -42.10
N SER H 79 -9.68 -20.48 -41.23
CA SER H 79 -10.04 -19.07 -41.16
C SER H 79 -8.83 -18.20 -40.88
N ARG H 80 -7.90 -18.70 -40.06
CA ARG H 80 -6.66 -17.99 -39.80
C ARG H 80 -5.82 -17.88 -41.07
N LEU H 81 -5.86 -18.89 -41.94
CA LEU H 81 -5.15 -18.77 -43.20
C LEU H 81 -5.86 -17.89 -44.21
N ALA H 82 -7.08 -17.44 -43.90
CA ALA H 82 -7.70 -16.40 -44.69
C ALA H 82 -7.27 -15.01 -44.22
N HIS H 83 -6.49 -14.94 -43.15
CA HIS H 83 -6.09 -13.68 -42.56
C HIS H 83 -4.61 -13.38 -42.74
N TYR H 84 -3.77 -14.41 -42.78
CA TYR H 84 -2.34 -14.19 -42.96
C TYR H 84 -2.01 -13.82 -44.39
N ASN H 85 -2.77 -14.33 -45.36
CA ASN H 85 -2.54 -14.04 -46.76
C ASN H 85 -3.36 -12.88 -47.27
N LYS H 86 -4.11 -12.24 -46.36
CA LYS H 86 -4.93 -11.05 -46.63
C LYS H 86 -5.96 -11.34 -47.71
N ARG H 87 -6.81 -12.31 -47.42
CA ARG H 87 -7.91 -12.75 -48.27
C ARG H 87 -9.23 -12.55 -47.53
N SER H 88 -10.30 -13.01 -48.15
CA SER H 88 -11.59 -12.98 -47.48
C SER H 88 -12.44 -14.21 -47.75
N THR H 89 -11.94 -15.20 -48.47
CA THR H 89 -12.71 -16.38 -48.82
C THR H 89 -12.13 -17.62 -48.14
N ILE H 90 -12.94 -18.67 -48.11
CA ILE H 90 -12.50 -20.00 -47.69
C ILE H 90 -12.87 -20.95 -48.83
N THR H 91 -11.89 -21.29 -49.65
CA THR H 91 -12.10 -22.23 -50.73
C THR H 91 -11.67 -23.61 -50.27
N SER H 92 -11.61 -24.56 -51.21
CA SER H 92 -11.22 -25.91 -50.85
C SER H 92 -9.74 -26.00 -50.53
N ARG H 93 -8.94 -25.09 -51.08
CA ARG H 93 -7.50 -25.17 -50.91
C ARG H 93 -7.09 -24.84 -49.48
N GLU H 94 -7.79 -23.91 -48.85
CA GLU H 94 -7.48 -23.56 -47.46
C GLU H 94 -7.87 -24.68 -46.51
N ILE H 95 -9.00 -25.34 -46.77
CA ILE H 95 -9.39 -26.49 -45.96
C ILE H 95 -8.42 -27.64 -46.18
N GLN H 96 -7.89 -27.78 -47.40
CA GLN H 96 -6.89 -28.81 -47.68
C GLN H 96 -5.61 -28.57 -46.88
N THR H 97 -5.15 -27.33 -46.82
CA THR H 97 -3.96 -27.05 -46.03
C THR H 97 -4.24 -27.16 -44.53
N ALA H 98 -5.45 -26.85 -44.08
CA ALA H 98 -5.78 -27.04 -42.67
C ALA H 98 -5.82 -28.51 -42.30
N VAL H 99 -6.23 -29.37 -43.22
CA VAL H 99 -6.18 -30.80 -42.96
C VAL H 99 -4.74 -31.30 -42.99
N ARG H 100 -3.91 -30.73 -43.86
CA ARG H 100 -2.48 -31.06 -43.86
C ARG H 100 -1.80 -30.66 -42.56
N LEU H 101 -2.29 -29.61 -41.90
CA LEU H 101 -1.71 -29.21 -40.64
C LEU H 101 -2.27 -29.98 -39.44
N LEU H 102 -3.59 -30.07 -39.32
CA LEU H 102 -4.23 -30.55 -38.09
C LEU H 102 -4.21 -32.06 -37.93
N LEU H 103 -3.62 -32.82 -38.84
CA LEU H 103 -3.65 -34.27 -38.69
C LEU H 103 -2.24 -34.82 -38.80
N PRO H 104 -1.94 -35.91 -38.08
CA PRO H 104 -0.68 -36.61 -38.29
C PRO H 104 -0.66 -37.32 -39.64
N GLY H 105 0.53 -37.79 -40.01
CA GLY H 105 0.91 -38.15 -41.37
C GLY H 105 0.00 -39.02 -42.22
N GLU H 106 -0.14 -40.30 -41.86
CA GLU H 106 -0.85 -41.24 -42.71
C GLU H 106 -2.35 -40.94 -42.75
N LEU H 107 -2.90 -40.52 -41.62
CA LEU H 107 -4.31 -40.15 -41.57
C LEU H 107 -4.57 -38.91 -42.40
N ALA H 108 -3.62 -37.97 -42.42
CA ALA H 108 -3.75 -36.78 -43.26
C ALA H 108 -3.65 -37.13 -44.74
N LYS H 109 -2.78 -38.08 -45.07
CA LYS H 109 -2.64 -38.51 -46.47
C LYS H 109 -3.90 -39.18 -46.97
N HIS H 110 -4.50 -40.05 -46.14
CA HIS H 110 -5.76 -40.68 -46.53
C HIS H 110 -6.90 -39.67 -46.63
N ALA H 111 -6.91 -38.68 -45.73
CA ALA H 111 -7.98 -37.69 -45.74
C ALA H 111 -7.89 -36.78 -46.96
N VAL H 112 -6.67 -36.32 -47.30
CA VAL H 112 -6.54 -35.47 -48.47
C VAL H 112 -6.74 -36.28 -49.75
N SER H 113 -6.48 -37.59 -49.73
CA SER H 113 -6.76 -38.40 -50.89
C SER H 113 -8.26 -38.65 -51.06
N GLU H 114 -9.01 -38.67 -49.97
CA GLU H 114 -10.43 -38.93 -50.05
C GLU H 114 -11.24 -37.66 -50.35
N GLY H 115 -10.77 -36.51 -49.88
CA GLY H 115 -11.55 -35.29 -50.03
C GLY H 115 -11.64 -34.79 -51.46
N THR H 116 -10.51 -34.80 -52.18
CA THR H 116 -10.54 -34.39 -53.58
C THR H 116 -11.30 -35.41 -54.42
N LYS H 117 -11.29 -36.67 -54.01
CA LYS H 117 -12.11 -37.69 -54.65
C LYS H 117 -13.59 -37.38 -54.46
N ALA H 118 -13.96 -36.79 -53.33
CA ALA H 118 -15.34 -36.34 -53.16
C ALA H 118 -15.64 -35.11 -54.01
N VAL H 119 -14.69 -34.16 -54.07
CA VAL H 119 -14.91 -32.90 -54.78
C VAL H 119 -15.03 -33.10 -56.29
N THR H 120 -14.21 -33.99 -56.87
CA THR H 120 -14.24 -34.21 -58.32
C THR H 120 -15.55 -34.81 -58.79
N LYS H 121 -16.18 -35.65 -57.97
CA LYS H 121 -17.48 -36.17 -58.35
C LYS H 121 -18.60 -35.25 -57.87
N TYR H 122 -18.26 -34.22 -57.10
CA TYR H 122 -19.22 -33.15 -56.87
C TYR H 122 -19.26 -32.14 -58.02
N THR H 123 -18.13 -31.90 -58.70
CA THR H 123 -18.07 -30.84 -59.69
C THR H 123 -18.87 -31.20 -60.94
N SER H 124 -18.63 -32.38 -61.50
CA SER H 124 -19.43 -32.88 -62.62
C SER H 124 -20.75 -33.44 -62.10
N SER H 125 -21.64 -32.52 -61.72
CA SER H 125 -22.90 -32.88 -61.08
C SER H 125 -23.87 -33.53 -62.07
N MET K 1 -15.54 -1.28 4.30
CA MET K 1 -16.58 -2.28 4.51
C MET K 1 -16.17 -3.61 3.89
N ASP K 2 -16.98 -4.64 4.16
CA ASP K 2 -16.75 -5.93 3.54
C ASP K 2 -17.14 -5.89 2.07
N GLU K 3 -16.74 -6.93 1.35
CA GLU K 3 -16.99 -7.02 -0.08
C GLU K 3 -17.96 -8.16 -0.35
N THR K 4 -18.99 -8.26 0.47
CA THR K 4 -20.08 -9.20 0.28
C THR K 4 -21.43 -8.51 0.13
N VAL K 5 -21.67 -7.45 0.91
CA VAL K 5 -22.95 -6.76 0.88
C VAL K 5 -23.14 -5.97 -0.40
N ALA K 6 -22.06 -5.62 -1.09
CA ALA K 6 -22.17 -4.86 -2.33
C ALA K 6 -22.82 -5.69 -3.43
N GLU K 7 -22.46 -6.97 -3.50
CA GLU K 7 -23.09 -7.87 -4.45
C GLU K 7 -24.57 -8.07 -4.13
N PHE K 8 -24.91 -8.07 -2.84
CA PHE K 8 -26.31 -8.23 -2.44
C PHE K 8 -27.15 -7.03 -2.85
N ILE K 9 -26.62 -5.81 -2.60
CA ILE K 9 -27.35 -4.61 -2.97
C ILE K 9 -27.45 -4.47 -4.48
N LYS K 10 -26.38 -4.86 -5.19
CA LYS K 10 -26.40 -4.82 -6.65
C LYS K 10 -27.41 -5.78 -7.23
N ARG K 11 -27.48 -7.00 -6.68
CA ARG K 11 -28.42 -7.99 -7.17
C ARG K 11 -29.85 -7.59 -6.85
N THR K 12 -30.06 -6.98 -5.68
CA THR K 12 -31.40 -6.55 -5.31
C THR K 12 -31.89 -5.42 -6.19
N ILE K 13 -31.02 -4.46 -6.51
CA ILE K 13 -31.49 -3.36 -7.37
C ILE K 13 -31.58 -3.81 -8.83
N LEU K 14 -30.78 -4.81 -9.25
CA LEU K 14 -30.99 -5.41 -10.57
C LEU K 14 -32.33 -6.14 -10.65
N LYS K 15 -32.82 -6.68 -9.53
CA LYS K 15 -34.16 -7.25 -9.58
C LYS K 15 -35.25 -6.19 -9.65
N ILE K 16 -34.96 -4.96 -9.29
CA ILE K 16 -35.98 -3.90 -9.30
C ILE K 16 -36.19 -3.44 -10.74
N PRO K 17 -37.43 -3.32 -11.20
CA PRO K 17 -37.67 -2.73 -12.52
C PRO K 17 -37.43 -1.22 -12.50
N MET K 18 -37.28 -0.66 -13.71
CA MET K 18 -37.09 0.78 -13.86
C MET K 18 -38.37 1.57 -13.66
N ASN K 19 -39.52 0.91 -13.50
CA ASN K 19 -40.77 1.63 -13.41
C ASN K 19 -40.91 2.33 -12.06
N GLU K 20 -40.34 1.77 -11.00
CA GLU K 20 -40.48 2.37 -9.67
C GLU K 20 -39.18 2.28 -8.88
N LEU K 21 -38.04 2.32 -9.55
CA LEU K 21 -36.76 2.25 -8.85
C LEU K 21 -36.50 3.54 -8.07
N THR K 22 -36.91 4.69 -8.62
CA THR K 22 -36.82 5.94 -7.88
C THR K 22 -37.77 5.95 -6.69
N THR K 23 -38.90 5.24 -6.78
CA THR K 23 -39.81 5.13 -5.64
C THR K 23 -39.18 4.30 -4.52
N ILE K 24 -38.49 3.21 -4.90
CA ILE K 24 -37.79 2.38 -3.93
C ILE K 24 -36.67 3.17 -3.26
N LEU K 25 -35.91 3.93 -4.05
CA LEU K 25 -34.78 4.63 -3.45
C LEU K 25 -35.21 5.86 -2.65
N LYS K 26 -36.37 6.45 -2.97
CA LYS K 26 -36.87 7.52 -2.12
C LYS K 26 -37.47 6.96 -0.83
N ALA K 27 -38.15 5.82 -0.91
CA ALA K 27 -38.73 5.24 0.29
C ALA K 27 -37.69 4.57 1.18
N TRP K 28 -36.52 4.22 0.63
CA TRP K 28 -35.51 3.53 1.42
C TRP K 28 -34.77 4.48 2.35
N ASP K 29 -34.63 5.75 1.94
CA ASP K 29 -34.13 6.85 2.78
C ASP K 29 -32.73 6.56 3.32
N PHE K 30 -31.78 6.46 2.40
CA PHE K 30 -30.40 6.16 2.77
C PHE K 30 -29.37 7.04 2.07
N LEU K 31 -29.68 7.61 0.92
CA LEU K 31 -28.74 8.46 0.22
C LEU K 31 -29.31 9.87 0.07
N SER K 32 -28.44 10.82 -0.22
CA SER K 32 -28.85 12.20 -0.36
C SER K 32 -29.48 12.42 -1.73
N GLU K 33 -30.48 13.30 -1.77
CA GLU K 33 -31.24 13.55 -3.00
C GLU K 33 -30.41 14.28 -4.06
N ASN K 34 -29.33 14.96 -3.65
CA ASN K 34 -28.38 15.48 -4.61
C ASN K 34 -27.68 14.36 -5.35
N GLN K 35 -27.36 13.27 -4.64
CA GLN K 35 -26.79 12.09 -5.28
C GLN K 35 -27.83 11.33 -6.09
N LEU K 36 -29.12 11.49 -5.79
CA LEU K 36 -30.16 11.02 -6.71
C LEU K 36 -30.17 11.87 -7.97
N GLN K 37 -29.92 13.18 -7.82
CA GLN K 37 -29.90 14.07 -8.98
C GLN K 37 -28.68 13.82 -9.85
N THR K 38 -27.58 13.32 -9.25
CA THR K 38 -26.35 13.08 -10.00
C THR K 38 -26.50 11.88 -10.94
N VAL K 39 -27.21 10.85 -10.51
CA VAL K 39 -27.27 9.58 -11.23
C VAL K 39 -28.17 9.74 -12.45
N ASN K 40 -27.65 9.38 -13.62
CA ASN K 40 -28.43 9.32 -14.84
C ASN K 40 -29.45 8.18 -14.74
N PHE K 41 -30.73 8.53 -14.90
CA PHE K 41 -31.80 7.55 -14.93
C PHE K 41 -32.26 7.24 -16.36
N ARG K 42 -31.38 7.40 -17.35
CA ARG K 42 -31.75 7.17 -18.73
C ARG K 42 -30.87 6.17 -19.46
N GLN K 43 -29.69 5.85 -18.92
CA GLN K 43 -28.88 4.80 -19.51
C GLN K 43 -29.38 3.43 -19.02
N ARG K 44 -28.70 2.37 -19.44
CA ARG K 44 -29.18 1.03 -19.14
C ARG K 44 -28.88 0.65 -17.70
N LYS K 45 -29.53 -0.43 -17.24
CA LYS K 45 -29.50 -0.82 -15.84
C LYS K 45 -28.17 -1.41 -15.40
N GLU K 46 -27.31 -1.79 -16.34
CA GLU K 46 -26.06 -2.45 -15.99
C GLU K 46 -24.96 -1.48 -15.62
N SER K 47 -25.25 -0.18 -15.54
CA SER K 47 -24.33 0.81 -15.05
C SER K 47 -24.94 1.78 -14.05
N VAL K 48 -26.27 1.93 -14.03
CA VAL K 48 -26.95 2.72 -13.00
C VAL K 48 -26.69 2.13 -11.62
N VAL K 49 -26.76 0.80 -11.52
CA VAL K 49 -26.49 0.15 -10.25
C VAL K 49 -25.02 0.23 -9.90
N GLN K 50 -24.14 0.31 -10.90
CA GLN K 50 -22.72 0.52 -10.63
C GLN K 50 -22.48 1.89 -10.05
N HIS K 51 -23.16 2.90 -10.58
CA HIS K 51 -23.04 4.26 -10.05
C HIS K 51 -23.65 4.37 -8.66
N LEU K 52 -24.75 3.65 -8.40
CA LEU K 52 -25.38 3.69 -7.08
C LEU K 52 -24.54 2.97 -6.03
N ILE K 53 -23.91 1.84 -6.40
CA ILE K 53 -22.98 1.18 -5.50
C ILE K 53 -21.76 2.06 -5.25
N HIS K 54 -21.28 2.75 -6.29
CA HIS K 54 -20.14 3.65 -6.11
C HIS K 54 -20.50 4.85 -5.24
N LEU K 55 -21.77 5.24 -5.20
CA LEU K 55 -22.23 6.16 -4.16
C LEU K 55 -22.17 5.51 -2.79
N CYS K 56 -22.64 4.26 -2.69
CA CYS K 56 -22.63 3.57 -1.40
C CYS K 56 -21.28 2.97 -1.04
N GLU K 57 -20.31 2.96 -1.95
CA GLU K 57 -18.94 2.60 -1.59
C GLU K 57 -18.35 3.61 -0.62
N GLU K 58 -18.68 4.89 -0.80
CA GLU K 58 -18.01 5.95 -0.07
C GLU K 58 -18.62 6.18 1.31
N LYS K 59 -19.94 6.36 1.36
CA LYS K 59 -20.53 6.95 2.57
C LYS K 59 -20.73 5.92 3.69
N ARG K 60 -21.69 5.02 3.51
CA ARG K 60 -22.12 4.13 4.58
C ARG K 60 -22.69 2.87 3.94
N ALA K 61 -22.55 1.75 4.65
CA ALA K 61 -23.20 0.50 4.31
C ALA K 61 -23.19 -0.41 5.53
N SER K 62 -24.00 -1.46 5.46
CA SER K 62 -24.07 -2.46 6.50
C SER K 62 -24.66 -3.73 5.90
N ILE K 63 -25.01 -4.68 6.76
CA ILE K 63 -25.93 -5.73 6.36
C ILE K 63 -27.36 -5.36 6.76
N SER K 64 -27.53 -4.49 7.75
CA SER K 64 -28.87 -4.14 8.22
C SER K 64 -29.59 -3.25 7.21
N ASP K 65 -28.88 -2.30 6.61
CA ASP K 65 -29.51 -1.41 5.64
C ASP K 65 -29.84 -2.16 4.35
N ALA K 66 -28.96 -3.09 3.95
CA ALA K 66 -29.26 -3.96 2.81
C ALA K 66 -30.44 -4.86 3.09
N ALA K 67 -30.55 -5.34 4.33
CA ALA K 67 -31.70 -6.15 4.72
C ALA K 67 -32.98 -5.35 4.71
N LEU K 68 -32.92 -4.08 5.12
CA LEU K 68 -34.12 -3.25 5.09
C LEU K 68 -34.53 -2.90 3.67
N LEU K 69 -33.55 -2.73 2.78
CA LEU K 69 -33.83 -2.59 1.35
C LEU K 69 -34.50 -3.85 0.81
N ASP K 70 -34.03 -5.02 1.26
CA ASP K 70 -34.65 -6.28 0.85
C ASP K 70 -36.09 -6.39 1.36
N ILE K 71 -36.36 -5.87 2.56
CA ILE K 71 -37.70 -5.85 3.12
C ILE K 71 -38.62 -4.97 2.28
N ILE K 72 -38.14 -3.78 1.91
CA ILE K 72 -38.96 -2.87 1.11
C ILE K 72 -39.17 -3.43 -0.29
N TYR K 73 -38.18 -4.17 -0.82
CA TYR K 73 -38.38 -4.87 -2.08
C TYR K 73 -39.44 -5.95 -1.98
N MET K 74 -39.45 -6.69 -0.87
CA MET K 74 -40.41 -7.77 -0.73
C MET K 74 -41.81 -7.24 -0.46
N GLN K 75 -41.93 -6.05 0.11
CA GLN K 75 -43.24 -5.47 0.40
C GLN K 75 -44.01 -5.06 -0.86
N PHE K 76 -43.34 -4.96 -2.01
CA PHE K 76 -44.00 -4.55 -3.25
C PHE K 76 -44.09 -5.68 -4.27
N HIS K 77 -43.74 -6.90 -3.89
CA HIS K 77 -43.78 -8.05 -4.79
C HIS K 77 -44.45 -9.23 -4.10
N GLN K 78 -45.61 -8.98 -3.51
CA GLN K 78 -46.36 -10.02 -2.80
C GLN K 78 -47.02 -11.01 -3.75
N HIS K 79 -47.09 -10.70 -5.05
CA HIS K 79 -47.63 -11.64 -6.01
C HIS K 79 -46.70 -12.82 -6.25
N GLN K 80 -45.41 -12.68 -5.93
CA GLN K 80 -44.44 -13.73 -6.23
C GLN K 80 -44.55 -14.89 -5.25
N LYS K 81 -44.41 -14.61 -3.96
CA LYS K 81 -44.32 -15.69 -2.98
C LYS K 81 -45.70 -16.23 -2.63
N VAL K 82 -45.70 -17.32 -1.88
CA VAL K 82 -46.92 -17.96 -1.39
C VAL K 82 -46.85 -17.95 0.14
N TRP K 83 -47.93 -17.53 0.78
CA TRP K 83 -47.92 -17.24 2.21
C TRP K 83 -48.53 -18.37 3.02
N ASP K 84 -48.28 -18.31 4.33
CA ASP K 84 -48.82 -19.26 5.30
C ASP K 84 -49.35 -18.48 6.49
N VAL K 85 -50.38 -19.01 7.15
CA VAL K 85 -51.08 -18.31 8.23
C VAL K 85 -50.90 -19.10 9.52
N PHE K 86 -50.44 -18.42 10.56
CA PHE K 86 -50.34 -18.98 11.90
C PHE K 86 -51.24 -18.21 12.86
N GLN K 87 -51.35 -18.72 14.08
CA GLN K 87 -52.07 -18.03 15.16
C GLN K 87 -51.55 -18.56 16.49
N MET K 88 -51.37 -17.65 17.44
CA MET K 88 -51.03 -18.01 18.81
C MET K 88 -52.25 -17.88 19.72
N SER K 89 -52.15 -18.47 20.90
CA SER K 89 -53.22 -18.45 21.89
C SER K 89 -52.60 -18.71 23.27
N LYS K 90 -53.48 -19.01 24.24
CA LYS K 90 -53.12 -19.31 25.63
C LYS K 90 -52.36 -18.15 26.28
N GLY K 91 -53.04 -17.00 26.37
CA GLY K 91 -52.47 -15.81 26.95
C GLY K 91 -53.12 -14.53 26.47
N PHE K 99 -49.67 -3.83 24.95
CA PHE K 99 -48.39 -4.52 24.87
C PHE K 99 -47.45 -3.80 23.90
N ASP K 100 -46.27 -3.42 24.41
CA ASP K 100 -45.30 -2.71 23.60
C ASP K 100 -44.55 -3.65 22.66
N MET K 101 -44.10 -3.10 21.54
CA MET K 101 -43.40 -3.90 20.54
C MET K 101 -41.90 -3.87 20.69
N LYS K 102 -41.36 -2.92 21.46
CA LYS K 102 -39.92 -2.84 21.69
C LYS K 102 -39.41 -4.03 22.50
N GLN K 103 -40.12 -4.35 23.59
CA GLN K 103 -39.80 -5.53 24.38
C GLN K 103 -39.97 -6.81 23.56
N PHE K 104 -40.94 -6.82 22.64
CA PHE K 104 -41.13 -7.96 21.76
C PHE K 104 -39.95 -8.14 20.80
N LYS K 105 -39.47 -7.04 20.23
CA LYS K 105 -38.30 -7.08 19.35
C LYS K 105 -37.07 -7.58 20.08
N ASN K 106 -36.82 -7.04 21.29
CA ASN K 106 -35.67 -7.46 22.07
C ASN K 106 -35.77 -8.92 22.48
N SER K 107 -36.96 -9.36 22.92
CA SER K 107 -37.15 -10.74 23.36
C SER K 107 -36.98 -11.72 22.21
N PHE K 108 -37.54 -11.39 21.03
CA PHE K 108 -37.41 -12.27 19.88
C PHE K 108 -35.98 -12.36 19.40
N LYS K 109 -35.27 -11.23 19.36
CA LYS K 109 -33.89 -11.24 18.88
C LYS K 109 -32.98 -11.99 19.85
N LYS K 110 -33.18 -11.82 21.16
CA LYS K 110 -32.32 -12.51 22.11
C LYS K 110 -32.62 -14.00 22.17
N ILE K 111 -33.91 -14.39 22.08
CA ILE K 111 -34.25 -15.81 22.07
C ILE K 111 -33.71 -16.49 20.81
N LEU K 112 -33.80 -15.83 19.66
CA LEU K 112 -33.31 -16.44 18.43
C LEU K 112 -31.78 -16.50 18.40
N GLN K 113 -31.11 -15.47 18.92
CA GLN K 113 -29.66 -15.52 18.99
C GLN K 113 -29.13 -16.44 20.08
N ARG K 114 -29.96 -16.80 21.06
CA ARG K 114 -29.59 -17.86 21.99
C ARG K 114 -29.94 -19.25 21.48
N ALA K 115 -30.87 -19.34 20.52
CA ALA K 115 -31.22 -20.65 19.96
C ALA K 115 -30.08 -21.18 19.10
N LEU K 116 -29.74 -20.47 18.03
CA LEU K 116 -28.61 -20.82 17.18
C LEU K 116 -27.53 -19.77 17.28
N LYS K 117 -26.39 -20.08 16.69
CA LYS K 117 -25.25 -19.16 16.72
C LYS K 117 -25.48 -17.98 15.79
N ASN K 118 -25.66 -18.27 14.50
CA ASN K 118 -25.68 -17.24 13.46
C ASN K 118 -27.09 -17.11 12.90
N VAL K 119 -27.78 -16.02 13.25
CA VAL K 119 -29.02 -15.63 12.60
C VAL K 119 -28.90 -14.16 12.22
N THR K 120 -29.85 -13.70 11.41
CA THR K 120 -29.92 -12.28 11.09
C THR K 120 -31.38 -11.84 11.16
N VAL K 121 -31.67 -10.86 12.01
CA VAL K 121 -33.03 -10.41 12.25
C VAL K 121 -33.13 -8.96 11.79
N SER K 122 -34.24 -8.62 11.14
CA SER K 122 -34.47 -7.23 10.75
C SER K 122 -35.93 -6.89 10.86
N PHE K 123 -36.23 -5.70 11.36
CA PHE K 123 -37.59 -5.23 11.57
C PHE K 123 -37.89 -4.04 10.66
N ARG K 124 -39.18 -3.76 10.50
CA ARG K 124 -39.63 -2.55 9.82
C ARG K 124 -41.05 -2.25 10.29
N GLU K 125 -41.29 -0.99 10.65
CA GLU K 125 -42.58 -0.57 11.19
C GLU K 125 -43.51 -0.16 10.05
N THR K 126 -44.75 -0.66 10.11
CA THR K 126 -45.76 -0.38 9.11
C THR K 126 -47.07 -0.18 9.85
N GLU K 127 -47.99 0.58 9.25
CA GLU K 127 -49.25 0.95 9.89
C GLU K 127 -50.16 -0.26 10.11
N GLU K 128 -51.27 0.01 10.82
CA GLU K 128 -52.14 -1.00 11.45
C GLU K 128 -51.31 -1.86 12.41
N ASN K 129 -50.35 -1.21 13.09
CA ASN K 129 -49.43 -1.82 14.06
C ASN K 129 -48.64 -3.00 13.47
N ALA K 130 -48.36 -2.96 12.17
CA ALA K 130 -47.73 -4.08 11.50
C ALA K 130 -46.22 -4.06 11.72
N VAL K 131 -45.63 -5.25 11.75
CA VAL K 131 -44.18 -5.38 11.74
C VAL K 131 -43.80 -6.47 10.74
N TRP K 132 -42.81 -6.17 9.92
CA TRP K 132 -42.29 -7.06 8.88
C TRP K 132 -40.93 -7.54 9.37
N ILE K 133 -40.81 -8.84 9.61
CA ILE K 133 -39.63 -9.39 10.26
C ILE K 133 -38.93 -10.29 9.24
N ARG K 134 -37.75 -9.88 8.82
CA ARG K 134 -36.92 -10.67 7.93
C ARG K 134 -35.94 -11.48 8.76
N ILE K 135 -35.91 -12.79 8.52
CA ILE K 135 -35.03 -13.71 9.22
C ILE K 135 -34.14 -14.38 8.19
N ALA K 136 -32.85 -14.31 8.39
CA ALA K 136 -31.88 -15.05 7.60
C ALA K 136 -31.30 -16.15 8.50
N TRP K 137 -31.65 -17.40 8.20
CA TRP K 137 -31.21 -18.53 8.99
C TRP K 137 -29.75 -18.86 8.68
N GLY K 138 -29.15 -19.62 9.58
CA GLY K 138 -27.81 -20.11 9.37
C GLY K 138 -27.57 -21.32 10.25
N THR K 139 -26.29 -21.70 10.34
CA THR K 139 -25.88 -22.79 11.20
C THR K 139 -24.92 -22.25 12.26
N GLN K 140 -24.34 -23.17 13.03
CA GLN K 140 -23.33 -22.82 14.01
C GLN K 140 -21.92 -22.86 13.44
N TYR K 141 -21.80 -22.98 12.11
CA TYR K 141 -20.49 -22.91 11.47
C TYR K 141 -20.45 -22.06 10.22
N THR K 142 -21.59 -21.66 9.65
CA THR K 142 -21.63 -20.98 8.37
C THR K 142 -22.21 -19.58 8.53
N LYS K 143 -22.01 -18.78 7.48
CA LYS K 143 -22.65 -17.48 7.41
C LYS K 143 -24.14 -17.65 7.16
N PRO K 144 -24.97 -16.71 7.63
CA PRO K 144 -26.40 -16.80 7.33
C PRO K 144 -26.68 -16.51 5.86
N ASN K 145 -27.50 -17.37 5.25
CA ASN K 145 -27.85 -17.24 3.84
C ASN K 145 -28.81 -16.08 3.67
N GLN K 146 -28.35 -14.99 3.06
CA GLN K 146 -29.21 -13.84 2.85
C GLN K 146 -30.22 -14.06 1.73
N TYR K 147 -29.90 -14.92 0.78
CA TYR K 147 -30.69 -15.01 -0.45
C TYR K 147 -31.92 -15.88 -0.32
N LYS K 148 -32.09 -16.59 0.79
CA LYS K 148 -33.31 -17.34 1.05
C LYS K 148 -33.86 -16.90 2.40
N PRO K 149 -34.57 -15.77 2.44
CA PRO K 149 -35.04 -15.24 3.72
C PRO K 149 -36.28 -15.97 4.18
N THR K 150 -36.78 -15.54 5.33
CA THR K 150 -38.08 -15.97 5.83
C THR K 150 -38.77 -14.75 6.41
N TYR K 151 -39.96 -14.43 5.94
CA TYR K 151 -40.64 -13.20 6.30
C TYR K 151 -41.83 -13.50 7.18
N VAL K 152 -41.98 -12.70 8.23
CA VAL K 152 -43.09 -12.84 9.18
C VAL K 152 -43.80 -11.50 9.25
N VAL K 153 -45.08 -11.49 8.90
CA VAL K 153 -45.93 -10.33 9.11
C VAL K 153 -46.63 -10.54 10.44
N TYR K 154 -46.30 -9.72 11.43
CA TYR K 154 -46.90 -9.85 12.75
C TYR K 154 -47.66 -8.59 13.11
N TYR K 155 -48.79 -8.78 13.78
CA TYR K 155 -49.63 -7.70 14.25
C TYR K 155 -49.68 -7.74 15.77
N SER K 156 -49.69 -6.56 16.39
CA SER K 156 -49.71 -6.51 17.85
C SER K 156 -51.08 -6.88 18.40
N GLN K 157 -52.15 -6.44 17.73
CA GLN K 157 -53.49 -6.65 18.24
C GLN K 157 -53.93 -8.10 18.03
N THR K 158 -53.98 -8.53 16.79
CA THR K 158 -54.38 -9.90 16.51
C THR K 158 -53.25 -10.86 16.84
N PRO K 159 -53.57 -12.07 17.33
CA PRO K 159 -52.53 -13.09 17.54
C PRO K 159 -52.11 -13.83 16.27
N TYR K 160 -52.49 -13.33 15.11
CA TYR K 160 -52.21 -13.95 13.83
C TYR K 160 -50.88 -13.46 13.26
N ALA K 161 -50.26 -14.32 12.44
CA ALA K 161 -48.99 -14.00 11.82
C ALA K 161 -48.94 -14.65 10.44
N PHE K 162 -48.54 -13.87 9.44
CA PHE K 162 -48.41 -14.37 8.08
C PHE K 162 -46.97 -14.84 7.86
N THR K 163 -46.82 -16.01 7.26
CA THR K 163 -45.53 -16.68 7.17
C THR K 163 -45.17 -16.97 5.73
N SER K 164 -43.97 -16.56 5.33
CA SER K 164 -43.47 -16.85 3.99
C SER K 164 -42.80 -18.22 3.99
N SER K 165 -43.06 -18.99 2.92
CA SER K 165 -42.34 -20.24 2.75
C SER K 165 -40.93 -19.99 2.24
N SER K 166 -40.10 -21.03 2.33
CA SER K 166 -38.71 -20.93 1.92
C SER K 166 -38.23 -22.31 1.49
N MET K 167 -37.04 -22.33 0.89
CA MET K 167 -36.38 -23.61 0.62
C MET K 167 -35.97 -24.29 1.90
N LEU K 168 -35.51 -23.52 2.87
CA LEU K 168 -34.88 -24.06 4.07
C LEU K 168 -35.97 -24.31 5.10
N ARG K 169 -36.38 -25.56 5.21
CA ARG K 169 -37.25 -26.01 6.29
C ARG K 169 -36.37 -26.42 7.49
N ARG K 170 -36.94 -27.17 8.43
CA ARG K 170 -36.38 -27.74 9.66
C ARG K 170 -36.20 -26.65 10.73
N ASN K 171 -36.33 -25.38 10.39
CA ASN K 171 -36.35 -24.31 11.37
C ASN K 171 -37.75 -23.78 11.61
N THR K 172 -38.75 -24.45 11.03
CA THR K 172 -40.13 -24.02 11.21
C THR K 172 -40.65 -24.24 12.64
N PRO K 173 -40.51 -25.42 13.29
CA PRO K 173 -40.97 -25.48 14.69
C PRO K 173 -40.08 -24.72 15.65
N LEU K 174 -38.80 -24.55 15.32
CA LEU K 174 -37.91 -23.72 16.13
C LEU K 174 -38.36 -22.26 16.09
N LEU K 175 -38.67 -21.76 14.89
CA LEU K 175 -39.17 -20.39 14.77
C LEU K 175 -40.53 -20.25 15.44
N GLY K 176 -41.37 -21.28 15.34
CA GLY K 176 -42.68 -21.22 15.95
C GLY K 176 -42.62 -21.17 17.47
N GLN K 177 -41.80 -22.02 18.07
CA GLN K 177 -41.66 -22.00 19.52
C GLN K 177 -40.91 -20.78 20.00
N ALA K 178 -39.92 -20.31 19.24
CA ALA K 178 -39.19 -19.11 19.64
C ALA K 178 -40.06 -17.86 19.52
N LEU K 179 -40.99 -17.84 18.57
CA LEU K 179 -41.89 -16.70 18.46
C LEU K 179 -43.04 -16.81 19.46
N THR K 180 -43.40 -18.03 19.87
CA THR K 180 -44.43 -18.18 20.90
C THR K 180 -43.90 -17.80 22.27
N ILE K 181 -42.67 -18.22 22.60
CA ILE K 181 -42.03 -17.78 23.83
C ILE K 181 -41.65 -16.31 23.75
N ALA K 182 -41.31 -15.83 22.55
CA ALA K 182 -40.99 -14.42 22.36
C ALA K 182 -42.22 -13.53 22.52
N SER K 183 -43.39 -14.04 22.14
CA SER K 183 -44.64 -13.39 22.46
C SER K 183 -45.10 -13.85 23.84
N LYS K 184 -46.26 -13.35 24.28
CA LYS K 184 -46.81 -13.74 25.58
C LYS K 184 -47.86 -14.83 25.39
N HIS K 185 -47.40 -15.98 24.90
CA HIS K 185 -48.28 -17.06 24.49
C HIS K 185 -47.66 -18.40 24.82
N HIS K 186 -48.45 -19.45 24.59
CA HIS K 186 -48.04 -20.82 24.88
C HIS K 186 -48.32 -21.81 23.75
N GLN K 187 -49.27 -21.52 22.86
CA GLN K 187 -49.68 -22.41 21.80
C GLN K 187 -49.48 -21.73 20.45
N ILE K 188 -49.15 -22.53 19.43
CA ILE K 188 -49.10 -22.06 18.05
C ILE K 188 -49.76 -23.11 17.16
N VAL K 189 -50.55 -22.64 16.19
CA VAL K 189 -51.28 -23.55 15.30
C VAL K 189 -50.76 -23.42 13.89
N LYS K 190 -51.29 -24.24 12.99
CA LYS K 190 -50.90 -24.21 11.58
C LYS K 190 -52.14 -24.60 10.77
N MET K 191 -52.86 -23.60 10.28
CA MET K 191 -54.12 -23.82 9.59
C MET K 191 -53.88 -24.30 8.16
N ASP K 192 -54.97 -24.48 7.43
CA ASP K 192 -54.94 -24.91 6.03
C ASP K 192 -54.63 -23.77 5.08
N LEU K 193 -54.63 -22.52 5.57
CA LEU K 193 -54.62 -21.34 4.73
C LEU K 193 -53.22 -21.13 4.16
N ARG K 194 -53.03 -21.56 2.90
CA ARG K 194 -51.80 -21.31 2.16
C ARG K 194 -52.18 -20.82 0.77
N SER K 195 -51.99 -19.53 0.52
CA SER K 195 -52.38 -18.92 -0.74
C SER K 195 -51.31 -17.90 -1.14
N ARG K 196 -51.54 -17.26 -2.29
CA ARG K 196 -50.58 -16.36 -2.91
C ARG K 196 -50.79 -14.91 -2.51
N TYR K 197 -52.03 -14.47 -2.41
CA TYR K 197 -52.34 -13.07 -2.18
C TYR K 197 -52.68 -12.83 -0.72
N LEU K 198 -52.20 -11.71 -0.19
CA LEU K 198 -52.31 -11.44 1.24
C LEU K 198 -53.69 -10.95 1.63
N ASP K 199 -54.42 -10.33 0.70
CA ASP K 199 -55.70 -9.72 1.02
C ASP K 199 -56.78 -10.75 1.29
N SER K 200 -56.74 -11.90 0.60
CA SER K 200 -57.72 -12.96 0.87
C SER K 200 -57.51 -13.55 2.26
N LEU K 201 -56.25 -13.76 2.65
CA LEU K 201 -55.95 -14.25 3.99
C LEU K 201 -56.33 -13.21 5.04
N LYS K 202 -56.08 -11.93 4.73
CA LYS K 202 -56.48 -10.81 5.59
C LYS K 202 -57.99 -10.82 5.80
N ALA K 203 -58.76 -11.02 4.74
CA ALA K 203 -60.22 -11.01 4.85
C ALA K 203 -60.73 -12.23 5.62
N ILE K 204 -60.15 -13.40 5.33
CA ILE K 204 -60.63 -14.63 5.96
C ILE K 204 -60.22 -14.68 7.43
N VAL K 205 -59.23 -13.90 7.84
CA VAL K 205 -58.94 -13.75 9.27
C VAL K 205 -59.81 -12.67 9.91
N PHE K 206 -59.94 -11.52 9.26
CA PHE K 206 -60.52 -10.36 9.94
C PHE K 206 -62.04 -10.36 9.91
N LYS K 207 -62.66 -11.12 9.00
CA LYS K 207 -64.11 -11.22 9.01
C LYS K 207 -64.56 -12.06 10.21
N GLN K 208 -63.69 -12.99 10.63
CA GLN K 208 -63.94 -13.82 11.78
C GLN K 208 -63.48 -13.17 13.08
N TYR K 209 -62.39 -12.39 13.03
CA TYR K 209 -61.83 -11.85 14.27
C TYR K 209 -62.54 -10.58 14.71
N ASN K 210 -62.91 -9.70 13.77
CA ASN K 210 -63.59 -8.47 14.15
C ASN K 210 -65.04 -8.73 14.51
N GLN K 211 -65.57 -9.87 14.08
CA GLN K 211 -66.96 -10.25 14.34
C GLN K 211 -67.04 -11.64 14.96
N THR K 212 -66.25 -11.88 16.00
CA THR K 212 -66.29 -13.15 16.76
C THR K 212 -67.67 -13.44 17.35
N GLY L 46 51.40 18.11 30.64
CA GLY L 46 51.20 18.09 29.22
C GLY L 46 49.87 18.69 28.79
N TRP L 47 48.79 17.93 28.96
CA TRP L 47 47.46 18.40 28.61
C TRP L 47 46.92 19.39 29.64
N LEU L 48 47.52 19.44 30.82
CA LEU L 48 46.91 20.15 31.94
C LEU L 48 47.00 21.66 31.78
N LYS L 49 47.95 22.14 30.97
CA LYS L 49 47.97 23.55 30.61
C LYS L 49 46.99 23.88 29.49
N GLU L 50 46.41 22.86 28.85
CA GLU L 50 45.49 23.04 27.74
C GLU L 50 44.05 23.11 28.22
N ILE L 51 43.70 22.32 29.24
CA ILE L 51 42.34 22.35 29.78
C ILE L 51 42.07 23.68 30.47
N ARG L 52 42.97 24.09 31.36
CA ARG L 52 42.76 25.31 32.14
C ARG L 52 42.89 26.58 31.33
N LYS L 53 43.30 26.49 30.06
CA LYS L 53 43.19 27.62 29.16
C LYS L 53 41.85 27.65 28.46
N LEU L 54 41.27 26.49 28.17
CA LEU L 54 40.03 26.42 27.42
C LEU L 54 38.78 26.51 28.28
N GLN L 55 38.88 26.19 29.57
CA GLN L 55 37.78 26.43 30.49
C GLN L 55 37.81 27.84 31.07
N LYS L 56 38.60 28.72 30.49
CA LYS L 56 38.63 30.13 30.85
C LYS L 56 38.03 31.02 29.78
N SER L 57 38.35 30.78 28.52
CA SER L 57 37.85 31.60 27.44
C SER L 57 36.39 31.26 27.14
N THR L 58 35.82 31.97 26.17
CA THR L 58 34.42 31.81 25.84
C THR L 58 34.12 31.76 24.35
N HIS L 59 35.12 31.89 23.48
CA HIS L 59 34.87 32.00 22.06
C HIS L 59 34.49 30.65 21.46
N LEU L 60 34.05 30.70 20.21
CA LEU L 60 33.63 29.50 19.50
C LEU L 60 34.84 28.64 19.13
N LEU L 61 34.60 27.33 19.06
CA LEU L 61 35.65 26.37 18.77
C LEU L 61 35.52 25.78 17.38
N ILE L 62 34.33 25.33 17.01
CA ILE L 62 34.06 24.95 15.64
C ILE L 62 34.03 26.21 14.78
N ARG L 63 34.78 26.20 13.68
CA ARG L 63 34.88 27.37 12.83
C ARG L 63 33.56 27.64 12.10
N LYS L 64 33.33 28.91 11.78
CA LYS L 64 32.00 29.36 11.38
C LYS L 64 31.63 28.85 9.99
N LEU L 65 32.54 28.88 9.04
CA LEU L 65 32.25 28.48 7.68
C LEU L 65 32.03 26.97 7.48
N PRO L 66 32.79 26.05 8.10
CA PRO L 66 32.40 24.63 7.96
C PRO L 66 31.06 24.31 8.60
N PHE L 67 30.74 24.93 9.73
CA PHE L 67 29.45 24.69 10.35
C PHE L 67 28.32 25.29 9.53
N SER L 68 28.58 26.41 8.85
CA SER L 68 27.58 26.98 7.96
C SER L 68 27.34 26.08 6.75
N ARG L 69 28.41 25.52 6.18
CA ARG L 69 28.22 24.61 5.05
C ARG L 69 27.54 23.32 5.47
N LEU L 70 27.79 22.85 6.69
CA LEU L 70 27.10 21.65 7.18
C LEU L 70 25.61 21.92 7.39
N ALA L 71 25.27 23.10 7.93
CA ALA L 71 23.86 23.42 8.13
C ALA L 71 23.13 23.62 6.81
N ARG L 72 23.79 24.26 5.83
CA ARG L 72 23.16 24.41 4.52
C ARG L 72 23.09 23.09 3.76
N GLU L 73 23.92 22.12 4.10
CA GLU L 73 23.79 20.78 3.52
C GLU L 73 22.60 20.05 4.11
N ILE L 74 22.50 20.04 5.44
CA ILE L 74 21.45 19.25 6.09
C ILE L 74 20.08 19.89 5.90
N CYS L 75 20.02 21.21 5.77
CA CYS L 75 18.74 21.90 5.63
C CYS L 75 18.07 21.62 4.30
N VAL L 76 18.84 21.41 3.23
CA VAL L 76 18.24 21.28 1.90
C VAL L 76 17.62 19.90 1.68
N LYS L 77 17.87 18.95 2.57
CA LYS L 77 17.26 17.64 2.47
C LYS L 77 15.88 17.59 3.12
N PHE L 78 15.62 18.44 4.11
CA PHE L 78 14.37 18.44 4.84
C PHE L 78 13.41 19.52 4.38
N THR L 79 13.54 19.99 3.15
CA THR L 79 12.65 21.01 2.64
C THR L 79 12.27 20.79 1.17
N ARG L 80 12.52 19.59 0.66
CA ARG L 80 12.23 19.19 -0.72
C ARG L 80 12.98 20.05 -1.73
N GLY L 81 14.28 20.19 -1.52
CA GLY L 81 15.16 20.77 -2.51
C GLY L 81 15.01 22.26 -2.71
N VAL L 82 14.79 23.01 -1.62
CA VAL L 82 14.62 24.45 -1.66
C VAL L 82 15.76 25.09 -0.88
N ASP L 83 16.34 26.15 -1.42
CA ASP L 83 17.33 26.87 -0.65
C ASP L 83 16.64 27.75 0.40
N PHE L 84 17.43 28.27 1.32
CA PHE L 84 16.93 29.26 2.26
C PHE L 84 17.98 30.34 2.40
N ASN L 85 17.72 31.27 3.30
CA ASN L 85 18.62 32.38 3.57
C ASN L 85 18.67 32.52 5.09
N TRP L 86 19.66 31.90 5.70
CA TRP L 86 19.88 32.06 7.13
C TRP L 86 20.28 33.49 7.43
N GLN L 87 19.64 34.10 8.42
CA GLN L 87 20.20 35.32 8.97
C GLN L 87 21.54 35.04 9.62
N ALA L 88 22.42 36.04 9.61
CA ALA L 88 23.75 35.92 10.19
C ALA L 88 23.74 35.79 11.71
N GLN L 89 22.58 35.93 12.35
CA GLN L 89 22.46 35.75 13.78
C GLN L 89 22.09 34.32 14.16
N ALA L 90 21.30 33.63 13.32
CA ALA L 90 20.75 32.33 13.72
C ALA L 90 21.78 31.23 13.70
N LEU L 91 22.79 31.34 12.82
CA LEU L 91 23.85 30.33 12.78
C LEU L 91 24.65 30.35 14.06
N LEU L 92 24.79 31.52 14.69
CA LEU L 92 25.37 31.59 16.02
C LEU L 92 24.52 30.84 17.04
N ALA L 93 23.20 30.87 16.88
CA ALA L 93 22.34 30.18 17.83
C ALA L 93 22.46 28.66 17.67
N LEU L 94 22.47 28.19 16.43
CA LEU L 94 22.75 26.77 16.16
C LEU L 94 24.09 26.34 16.74
N GLN L 95 25.13 27.16 16.53
CA GLN L 95 26.46 26.75 16.94
C GLN L 95 26.61 26.78 18.45
N GLU L 96 25.94 27.72 19.13
CA GLU L 96 25.99 27.76 20.58
C GLU L 96 25.23 26.60 21.19
N ALA L 97 24.08 26.23 20.62
CA ALA L 97 23.36 25.08 21.12
C ALA L 97 24.12 23.78 20.87
N ALA L 98 24.79 23.69 19.71
CA ALA L 98 25.55 22.49 19.40
C ALA L 98 26.77 22.35 20.31
N GLU L 99 27.45 23.47 20.60
CA GLU L 99 28.58 23.42 21.52
C GLU L 99 28.15 23.07 22.93
N ALA L 100 27.04 23.66 23.40
CA ALA L 100 26.58 23.36 24.76
C ALA L 100 26.14 21.90 24.89
N PHE L 101 25.46 21.38 23.86
CA PHE L 101 25.03 19.98 23.89
C PHE L 101 26.21 19.03 23.85
N LEU L 102 27.21 19.30 23.02
CA LEU L 102 28.36 18.41 22.95
C LEU L 102 29.22 18.49 24.22
N VAL L 103 29.33 19.67 24.83
CA VAL L 103 30.15 19.77 26.03
C VAL L 103 29.47 19.07 27.20
N HIS L 104 28.15 19.21 27.34
CA HIS L 104 27.44 18.49 28.38
C HIS L 104 27.47 16.97 28.13
N LEU L 105 27.41 16.58 26.85
CA LEU L 105 27.46 15.16 26.51
C LEU L 105 28.83 14.55 26.82
N PHE L 106 29.91 15.24 26.48
CA PHE L 106 31.23 14.68 26.79
C PHE L 106 31.54 14.75 28.27
N GLU L 107 30.98 15.72 29.01
CA GLU L 107 31.10 15.67 30.46
C GLU L 107 30.42 14.44 31.04
N ASP L 108 29.23 14.11 30.56
CA ASP L 108 28.56 12.95 31.13
C ASP L 108 29.23 11.65 30.69
N ALA L 109 29.73 11.61 29.45
CA ALA L 109 30.45 10.45 28.98
C ALA L 109 31.74 10.24 29.76
N TYR L 110 32.44 11.33 30.08
CA TYR L 110 33.65 11.18 30.88
C TYR L 110 33.32 10.81 32.32
N LEU L 111 32.17 11.23 32.82
CA LEU L 111 31.71 10.71 34.11
C LEU L 111 31.46 9.21 34.04
N LEU L 112 31.05 8.71 32.88
CA LEU L 112 30.94 7.26 32.74
C LEU L 112 32.30 6.58 32.66
N THR L 113 33.29 7.23 32.05
CA THR L 113 34.58 6.57 31.85
C THR L 113 35.36 6.36 33.14
N LEU L 114 35.19 7.26 34.12
CA LEU L 114 35.87 7.07 35.40
C LEU L 114 35.22 6.01 36.27
N HIS L 115 34.04 5.54 35.89
CA HIS L 115 33.38 4.50 36.67
C HIS L 115 34.01 3.14 36.42
N ALA L 116 34.36 2.84 35.17
CA ALA L 116 34.84 1.54 34.79
C ALA L 116 36.36 1.41 34.88
N GLY L 117 37.03 2.31 35.59
CA GLY L 117 38.46 2.27 35.73
C GLY L 117 39.23 2.86 34.57
N ARG L 118 38.56 3.24 33.48
CA ARG L 118 39.23 3.80 32.33
C ARG L 118 39.67 5.23 32.61
N VAL L 119 40.48 5.75 31.70
CA VAL L 119 40.70 7.19 31.55
C VAL L 119 40.36 7.51 30.10
N THR L 120 40.55 6.53 29.23
CA THR L 120 40.30 6.68 27.81
C THR L 120 38.81 6.68 27.55
N LEU L 121 38.37 7.47 26.57
CA LEU L 121 36.95 7.64 26.26
C LEU L 121 36.62 6.87 24.99
N PHE L 122 36.14 5.64 25.15
CA PHE L 122 35.83 4.76 24.03
C PHE L 122 34.46 5.08 23.43
N PRO L 123 34.19 4.62 22.20
CA PRO L 123 32.83 4.81 21.64
C PRO L 123 31.75 3.96 22.28
N LYS L 124 32.10 3.00 23.14
CA LYS L 124 31.09 2.36 23.97
C LYS L 124 30.53 3.32 24.99
N ASP L 125 31.28 4.36 25.35
CA ASP L 125 30.86 5.28 26.41
C ASP L 125 29.86 6.31 25.88
N VAL L 126 30.04 6.78 24.65
CA VAL L 126 29.15 7.82 24.14
C VAL L 126 27.80 7.25 23.76
N GLN L 127 27.77 6.05 23.18
CA GLN L 127 26.50 5.43 22.83
C GLN L 127 25.73 4.87 24.03
N LEU L 128 26.26 4.99 25.24
CA LEU L 128 25.54 4.60 26.44
C LEU L 128 25.02 5.79 27.21
N ALA L 129 25.69 6.94 27.13
CA ALA L 129 25.21 8.16 27.78
C ALA L 129 24.12 8.86 27.00
N ARG L 130 23.60 8.26 25.93
CA ARG L 130 22.40 8.76 25.27
C ARG L 130 21.18 7.91 25.57
N ARG L 131 21.35 6.63 25.83
CA ARG L 131 20.21 5.78 26.16
C ARG L 131 19.77 6.00 27.60
N ILE L 132 20.69 6.37 28.49
CA ILE L 132 20.31 6.69 29.85
C ILE L 132 19.54 8.01 29.89
N ARG L 133 20.00 9.00 29.14
CA ARG L 133 19.35 10.30 29.17
C ARG L 133 18.01 10.29 28.42
N GLY L 134 17.90 9.47 27.38
CA GLY L 134 16.65 9.35 26.65
C GLY L 134 16.34 10.53 25.75
N ARG M 24 34.04 18.13 -0.76
CA ARG M 24 33.47 16.86 -1.19
C ARG M 24 33.26 15.94 0.01
N ASP M 25 33.84 16.31 1.15
CA ASP M 25 33.77 15.49 2.34
C ASP M 25 32.55 15.82 3.19
N ASN M 26 32.24 17.11 3.34
CA ASN M 26 30.96 17.67 3.74
C ASN M 26 30.59 17.48 5.20
N ILE M 27 31.33 16.68 5.95
CA ILE M 27 31.12 16.60 7.38
C ILE M 27 32.49 16.65 8.03
N GLN M 28 33.54 16.56 7.21
CA GLN M 28 34.90 16.67 7.71
C GLN M 28 35.33 18.11 7.91
N GLY M 29 34.42 19.08 7.71
CA GLY M 29 34.66 20.41 8.21
C GLY M 29 34.77 20.43 9.73
N ILE M 30 34.03 19.56 10.40
CA ILE M 30 34.38 19.16 11.75
C ILE M 30 35.70 18.42 11.67
N THR M 31 36.75 18.96 12.30
CA THR M 31 38.08 18.44 12.07
C THR M 31 38.44 17.39 13.11
N LYS M 32 39.61 16.83 12.95
CA LYS M 32 40.18 15.93 13.95
C LYS M 32 40.59 16.64 15.25
N PRO M 33 41.06 17.89 15.28
CA PRO M 33 41.23 18.55 16.58
C PRO M 33 40.09 19.43 17.07
N ALA M 34 39.07 19.73 16.27
CA ALA M 34 37.95 20.50 16.82
C ALA M 34 37.17 19.67 17.83
N ILE M 35 37.03 18.38 17.54
CA ILE M 35 36.50 17.44 18.51
C ILE M 35 37.42 17.36 19.72
N ARG M 36 38.72 17.51 19.50
CA ARG M 36 39.65 17.52 20.62
C ARG M 36 39.49 18.78 21.46
N ARG M 37 39.23 19.93 20.84
CA ARG M 37 38.97 21.13 21.63
C ARG M 37 37.67 21.03 22.43
N LEU M 38 36.63 20.42 21.84
CA LEU M 38 35.41 20.24 22.61
C LEU M 38 35.59 19.24 23.74
N ALA M 39 36.42 18.24 23.55
CA ALA M 39 36.68 17.30 24.63
C ALA M 39 37.56 17.90 25.71
N ARG M 40 38.43 18.85 25.36
CA ARG M 40 39.21 19.52 26.39
C ARG M 40 38.34 20.49 27.18
N ARG M 41 37.38 21.13 26.51
CA ARG M 41 36.43 21.97 27.25
C ARG M 41 35.57 21.12 28.17
N GLY M 42 35.19 19.92 27.71
CA GLY M 42 34.45 19.02 28.57
C GLY M 42 35.28 18.47 29.71
N GLY M 43 36.60 18.40 29.54
CA GLY M 43 37.44 17.89 30.59
C GLY M 43 37.73 16.41 30.47
N VAL M 44 38.21 16.00 29.30
CA VAL M 44 38.57 14.61 29.05
C VAL M 44 40.07 14.57 28.78
N LYS M 45 40.77 13.67 29.47
CA LYS M 45 42.22 13.68 29.40
C LYS M 45 42.76 13.05 28.12
N ARG M 46 42.12 11.98 27.63
CA ARG M 46 42.71 11.22 26.55
C ARG M 46 41.61 10.58 25.72
N ILE M 47 41.32 11.19 24.56
CA ILE M 47 40.36 10.65 23.62
C ILE M 47 40.88 9.35 23.04
N SER M 48 39.98 8.42 22.75
CA SER M 48 40.29 7.24 21.96
C SER M 48 40.28 7.55 20.47
N GLY M 49 40.11 6.51 19.67
CA GLY M 49 40.27 6.52 18.24
C GLY M 49 38.94 6.83 17.58
N LEU M 50 38.10 5.82 17.36
CA LEU M 50 36.88 5.90 16.58
C LEU M 50 35.81 6.91 17.04
N ILE M 51 36.08 7.64 18.14
CA ILE M 51 35.28 8.80 18.55
C ILE M 51 35.16 9.81 17.42
N TYR M 52 36.23 9.97 16.64
CA TYR M 52 36.22 10.84 15.48
C TYR M 52 35.21 10.40 14.43
N GLU M 53 34.88 9.11 14.39
CA GLU M 53 33.81 8.63 13.53
C GLU M 53 32.46 8.51 14.24
N GLU M 54 32.43 8.69 15.57
CA GLU M 54 31.18 8.56 16.31
C GLU M 54 30.49 9.91 16.49
N THR M 55 31.24 10.93 16.90
CA THR M 55 30.67 12.24 17.18
C THR M 55 30.11 12.87 15.91
N ARG M 56 30.77 12.64 14.78
CA ARG M 56 30.26 13.07 13.48
C ARG M 56 28.92 12.46 13.14
N GLY M 57 28.57 11.31 13.73
CA GLY M 57 27.20 10.86 13.65
C GLY M 57 26.27 11.71 14.49
N VAL M 58 26.60 11.84 15.79
CA VAL M 58 25.63 12.26 16.81
C VAL M 58 25.18 13.70 16.58
N LEU M 59 26.16 14.60 16.41
CA LEU M 59 25.92 16.00 16.03
C LEU M 59 24.97 16.12 14.86
N LYS M 60 25.19 15.30 13.82
CA LYS M 60 24.36 15.33 12.62
C LYS M 60 22.91 15.04 12.96
N VAL M 61 22.69 14.02 13.80
CA VAL M 61 21.35 13.66 14.22
C VAL M 61 20.70 14.81 14.97
N PHE M 62 21.47 15.45 15.85
CA PHE M 62 20.93 16.55 16.64
C PHE M 62 20.55 17.72 15.75
N LEU M 63 21.34 17.97 14.70
CA LEU M 63 21.03 19.11 13.85
C LEU M 63 19.76 18.87 13.06
N GLU M 64 19.48 17.60 12.74
CA GLU M 64 18.22 17.30 12.07
C GLU M 64 17.05 17.63 12.98
N ASN M 65 17.16 17.25 14.25
CA ASN M 65 16.07 17.53 15.16
C ASN M 65 16.06 18.97 15.65
N VAL M 66 16.89 19.84 15.08
CA VAL M 66 16.63 21.26 15.14
C VAL M 66 16.10 21.77 13.82
N ILE M 67 16.75 21.38 12.71
CA ILE M 67 16.53 22.09 11.46
C ILE M 67 15.20 21.68 10.85
N ARG M 68 14.88 20.38 10.89
CA ARG M 68 13.54 19.94 10.53
C ARG M 68 12.48 20.53 11.44
N ASP M 69 12.84 20.82 12.68
CA ASP M 69 11.92 21.49 13.58
C ASP M 69 11.96 23.00 13.41
N ALA M 70 12.98 23.54 12.74
CA ALA M 70 13.06 24.99 12.54
C ALA M 70 12.69 25.42 11.14
N VAL M 71 12.73 24.51 10.17
CA VAL M 71 12.27 24.83 8.83
C VAL M 71 10.74 24.82 8.77
N THR M 72 10.09 24.24 9.78
CA THR M 72 8.63 24.18 9.78
C THR M 72 8.02 25.54 10.09
N TYR M 73 8.50 26.19 11.16
CA TYR M 73 7.95 27.49 11.57
C TYR M 73 8.12 28.53 10.49
N THR M 74 9.30 28.61 9.89
CA THR M 74 9.50 29.55 8.79
C THR M 74 8.76 29.13 7.53
N GLU M 75 8.33 27.87 7.42
CA GLU M 75 7.44 27.54 6.31
C GLU M 75 6.05 28.08 6.56
N HIS M 76 5.65 28.18 7.83
CA HIS M 76 4.29 28.57 8.13
C HIS M 76 4.06 30.06 7.95
N ALA M 77 5.06 30.90 8.18
CA ALA M 77 4.88 32.33 8.09
C ALA M 77 5.20 32.90 6.72
N LYS M 78 5.29 32.04 5.69
CA LYS M 78 5.56 32.43 4.29
C LYS M 78 6.86 33.21 4.15
N ARG M 79 7.90 32.75 4.83
CA ARG M 79 9.18 33.43 4.82
C ARG M 79 10.27 32.47 4.36
N LYS M 80 11.04 32.87 3.36
CA LYS M 80 12.22 32.10 2.96
C LYS M 80 13.43 32.37 3.84
N THR M 81 13.30 33.22 4.85
CA THR M 81 14.40 33.59 5.72
C THR M 81 14.21 32.91 7.07
N VAL M 82 15.23 32.17 7.50
CA VAL M 82 15.17 31.43 8.76
C VAL M 82 15.79 32.33 9.82
N THR M 83 14.95 33.05 10.55
CA THR M 83 15.45 34.02 11.52
C THR M 83 15.95 33.33 12.78
N ALA M 84 16.49 34.13 13.70
CA ALA M 84 16.99 33.59 14.95
C ALA M 84 15.88 33.14 15.87
N MET M 85 14.74 33.84 15.83
CA MET M 85 13.60 33.51 16.68
C MET M 85 13.04 32.13 16.37
N ASP M 86 13.16 31.70 15.13
CA ASP M 86 12.68 30.37 14.75
C ASP M 86 13.52 29.28 15.38
N VAL M 87 14.85 29.45 15.39
CA VAL M 87 15.72 28.47 16.01
C VAL M 87 15.56 28.51 17.52
N VAL M 88 15.33 29.69 18.09
CA VAL M 88 15.09 29.80 19.53
C VAL M 88 13.79 29.08 19.92
N TYR M 89 12.75 29.22 19.10
CA TYR M 89 11.49 28.53 19.38
C TYR M 89 11.63 27.02 19.22
N ALA M 90 12.39 26.57 18.22
CA ALA M 90 12.58 25.13 18.03
C ALA M 90 13.38 24.52 19.16
N LEU M 91 14.41 25.23 19.63
CA LEU M 91 15.18 24.76 20.77
C LEU M 91 14.38 24.80 22.06
N LYS M 92 13.45 25.75 22.18
CA LYS M 92 12.58 25.77 23.35
C LYS M 92 11.60 24.61 23.31
N ARG M 93 11.17 24.23 22.11
CA ARG M 93 10.22 23.13 21.99
C ARG M 93 10.90 21.78 22.22
N GLN M 94 12.17 21.65 21.81
CA GLN M 94 12.92 20.43 22.10
C GLN M 94 13.13 20.23 23.59
N GLY M 95 13.24 21.31 24.34
CA GLY M 95 13.48 21.25 25.77
C GLY M 95 14.74 21.97 26.21
N ARG M 96 15.66 22.23 25.30
CA ARG M 96 16.94 22.85 25.62
C ARG M 96 16.79 24.34 25.32
N THR M 97 16.35 25.09 26.33
CA THR M 97 16.03 26.50 26.15
C THR M 97 17.31 27.32 25.96
N LEU M 98 17.32 28.17 24.94
CA LEU M 98 18.44 29.08 24.68
C LEU M 98 17.99 30.50 24.97
N TYR M 99 18.82 31.25 25.68
CA TYR M 99 18.45 32.62 26.04
C TYR M 99 19.07 33.66 25.13
N GLY M 100 20.40 33.67 25.04
CA GLY M 100 21.17 34.83 24.63
C GLY M 100 20.86 35.56 23.33
N PHE M 101 20.07 34.98 22.45
CA PHE M 101 19.76 35.63 21.20
C PHE M 101 18.29 35.99 21.14
N GLY M 102 17.93 36.71 20.09
CA GLY M 102 16.57 37.18 19.92
C GLY M 102 16.48 38.35 18.97
N ALA N 15 -30.87 18.09 12.32
CA ALA N 15 -31.47 17.23 11.31
C ALA N 15 -30.39 16.53 10.50
N LYS N 16 -29.14 16.90 10.74
CA LYS N 16 -28.01 16.33 10.03
C LYS N 16 -26.77 16.46 10.90
N SER N 17 -26.01 15.38 11.02
CA SER N 17 -24.89 15.33 11.94
C SER N 17 -23.63 15.90 11.32
N ARG N 18 -22.75 16.43 12.17
CA ARG N 18 -21.49 17.01 11.72
C ARG N 18 -20.48 15.94 11.36
N SER N 19 -20.40 14.87 12.16
CA SER N 19 -19.51 13.77 11.84
C SER N 19 -19.94 13.01 10.59
N SER N 20 -21.24 13.06 10.27
CA SER N 20 -21.73 12.41 9.06
C SER N 20 -21.33 13.18 7.81
N ARG N 21 -21.30 14.52 7.88
CA ARG N 21 -20.66 15.26 6.80
C ARG N 21 -19.17 15.01 6.79
N ALA N 22 -18.57 14.88 7.98
CA ALA N 22 -17.13 14.68 8.08
C ALA N 22 -16.70 13.28 7.64
N GLY N 23 -17.62 12.32 7.63
CA GLY N 23 -17.24 10.96 7.32
C GLY N 23 -16.35 10.33 8.38
N LEU N 24 -16.50 10.77 9.62
CA LEU N 24 -15.62 10.38 10.70
C LEU N 24 -16.42 9.65 11.77
N GLN N 25 -15.79 9.41 12.91
CA GLN N 25 -16.48 8.83 14.05
C GLN N 25 -16.35 9.65 15.33
N PHE N 26 -15.23 10.33 15.55
CA PHE N 26 -15.12 11.25 16.67
C PHE N 26 -16.02 12.46 16.43
N PRO N 27 -16.51 13.10 17.49
CA PRO N 27 -17.41 14.24 17.31
C PRO N 27 -16.68 15.47 16.82
N VAL N 28 -17.46 16.44 16.36
CA VAL N 28 -16.95 17.69 15.85
C VAL N 28 -17.43 18.88 16.68
N GLY N 29 -18.70 18.88 17.07
CA GLY N 29 -19.22 19.97 17.86
C GLY N 29 -18.64 20.01 19.26
N ARG N 30 -18.30 18.85 19.82
CA ARG N 30 -17.73 18.83 21.17
C ARG N 30 -16.30 19.36 21.16
N VAL N 31 -15.52 19.01 20.14
CA VAL N 31 -14.16 19.52 20.01
C VAL N 31 -14.17 21.02 19.77
N HIS N 32 -15.12 21.51 18.97
CA HIS N 32 -15.26 22.94 18.73
C HIS N 32 -15.69 23.67 20.00
N ARG N 33 -16.54 23.02 20.81
CA ARG N 33 -16.95 23.63 22.07
C ARG N 33 -15.78 23.73 23.04
N LEU N 34 -14.96 22.68 23.12
CA LEU N 34 -13.79 22.73 23.99
C LEU N 34 -12.75 23.71 23.48
N LEU N 35 -12.64 23.85 22.16
CA LEU N 35 -11.62 24.74 21.62
C LEU N 35 -12.07 26.19 21.70
N ARG N 36 -13.36 26.46 21.86
CA ARG N 36 -13.75 27.82 22.22
C ARG N 36 -13.62 28.05 23.73
N LYS N 37 -14.13 27.13 24.54
CA LYS N 37 -14.15 27.33 25.99
C LYS N 37 -12.79 27.13 26.65
N GLY N 38 -11.80 26.60 25.94
CA GLY N 38 -10.51 26.42 26.54
C GLY N 38 -9.65 27.66 26.59
N ASN N 39 -10.08 28.74 25.92
CA ASN N 39 -9.30 29.96 25.72
C ASN N 39 -7.94 29.67 25.12
N TYR N 40 -7.95 29.13 23.91
CA TYR N 40 -6.73 28.95 23.14
C TYR N 40 -6.51 30.06 22.14
N ALA N 41 -7.59 30.57 21.53
CA ALA N 41 -7.52 31.79 20.75
C ALA N 41 -8.89 32.44 20.78
N GLU N 42 -8.92 33.74 20.50
CA GLU N 42 -10.16 34.49 20.54
C GLU N 42 -11.01 34.30 19.30
N ARG N 43 -10.57 33.52 18.34
CA ARG N 43 -11.33 33.30 17.12
C ARG N 43 -10.98 31.90 16.61
N VAL N 44 -12.00 31.10 16.33
CA VAL N 44 -11.82 29.71 15.94
C VAL N 44 -12.31 29.55 14.52
N GLY N 45 -11.42 29.13 13.63
CA GLY N 45 -11.82 28.83 12.27
C GLY N 45 -12.70 27.61 12.19
N ALA N 46 -13.55 27.57 11.16
CA ALA N 46 -14.57 26.53 11.08
C ALA N 46 -13.98 25.18 10.67
N GLY N 47 -13.02 25.18 9.74
CA GLY N 47 -12.47 23.93 9.26
C GLY N 47 -11.49 23.23 10.19
N ALA N 48 -11.11 23.89 11.29
CA ALA N 48 -10.08 23.34 12.16
C ALA N 48 -10.52 22.09 12.94
N PRO N 49 -11.63 22.05 13.70
CA PRO N 49 -11.85 20.88 14.55
C PRO N 49 -12.22 19.62 13.79
N VAL N 50 -12.66 19.73 12.54
CA VAL N 50 -12.88 18.54 11.71
C VAL N 50 -11.56 17.85 11.43
N TYR N 51 -10.56 18.64 10.99
CA TYR N 51 -9.20 18.15 10.79
C TYR N 51 -8.62 17.57 12.07
N LEU N 52 -8.84 18.26 13.19
CA LEU N 52 -8.27 17.80 14.46
C LEU N 52 -8.92 16.49 14.91
N ALA N 53 -10.23 16.37 14.71
CA ALA N 53 -10.92 15.13 15.06
C ALA N 53 -10.49 13.99 14.16
N ALA N 54 -10.20 14.27 12.89
CA ALA N 54 -9.69 13.22 12.02
C ALA N 54 -8.31 12.75 12.45
N VAL N 55 -7.47 13.68 12.92
CA VAL N 55 -6.13 13.31 13.42
C VAL N 55 -6.26 12.45 14.68
N LEU N 56 -7.15 12.83 15.58
CA LEU N 56 -7.36 12.04 16.79
C LEU N 56 -7.92 10.66 16.48
N GLU N 57 -8.82 10.58 15.49
CA GLU N 57 -9.37 9.30 15.07
C GLU N 57 -8.30 8.40 14.49
N TYR N 58 -7.39 8.97 13.69
CA TYR N 58 -6.32 8.14 13.12
C TYR N 58 -5.35 7.65 14.19
N LEU N 59 -5.07 8.49 15.19
CA LEU N 59 -4.16 8.06 16.25
C LEU N 59 -4.76 6.94 17.10
N THR N 60 -6.03 7.11 17.50
CA THR N 60 -6.70 6.06 18.29
C THR N 60 -6.89 4.80 17.47
N ALA N 61 -7.14 4.94 16.16
CA ALA N 61 -7.30 3.78 15.30
C ALA N 61 -5.99 3.03 15.15
N GLU N 62 -4.88 3.75 15.05
CA GLU N 62 -3.56 3.11 14.96
C GLU N 62 -3.22 2.36 16.24
N ILE N 63 -3.46 2.97 17.40
CA ILE N 63 -3.02 2.29 18.61
C ILE N 63 -3.96 1.14 18.96
N LEU N 64 -5.25 1.23 18.64
CA LEU N 64 -6.13 0.09 18.89
C LEU N 64 -5.92 -1.02 17.86
N GLU N 65 -5.55 -0.66 16.63
CA GLU N 65 -5.21 -1.65 15.63
C GLU N 65 -3.94 -2.41 16.00
N LEU N 66 -3.00 -1.73 16.66
CA LEU N 66 -1.84 -2.45 17.16
C LEU N 66 -2.14 -3.22 18.43
N ALA N 67 -3.14 -2.78 19.21
CA ALA N 67 -3.45 -3.47 20.45
C ALA N 67 -4.21 -4.77 20.22
N GLY N 68 -5.13 -4.78 19.24
CA GLY N 68 -5.97 -5.94 19.03
C GLY N 68 -5.22 -7.16 18.54
N ASN N 69 -4.13 -6.94 17.79
CA ASN N 69 -3.31 -8.05 17.33
C ASN N 69 -2.61 -8.74 18.49
N ALA N 70 -2.08 -7.94 19.43
CA ALA N 70 -1.49 -8.52 20.63
C ALA N 70 -2.56 -9.11 21.55
N ALA N 71 -3.78 -8.61 21.47
CA ALA N 71 -4.87 -9.20 22.24
C ALA N 71 -5.22 -10.60 21.73
N ARG N 72 -5.29 -10.76 20.41
CA ARG N 72 -5.49 -12.10 19.85
C ARG N 72 -4.25 -12.97 19.98
N ASP N 73 -3.09 -12.36 20.14
CA ASP N 73 -1.86 -13.12 20.35
C ASP N 73 -1.86 -13.84 21.69
N ASN N 74 -2.51 -13.26 22.70
CA ASN N 74 -2.61 -13.86 24.03
C ASN N 74 -3.92 -14.63 24.20
N LYS N 75 -4.60 -14.95 23.08
CA LYS N 75 -5.85 -15.72 23.04
C LYS N 75 -6.95 -15.07 23.87
N LYS N 76 -7.04 -13.74 23.78
CA LYS N 76 -8.03 -12.97 24.52
C LYS N 76 -8.81 -12.09 23.56
N THR N 77 -9.99 -11.67 24.00
CA THR N 77 -10.80 -10.74 23.23
C THR N 77 -11.17 -9.50 24.02
N ARG N 78 -10.72 -9.37 25.26
CA ARG N 78 -11.03 -8.23 26.09
C ARG N 78 -9.74 -7.49 26.40
N ILE N 79 -9.67 -6.22 26.02
CA ILE N 79 -8.44 -5.44 26.12
C ILE N 79 -8.18 -5.06 27.57
N ILE N 80 -7.03 -5.46 28.09
CA ILE N 80 -6.55 -5.10 29.42
C ILE N 80 -5.42 -4.10 29.20
N PRO N 81 -5.00 -3.32 30.21
CA PRO N 81 -3.95 -2.32 29.98
C PRO N 81 -2.59 -2.88 29.59
N ARG N 82 -2.30 -4.14 29.91
CA ARG N 82 -1.04 -4.77 29.51
C ARG N 82 -0.91 -4.82 28.00
N HIS N 83 -2.01 -5.01 27.30
CA HIS N 83 -1.99 -5.05 25.84
C HIS N 83 -1.66 -3.68 25.27
N LEU N 84 -2.20 -2.62 25.88
CA LEU N 84 -1.87 -1.26 25.45
C LEU N 84 -0.41 -0.93 25.75
N GLN N 85 0.10 -1.40 26.88
CA GLN N 85 1.51 -1.21 27.23
C GLN N 85 2.42 -1.85 26.20
N LEU N 86 2.11 -3.10 25.81
CA LEU N 86 2.92 -3.78 24.81
C LEU N 86 2.80 -3.15 23.43
N ALA N 87 1.59 -2.72 23.07
CA ALA N 87 1.40 -2.12 21.74
C ALA N 87 2.02 -0.75 21.65
N ILE N 88 2.19 -0.05 22.77
CA ILE N 88 2.96 1.18 22.76
C ILE N 88 4.45 0.89 22.68
N ARG N 89 4.95 0.00 23.56
CA ARG N 89 6.40 -0.13 23.69
C ARG N 89 7.06 -0.92 22.57
N ASN N 90 6.33 -1.82 21.90
CA ASN N 90 6.96 -2.56 20.81
C ASN N 90 7.09 -1.72 19.55
N ASP N 91 6.11 -0.88 19.25
CA ASP N 91 6.20 -0.02 18.08
C ASP N 91 7.19 1.10 18.31
N GLU N 92 7.90 1.48 17.25
CA GLU N 92 8.99 2.45 17.38
C GLU N 92 8.47 3.88 17.48
N GLU N 93 7.59 4.25 16.56
CA GLU N 93 7.19 5.65 16.45
C GLU N 93 6.24 6.07 17.57
N LEU N 94 5.41 5.15 18.05
CA LEU N 94 4.60 5.46 19.22
C LEU N 94 5.45 5.54 20.48
N ASN N 95 6.53 4.75 20.55
CA ASN N 95 7.49 4.91 21.64
C ASN N 95 8.19 6.24 21.55
N LYS N 96 8.39 6.76 20.35
CA LYS N 96 8.90 8.12 20.22
C LYS N 96 7.87 9.12 20.71
N LEU N 97 6.58 8.86 20.46
CA LEU N 97 5.55 9.81 20.87
C LEU N 97 5.24 9.71 22.36
N LEU N 98 4.92 8.53 22.85
CA LEU N 98 4.51 8.34 24.23
C LEU N 98 5.70 7.92 25.10
N GLY N 99 6.72 8.77 25.11
CA GLY N 99 7.93 8.46 25.83
C GLY N 99 7.80 8.63 27.32
N ARG N 100 7.38 9.81 27.76
CA ARG N 100 7.28 10.12 29.19
C ARG N 100 5.86 9.89 29.69
N VAL N 101 5.38 8.66 29.52
CA VAL N 101 4.04 8.27 29.98
C VAL N 101 4.14 6.91 30.64
N THR N 102 3.70 6.81 31.88
CA THR N 102 3.61 5.54 32.59
C THR N 102 2.15 5.08 32.56
N ILE N 103 1.86 4.09 31.72
CA ILE N 103 0.52 3.52 31.65
C ILE N 103 0.21 2.82 32.97
N ALA N 104 -0.95 3.13 33.55
CA ALA N 104 -1.35 2.52 34.81
C ALA N 104 -1.63 1.04 34.62
N GLN N 105 -1.30 0.27 35.66
CA GLN N 105 -1.45 -1.19 35.71
C GLN N 105 -0.71 -1.88 34.58
N GLY N 106 0.43 -1.33 34.17
CA GLY N 106 1.02 -1.70 32.91
C GLY N 106 2.11 -2.76 32.96
N GLY N 107 3.05 -2.63 33.88
CA GLY N 107 4.20 -3.50 33.86
C GLY N 107 5.19 -3.08 32.80
N VAL N 108 6.15 -3.96 32.54
CA VAL N 108 7.26 -3.65 31.63
C VAL N 108 7.36 -4.74 30.56
N LEU N 109 8.16 -4.46 29.54
CA LEU N 109 8.47 -5.42 28.49
C LEU N 109 9.27 -6.58 29.04
N PRO N 110 9.21 -7.74 28.38
CA PRO N 110 10.18 -8.79 28.70
C PRO N 110 11.56 -8.43 28.16
N ASN N 111 12.46 -8.04 29.07
CA ASN N 111 13.76 -7.51 28.69
C ASN N 111 14.80 -8.11 29.63
N ILE N 112 15.68 -8.95 29.09
CA ILE N 112 16.69 -9.65 29.87
C ILE N 112 18.05 -9.32 29.27
N GLN N 113 19.01 -8.96 30.14
CA GLN N 113 20.43 -8.77 29.83
C GLN N 113 20.67 -7.65 28.80
N ARG O 34 -23.82 14.10 33.28
CA ARG O 34 -23.54 15.53 33.38
C ARG O 34 -22.05 15.81 33.25
N LYS O 35 -21.25 14.74 33.37
CA LYS O 35 -19.81 14.83 33.25
C LYS O 35 -19.39 13.95 32.07
N GLU O 36 -19.10 14.57 30.95
CA GLU O 36 -18.94 13.84 29.70
C GLU O 36 -17.57 13.16 29.63
N SER O 37 -17.44 12.30 28.63
CA SER O 37 -16.22 11.54 28.38
C SER O 37 -16.20 11.14 26.91
N TYR O 38 -15.24 10.31 26.55
CA TYR O 38 -15.03 9.89 25.17
C TYR O 38 -15.10 8.38 25.04
N SER O 39 -15.95 7.73 25.82
CA SER O 39 -15.98 6.27 25.81
C SER O 39 -16.73 5.73 24.60
N VAL O 40 -17.86 6.35 24.26
CA VAL O 40 -18.74 5.85 23.21
C VAL O 40 -18.05 5.90 21.86
N TYR O 41 -17.27 6.95 21.63
CA TYR O 41 -16.64 7.12 20.32
C TYR O 41 -15.49 6.14 20.12
N VAL O 42 -14.70 5.91 21.18
CA VAL O 42 -13.64 4.90 21.13
C VAL O 42 -14.24 3.52 20.95
N TYR O 43 -15.40 3.28 21.57
CA TYR O 43 -16.08 2.00 21.38
C TYR O 43 -16.56 1.83 19.94
N LYS O 44 -17.03 2.91 19.31
CA LYS O 44 -17.47 2.83 17.92
C LYS O 44 -16.29 2.60 16.98
N VAL O 45 -15.16 3.24 17.24
CA VAL O 45 -13.98 3.02 16.39
C VAL O 45 -13.46 1.60 16.55
N LEU O 46 -13.52 1.07 17.77
CA LEU O 46 -13.06 -0.30 18.01
C LEU O 46 -13.98 -1.32 17.36
N LYS O 47 -15.30 -1.08 17.40
CA LYS O 47 -16.20 -1.97 16.68
C LYS O 47 -16.14 -1.77 15.16
N GLN O 48 -15.60 -0.64 14.71
CA GLN O 48 -15.37 -0.48 13.28
C GLN O 48 -14.18 -1.29 12.81
N VAL O 49 -13.00 -1.07 13.42
CA VAL O 49 -11.78 -1.72 12.92
C VAL O 49 -11.56 -3.11 13.49
N HIS O 50 -12.48 -3.62 14.32
CA HIS O 50 -12.42 -4.97 14.85
C HIS O 50 -13.84 -5.50 15.03
N PRO O 51 -14.08 -6.77 14.72
CA PRO O 51 -15.46 -7.28 14.73
C PRO O 51 -16.09 -7.38 16.11
N ASP O 52 -15.42 -8.03 17.05
CA ASP O 52 -16.05 -8.29 18.34
C ASP O 52 -15.08 -8.18 19.51
N THR O 53 -13.97 -7.48 19.35
CA THR O 53 -12.98 -7.38 20.41
C THR O 53 -13.48 -6.43 21.49
N GLY O 54 -13.86 -6.98 22.64
CA GLY O 54 -14.33 -6.16 23.73
C GLY O 54 -13.20 -5.41 24.41
N ILE O 55 -13.60 -4.40 25.18
CA ILE O 55 -12.66 -3.55 25.91
C ILE O 55 -13.19 -3.36 27.32
N SER O 56 -12.31 -3.48 28.31
CA SER O 56 -12.74 -3.41 29.69
C SER O 56 -13.05 -1.97 30.07
N SER O 57 -13.72 -1.80 31.20
CA SER O 57 -14.10 -0.47 31.66
C SER O 57 -12.95 0.28 32.30
N LYS O 58 -11.82 -0.36 32.52
CA LYS O 58 -10.67 0.37 33.05
C LYS O 58 -9.77 0.88 31.93
N ALA O 59 -9.49 0.03 30.94
CA ALA O 59 -8.61 0.42 29.84
C ALA O 59 -9.22 1.51 29.00
N MET O 60 -10.55 1.52 28.86
CA MET O 60 -11.27 2.62 28.23
C MET O 60 -10.95 3.95 28.92
N GLY O 61 -10.83 3.92 30.25
CA GLY O 61 -10.41 5.11 30.98
C GLY O 61 -9.06 5.63 30.54
N ILE O 62 -8.12 4.71 30.25
CA ILE O 62 -6.83 5.09 29.70
C ILE O 62 -7.00 5.85 28.40
N MET O 63 -7.91 5.38 27.54
CA MET O 63 -8.16 6.06 26.28
C MET O 63 -8.70 7.46 26.49
N ASN O 64 -9.50 7.66 27.55
CA ASN O 64 -9.93 9.01 27.89
C ASN O 64 -8.73 9.89 28.20
N SER O 65 -7.86 9.42 29.09
CA SER O 65 -6.69 10.20 29.42
C SER O 65 -5.64 10.15 28.32
N PHE O 66 -5.86 9.37 27.26
CA PHE O 66 -5.03 9.59 26.09
C PHE O 66 -5.55 10.77 25.30
N VAL O 67 -6.84 10.78 24.99
CA VAL O 67 -7.34 11.69 23.98
C VAL O 67 -7.99 12.92 24.59
N ASN O 68 -7.91 13.06 25.92
CA ASN O 68 -7.95 14.37 26.55
C ASN O 68 -6.57 14.93 26.77
N ASP O 69 -5.54 14.30 26.19
CA ASP O 69 -4.17 14.72 26.33
C ASP O 69 -3.55 15.20 25.03
N ILE O 70 -3.71 14.41 23.96
CA ILE O 70 -3.21 14.81 22.65
C ILE O 70 -3.91 16.08 22.17
N PHE O 71 -5.22 16.15 22.40
CA PHE O 71 -5.97 17.38 22.16
C PHE O 71 -5.47 18.54 23.02
N GLU O 72 -4.91 18.25 24.20
CA GLU O 72 -4.33 19.33 24.97
C GLU O 72 -3.00 19.78 24.36
N ARG O 73 -2.27 18.86 23.72
CA ARG O 73 -1.00 19.27 23.11
C ARG O 73 -1.24 20.08 21.85
N ILE O 74 -1.85 19.44 20.84
CA ILE O 74 -1.94 20.00 19.49
C ILE O 74 -2.74 21.29 19.49
N ALA O 75 -3.99 21.22 19.97
CA ALA O 75 -4.81 22.42 20.09
C ALA O 75 -4.34 23.34 21.22
N GLY O 76 -3.33 22.96 21.98
CA GLY O 76 -2.63 23.94 22.79
C GLY O 76 -1.54 24.58 21.96
N GLU O 77 -0.71 23.74 21.35
CA GLU O 77 0.53 24.22 20.75
C GLU O 77 0.27 25.04 19.49
N ALA O 78 -0.77 24.70 18.73
CA ALA O 78 -1.15 25.51 17.59
C ALA O 78 -1.61 26.89 18.00
N SER O 79 -2.17 27.01 19.21
CA SER O 79 -2.49 28.32 19.77
C SER O 79 -1.24 29.18 19.90
N ARG O 80 -0.11 28.57 20.22
CA ARG O 80 1.16 29.29 20.27
C ARG O 80 1.54 29.82 18.89
N LEU O 81 1.23 29.08 17.84
CA LEU O 81 1.49 29.59 16.50
C LEU O 81 0.49 30.64 16.06
N ALA O 82 -0.56 30.88 16.84
CA ALA O 82 -1.40 32.04 16.60
C ALA O 82 -0.84 33.28 17.29
N HIS O 83 0.24 33.13 18.04
CA HIS O 83 0.82 34.22 18.82
C HIS O 83 2.16 34.68 18.29
N TYR O 84 2.94 33.78 17.68
CA TYR O 84 4.24 34.17 17.15
C TYR O 84 4.09 34.94 15.85
N ASN O 85 3.06 34.65 15.07
CA ASN O 85 2.83 35.31 13.80
C ASN O 85 1.89 36.49 13.93
N LYS O 86 1.46 36.79 15.16
CA LYS O 86 0.60 37.93 15.51
C LYS O 86 -0.73 37.86 14.76
N ARG O 87 -1.43 36.77 15.02
CA ARG O 87 -2.74 36.49 14.46
C ARG O 87 -3.75 36.35 15.59
N SER O 88 -4.97 35.99 15.23
CA SER O 88 -5.98 35.72 16.24
C SER O 88 -6.87 34.53 15.92
N THR O 89 -6.63 33.82 14.83
CA THR O 89 -7.47 32.71 14.42
C THR O 89 -6.72 31.39 14.51
N ILE O 90 -7.47 30.30 14.48
CA ILE O 90 -6.93 28.96 14.34
C ILE O 90 -7.63 28.33 13.15
N THR O 91 -6.97 28.31 12.01
CA THR O 91 -7.52 27.68 10.83
C THR O 91 -6.97 26.27 10.72
N SER O 92 -7.22 25.62 9.59
CA SER O 92 -6.73 24.25 9.41
C SER O 92 -5.23 24.22 9.21
N ARG O 93 -4.64 25.31 8.73
CA ARG O 93 -3.22 25.31 8.41
C ARG O 93 -2.37 25.28 9.67
N GLU O 94 -2.83 25.94 10.73
CA GLU O 94 -2.10 25.94 11.99
C GLU O 94 -2.17 24.58 12.66
N ILE O 95 -3.32 23.90 12.59
CA ILE O 95 -3.43 22.56 13.12
C ILE O 95 -2.58 21.60 12.29
N GLN O 96 -2.48 21.84 10.98
CA GLN O 96 -1.62 21.02 10.12
C GLN O 96 -0.16 21.14 10.52
N THR O 97 0.31 22.37 10.78
CA THR O 97 1.69 22.53 11.22
C THR O 97 1.91 21.98 12.63
N ALA O 98 0.91 22.05 13.50
CA ALA O 98 1.04 21.47 14.83
C ALA O 98 1.13 19.95 14.76
N VAL O 99 0.44 19.33 13.81
CA VAL O 99 0.56 17.89 13.62
C VAL O 99 1.92 17.55 13.02
N ARG O 100 2.42 18.42 12.11
CA ARG O 100 3.77 18.23 11.58
C ARG O 100 4.84 18.32 12.67
N LEU O 101 4.58 19.09 13.72
CA LEU O 101 5.56 19.19 14.80
C LEU O 101 5.40 18.08 15.85
N LEU O 102 4.19 17.85 16.34
CA LEU O 102 3.98 17.01 17.51
C LEU O 102 4.04 15.51 17.23
N LEU O 103 4.31 15.09 16.00
CA LEU O 103 4.33 13.66 15.74
C LEU O 103 5.62 13.27 15.04
N PRO O 104 6.13 12.07 15.29
CA PRO O 104 7.27 11.57 14.51
C PRO O 104 6.85 11.25 13.08
N GLY O 105 7.86 11.00 12.25
CA GLY O 105 7.77 11.06 10.79
C GLY O 105 6.65 10.37 10.05
N GLU O 106 6.63 9.03 10.07
CA GLU O 106 5.67 8.30 9.25
C GLU O 106 4.25 8.46 9.75
N LEU O 107 4.09 8.52 11.07
CA LEU O 107 2.77 8.73 11.67
C LEU O 107 2.25 10.12 11.33
N ALA O 108 3.14 11.11 11.29
CA ALA O 108 2.75 12.46 10.91
C ALA O 108 2.38 12.53 9.43
N LYS O 109 3.10 11.78 8.58
CA LYS O 109 2.77 11.77 7.16
C LYS O 109 1.41 11.15 6.90
N HIS O 110 1.11 10.04 7.59
CA HIS O 110 -0.20 9.42 7.44
C HIS O 110 -1.31 10.32 8.00
N ALA O 111 -1.03 11.02 9.10
CA ALA O 111 -2.05 11.88 9.71
C ALA O 111 -2.35 13.09 8.83
N VAL O 112 -1.32 13.72 8.26
CA VAL O 112 -1.55 14.87 7.41
C VAL O 112 -2.16 14.43 6.08
N SER O 113 -1.91 13.18 5.65
CA SER O 113 -2.56 12.70 4.44
C SER O 113 -4.02 12.36 4.68
N GLU O 114 -4.38 11.99 5.91
CA GLU O 114 -5.76 11.64 6.21
C GLU O 114 -6.61 12.86 6.53
N GLY O 115 -6.01 13.88 7.14
CA GLY O 115 -6.81 15.01 7.60
C GLY O 115 -7.34 15.87 6.46
N THR O 116 -6.51 16.15 5.46
CA THR O 116 -6.99 16.92 4.31
C THR O 116 -7.98 16.11 3.49
N LYS O 117 -7.83 14.78 3.50
CA LYS O 117 -8.83 13.91 2.89
C LYS O 117 -10.17 14.02 3.61
N ALA O 118 -10.15 14.25 4.92
CA ALA O 118 -11.40 14.52 5.63
C ALA O 118 -11.95 15.90 5.30
N VAL O 119 -11.08 16.90 5.22
CA VAL O 119 -11.51 18.29 5.00
C VAL O 119 -12.11 18.48 3.60
N THR O 120 -11.52 17.86 2.58
CA THR O 120 -12.01 18.05 1.21
C THR O 120 -13.41 17.47 1.01
N LYS O 121 -13.74 16.39 1.71
CA LYS O 121 -15.10 15.88 1.62
C LYS O 121 -15.99 16.53 2.67
N TYR O 122 -15.42 17.35 3.55
CA TYR O 122 -16.26 18.23 4.36
C TYR O 122 -16.67 19.49 3.62
N THR O 123 -15.82 20.00 2.72
CA THR O 123 -16.07 21.30 2.10
C THR O 123 -17.24 21.22 1.11
N SER O 124 -17.20 20.26 0.19
CA SER O 124 -18.31 20.01 -0.71
C SER O 124 -19.39 19.22 0.00
N SER O 125 -20.11 19.91 0.89
CA SER O 125 -21.10 19.29 1.75
C SER O 125 -22.33 18.83 0.97
N GLN P 45 19.81 -21.57 40.34
CA GLN P 45 19.05 -20.64 39.51
C GLN P 45 18.04 -19.86 40.34
N GLY P 46 16.77 -20.09 40.08
CA GLY P 46 15.71 -19.39 40.82
C GLY P 46 15.38 -18.00 40.33
N TRP P 47 16.40 -17.14 40.19
CA TRP P 47 16.18 -15.77 39.73
C TRP P 47 15.72 -15.74 38.28
N LEU P 48 16.15 -16.71 37.48
CA LEU P 48 15.74 -16.75 36.07
C LEU P 48 14.27 -17.06 35.93
N LYS P 49 13.69 -17.75 36.91
CA LYS P 49 12.23 -17.93 36.91
C LYS P 49 11.53 -16.70 37.44
N GLU P 50 12.13 -16.00 38.41
CA GLU P 50 11.47 -14.85 39.03
C GLU P 50 11.42 -13.65 38.10
N ILE P 51 12.44 -13.48 37.25
CA ILE P 51 12.41 -12.38 36.28
C ILE P 51 11.35 -12.66 35.22
N ARG P 52 11.21 -13.93 34.82
CA ARG P 52 10.16 -14.29 33.86
C ARG P 52 8.77 -14.17 34.48
N LYS P 53 8.64 -14.43 35.78
CA LYS P 53 7.34 -14.35 36.42
C LYS P 53 6.91 -12.91 36.68
N LEU P 54 7.79 -12.10 37.28
CA LEU P 54 7.40 -10.76 37.68
C LEU P 54 7.24 -9.81 36.50
N GLN P 55 7.90 -10.08 35.38
CA GLN P 55 7.69 -9.26 34.18
C GLN P 55 6.44 -9.66 33.42
N LYS P 56 5.78 -10.75 33.80
CA LYS P 56 4.55 -11.13 33.14
C LYS P 56 3.32 -10.49 33.78
N SER P 57 3.15 -10.67 35.09
CA SER P 57 1.99 -10.11 35.73
C SER P 57 2.17 -8.61 35.97
N THR P 58 1.05 -7.94 36.26
CA THR P 58 0.99 -6.49 36.38
C THR P 58 0.38 -6.09 37.72
N HIS P 59 0.84 -6.70 38.80
CA HIS P 59 0.28 -6.45 40.12
C HIS P 59 0.86 -5.18 40.72
N LEU P 60 0.60 -4.98 42.01
CA LEU P 60 1.23 -3.95 42.81
C LEU P 60 2.30 -4.61 43.66
N LEU P 61 3.55 -4.21 43.47
CA LEU P 61 4.65 -4.85 44.19
C LEU P 61 4.85 -4.32 45.59
N ILE P 62 4.12 -3.28 45.98
CA ILE P 62 4.23 -2.69 47.31
C ILE P 62 2.87 -2.80 47.98
N ARG P 63 2.87 -3.20 49.25
CA ARG P 63 1.65 -3.36 50.02
C ARG P 63 0.96 -2.01 50.24
N LYS P 64 -0.34 -2.06 50.50
CA LYS P 64 -1.17 -0.85 50.48
C LYS P 64 -0.96 0.02 51.73
N LEU P 65 -1.27 -0.52 52.91
CA LEU P 65 -1.30 0.29 54.12
C LEU P 65 0.04 0.87 54.59
N PRO P 66 1.20 0.20 54.47
CA PRO P 66 2.46 0.91 54.76
C PRO P 66 2.73 2.09 53.84
N PHE P 67 2.41 1.94 52.55
CA PHE P 67 2.59 3.04 51.63
C PHE P 67 1.62 4.17 51.92
N SER P 68 0.41 3.83 52.34
CA SER P 68 -0.57 4.85 52.69
C SER P 68 -0.17 5.59 53.96
N ARG P 69 0.35 4.88 54.96
CA ARG P 69 0.81 5.53 56.18
C ARG P 69 2.04 6.39 55.92
N LEU P 70 2.91 5.99 55.00
CA LEU P 70 4.04 6.83 54.62
C LEU P 70 3.59 8.10 53.91
N ALA P 71 2.63 7.99 52.99
CA ALA P 71 2.12 9.16 52.28
C ALA P 71 1.42 10.12 53.23
N ARG P 72 0.68 9.57 54.21
CA ARG P 72 0.03 10.44 55.19
C ARG P 72 1.05 11.10 56.12
N GLU P 73 2.12 10.39 56.46
CA GLU P 73 3.16 10.98 57.30
C GLU P 73 3.87 12.13 56.59
N ILE P 74 4.12 11.98 55.29
CA ILE P 74 4.72 13.07 54.52
C ILE P 74 3.74 14.23 54.39
N CYS P 75 2.44 13.93 54.22
CA CYS P 75 1.46 14.99 54.04
C CYS P 75 1.21 15.77 55.32
N VAL P 76 1.44 15.15 56.49
CA VAL P 76 1.25 15.87 57.76
C VAL P 76 2.28 16.98 57.93
N LYS P 77 3.53 16.72 57.53
CA LYS P 77 4.64 17.66 57.77
C LYS P 77 4.50 18.97 57.00
N PHE P 78 3.68 19.02 55.96
CA PHE P 78 3.45 20.23 55.20
C PHE P 78 2.11 20.83 55.59
N THR P 79 2.13 22.13 55.93
CA THR P 79 0.97 22.92 56.32
C THR P 79 0.22 22.27 57.49
N ARG P 80 0.91 22.32 58.64
CA ARG P 80 0.60 21.51 59.81
C ARG P 80 -0.76 21.86 60.41
N GLY P 81 -1.11 21.11 61.46
CA GLY P 81 -2.31 21.35 62.21
C GLY P 81 -3.49 20.57 61.67
N VAL P 82 -3.92 20.93 60.46
CA VAL P 82 -5.06 20.25 59.85
C VAL P 82 -4.63 18.89 59.34
N ASP P 83 -5.58 17.96 59.31
CA ASP P 83 -5.37 16.71 58.61
C ASP P 83 -5.67 16.91 57.12
N PHE P 84 -5.54 15.85 56.33
CA PHE P 84 -5.88 15.92 54.93
C PHE P 84 -6.55 14.63 54.51
N ASN P 85 -7.77 14.76 54.01
CA ASN P 85 -8.49 13.64 53.43
C ASN P 85 -7.82 13.21 52.13
N TRP P 86 -7.80 11.90 51.92
CA TRP P 86 -7.32 11.30 50.69
C TRP P 86 -8.44 10.46 50.09
N GLN P 87 -8.74 10.68 48.82
CA GLN P 87 -9.61 9.74 48.14
C GLN P 87 -8.87 8.42 47.94
N ALA P 88 -9.64 7.33 47.89
CA ALA P 88 -9.06 6.00 47.84
C ALA P 88 -8.42 5.70 46.50
N GLN P 89 -8.71 6.48 45.47
CA GLN P 89 -8.10 6.28 44.17
C GLN P 89 -6.79 7.06 44.04
N ALA P 90 -6.64 8.15 44.80
CA ALA P 90 -5.45 8.99 44.67
C ALA P 90 -4.22 8.30 45.22
N LEU P 91 -4.35 7.58 46.32
CA LEU P 91 -3.22 6.84 46.84
C LEU P 91 -2.80 5.72 45.91
N LEU P 92 -3.77 5.09 45.25
CA LEU P 92 -3.43 4.09 44.23
C LEU P 92 -2.72 4.74 43.04
N ALA P 93 -3.11 5.96 42.69
CA ALA P 93 -2.46 6.68 41.60
C ALA P 93 -1.01 7.00 41.93
N LEU P 94 -0.78 7.52 43.13
CA LEU P 94 0.58 7.85 43.54
C LEU P 94 1.42 6.59 43.72
N GLN P 95 0.80 5.47 44.11
CA GLN P 95 1.55 4.22 44.24
C GLN P 95 1.96 3.68 42.88
N GLU P 96 1.08 3.79 41.88
CA GLU P 96 1.44 3.35 40.54
C GLU P 96 2.55 4.21 39.95
N ALA P 97 2.50 5.52 40.20
CA ALA P 97 3.57 6.39 39.72
C ALA P 97 4.90 6.09 40.41
N ALA P 98 4.88 5.83 41.71
CA ALA P 98 6.12 5.54 42.43
C ALA P 98 6.71 4.19 42.03
N GLU P 99 5.86 3.19 41.80
CA GLU P 99 6.36 1.90 41.35
C GLU P 99 6.94 1.97 39.95
N ALA P 100 6.28 2.69 39.04
CA ALA P 100 6.81 2.82 37.68
C ALA P 100 8.12 3.60 37.67
N PHE P 101 8.23 4.63 38.52
CA PHE P 101 9.46 5.40 38.62
C PHE P 101 10.60 4.57 39.18
N LEU P 102 10.36 3.79 40.22
CA LEU P 102 11.46 3.01 40.80
C LEU P 102 11.90 1.87 39.90
N VAL P 103 10.95 1.23 39.20
CA VAL P 103 11.32 0.16 38.28
C VAL P 103 12.12 0.72 37.11
N HIS P 104 11.71 1.88 36.59
CA HIS P 104 12.47 2.50 35.51
C HIS P 104 13.84 2.97 35.99
N LEU P 105 13.96 3.39 37.25
CA LEU P 105 15.25 3.80 37.79
C LEU P 105 16.20 2.63 37.93
N PHE P 106 15.73 1.49 38.47
CA PHE P 106 16.62 0.34 38.58
C PHE P 106 16.99 -0.23 37.22
N GLU P 107 16.04 -0.27 36.28
CA GLU P 107 16.35 -0.78 34.95
C GLU P 107 17.30 0.15 34.21
N ASP P 108 17.26 1.45 34.50
CA ASP P 108 18.18 2.37 33.86
C ASP P 108 19.56 2.30 34.52
N ALA P 109 19.60 2.17 35.85
CA ALA P 109 20.85 2.13 36.57
C ALA P 109 21.56 0.79 36.48
N TYR P 110 20.88 -0.27 36.04
CA TYR P 110 21.56 -1.54 35.91
C TYR P 110 22.56 -1.54 34.75
N LEU P 111 22.32 -0.73 33.73
CA LEU P 111 23.22 -0.67 32.57
C LEU P 111 24.56 -0.05 32.87
N LEU P 112 24.77 0.51 34.06
CA LEU P 112 26.09 0.95 34.47
C LEU P 112 26.77 -0.04 35.38
N THR P 113 26.31 -1.29 35.38
CA THR P 113 27.02 -2.38 36.03
C THR P 113 27.49 -3.44 35.06
N LEU P 114 26.78 -3.63 33.95
CA LEU P 114 27.33 -4.42 32.87
C LEU P 114 28.44 -3.65 32.15
N HIS P 115 28.38 -2.33 32.22
CA HIS P 115 29.37 -1.51 31.53
C HIS P 115 30.73 -1.54 32.23
N ALA P 116 30.72 -1.70 33.55
CA ALA P 116 31.95 -1.78 34.32
C ALA P 116 32.48 -3.19 34.45
N GLY P 117 31.85 -4.16 33.77
CA GLY P 117 32.23 -5.55 33.90
C GLY P 117 31.60 -6.26 35.08
N ARG P 118 30.99 -5.54 36.02
CA ARG P 118 30.41 -6.16 37.19
C ARG P 118 29.10 -6.87 36.84
N VAL P 119 28.47 -7.42 37.87
CA VAL P 119 27.15 -8.02 37.71
C VAL P 119 26.21 -7.30 38.67
N THR P 120 26.76 -6.79 39.76
CA THR P 120 26.00 -6.36 40.92
C THR P 120 25.87 -4.84 40.95
N LEU P 121 24.69 -4.35 41.34
CA LEU P 121 24.48 -2.93 41.58
C LEU P 121 25.29 -2.43 42.77
N PHE P 122 25.39 -1.11 42.88
CA PHE P 122 25.99 -0.41 44.01
C PHE P 122 25.29 0.93 44.15
N PRO P 123 25.37 1.57 45.32
CA PRO P 123 24.81 2.92 45.45
C PRO P 123 25.53 3.95 44.60
N LYS P 124 26.79 3.70 44.23
CA LYS P 124 27.48 4.54 43.25
C LYS P 124 26.75 4.53 41.93
N ASP P 125 26.21 3.38 41.55
CA ASP P 125 25.50 3.24 40.27
C ASP P 125 24.23 4.07 40.27
N VAL P 126 23.45 4.00 41.37
CA VAL P 126 22.19 4.73 41.45
C VAL P 126 22.44 6.23 41.54
N GLN P 127 23.42 6.65 42.33
CA GLN P 127 23.73 8.07 42.44
C GLN P 127 24.29 8.62 41.13
N LEU P 128 25.05 7.82 40.39
CA LEU P 128 25.52 8.26 39.08
C LEU P 128 24.38 8.32 38.08
N ALA P 129 23.44 7.37 38.17
CA ALA P 129 22.29 7.38 37.26
C ALA P 129 21.38 8.57 37.50
N ARG P 130 21.29 9.03 38.75
CA ARG P 130 20.58 10.27 39.00
C ARG P 130 21.41 11.49 38.61
N ARG P 131 22.75 11.36 38.66
CA ARG P 131 23.62 12.46 38.25
C ARG P 131 23.56 12.71 36.76
N ILE P 132 23.34 11.66 35.96
CA ILE P 132 23.30 11.81 34.52
C ILE P 132 22.06 12.59 34.08
N ARG P 133 20.91 12.28 34.67
CA ARG P 133 19.66 12.89 34.23
C ARG P 133 19.57 14.36 34.64
N GLY P 134 19.60 14.62 35.94
CA GLY P 134 19.49 15.98 36.45
C GLY P 134 18.32 16.18 37.36
N LEU P 135 17.85 15.10 37.97
CA LEU P 135 16.66 15.12 38.81
C LEU P 135 16.94 15.72 40.19
N ASP Q 25 8.43 3.65 63.32
CA ASP Q 25 9.01 3.37 62.02
C ASP Q 25 8.41 4.26 60.94
N ASN Q 26 7.36 3.75 60.29
CA ASN Q 26 6.63 4.36 59.19
C ASN Q 26 7.49 4.61 57.95
N ILE Q 27 8.67 3.99 57.88
CA ILE Q 27 9.43 3.89 56.65
C ILE Q 27 9.89 2.47 56.36
N GLN Q 28 9.92 1.60 57.35
CA GLN Q 28 10.32 0.21 57.19
C GLN Q 28 9.22 -0.67 56.63
N GLY Q 29 8.08 -0.10 56.24
CA GLY Q 29 7.10 -0.85 55.51
C GLY Q 29 7.55 -1.24 54.12
N ILE Q 30 8.47 -0.46 53.55
CA ILE Q 30 9.08 -0.81 52.27
C ILE Q 30 10.21 -1.77 52.59
N THR Q 31 9.89 -3.06 52.70
CA THR Q 31 10.82 -4.01 53.27
C THR Q 31 11.85 -4.46 52.23
N LYS Q 32 12.73 -5.36 52.66
CA LYS Q 32 13.73 -5.92 51.75
C LYS Q 32 13.14 -6.70 50.57
N PRO Q 33 12.18 -7.64 50.72
CA PRO Q 33 11.66 -8.30 49.51
C PRO Q 33 10.84 -7.39 48.63
N ALA Q 34 10.30 -6.29 49.15
CA ALA Q 34 9.61 -5.33 48.29
C ALA Q 34 10.58 -4.67 47.31
N ILE Q 35 11.69 -4.16 47.82
CA ILE Q 35 12.70 -3.55 46.95
C ILE Q 35 13.36 -4.61 46.10
N ARG Q 36 13.44 -5.85 46.59
CA ARG Q 36 13.99 -6.93 45.81
C ARG Q 36 13.12 -7.25 44.61
N ARG Q 37 11.79 -7.28 44.79
CA ARG Q 37 10.91 -7.51 43.64
C ARG Q 37 10.90 -6.31 42.70
N LEU Q 38 11.02 -5.10 43.24
CA LEU Q 38 11.15 -3.92 42.39
C LEU Q 38 12.42 -3.97 41.55
N ALA Q 39 13.47 -4.59 42.07
CA ALA Q 39 14.68 -4.74 41.27
C ALA Q 39 14.56 -5.88 40.26
N ARG Q 40 13.99 -7.02 40.69
CA ARG Q 40 13.86 -8.18 39.79
C ARG Q 40 12.92 -7.91 38.64
N ARG Q 41 11.97 -6.97 38.79
CA ARG Q 41 11.23 -6.54 37.61
C ARG Q 41 12.14 -5.80 36.64
N GLY Q 42 13.09 -5.03 37.16
CA GLY Q 42 13.95 -4.24 36.31
C GLY Q 42 15.05 -4.97 35.60
N GLY Q 43 15.15 -6.28 35.74
CA GLY Q 43 16.18 -7.04 35.07
C GLY Q 43 17.47 -7.17 35.83
N VAL Q 44 17.53 -6.69 37.07
CA VAL Q 44 18.75 -6.77 37.86
C VAL Q 44 18.98 -8.21 38.29
N LYS Q 45 20.15 -8.75 37.97
CA LYS Q 45 20.45 -10.12 38.33
C LYS Q 45 20.81 -10.25 39.81
N ARG Q 46 21.85 -9.57 40.25
CA ARG Q 46 22.41 -9.77 41.59
C ARG Q 46 22.49 -8.41 42.29
N ILE Q 47 21.95 -8.34 43.51
CA ILE Q 47 21.74 -7.07 44.20
C ILE Q 47 22.72 -6.98 45.37
N SER Q 48 23.28 -5.80 45.59
CA SER Q 48 24.12 -5.58 46.75
C SER Q 48 23.26 -5.32 47.99
N GLY Q 49 23.89 -4.86 49.07
CA GLY Q 49 23.20 -4.73 50.33
C GLY Q 49 22.86 -3.31 50.74
N LEU Q 50 23.67 -2.34 50.32
CA LEU Q 50 23.45 -0.97 50.75
C LEU Q 50 22.32 -0.28 50.00
N ILE Q 51 21.89 -0.87 48.87
CA ILE Q 51 20.81 -0.34 48.03
C ILE Q 51 19.55 -0.11 48.86
N TYR Q 52 19.28 -1.04 49.78
CA TYR Q 52 18.11 -1.01 50.64
C TYR Q 52 18.06 0.18 51.58
N GLU Q 53 19.10 1.01 51.65
CA GLU Q 53 18.92 2.31 52.27
C GLU Q 53 18.69 3.41 51.26
N GLU Q 54 19.54 3.47 50.23
CA GLU Q 54 19.56 4.62 49.32
C GLU Q 54 18.27 4.71 48.53
N THR Q 55 17.74 3.56 48.11
CA THR Q 55 16.45 3.49 47.44
C THR Q 55 15.35 4.06 48.31
N ARG Q 56 15.33 3.69 49.60
CA ARG Q 56 14.36 4.28 50.52
C ARG Q 56 14.55 5.78 50.59
N GLY Q 57 15.81 6.22 50.64
CA GLY Q 57 16.11 7.63 50.60
C GLY Q 57 15.60 8.30 49.35
N VAL Q 58 15.83 7.67 48.18
CA VAL Q 58 15.41 8.34 46.96
C VAL Q 58 13.90 8.26 46.84
N LEU Q 59 13.29 7.23 47.45
CA LEU Q 59 11.83 7.15 47.46
C LEU Q 59 11.23 8.32 48.19
N LYS Q 60 11.85 8.70 49.32
CA LYS Q 60 11.35 9.85 50.07
C LYS Q 60 11.55 11.13 49.27
N VAL Q 61 12.71 11.26 48.61
CA VAL Q 61 12.95 12.50 47.88
C VAL Q 61 12.22 12.49 46.56
N PHE Q 62 11.55 11.38 46.21
CA PHE Q 62 10.56 11.49 45.16
C PHE Q 62 9.26 12.01 45.72
N LEU Q 63 8.75 11.36 46.77
CA LEU Q 63 7.33 11.50 47.12
C LEU Q 63 7.02 12.88 47.64
N GLU Q 64 7.99 13.50 48.31
CA GLU Q 64 7.86 14.88 48.78
C GLU Q 64 7.56 15.82 47.61
N ASN Q 65 8.29 15.68 46.50
CA ASN Q 65 8.04 16.54 45.36
C ASN Q 65 6.76 16.21 44.62
N VAL Q 66 6.03 15.18 45.01
CA VAL Q 66 4.72 14.91 44.45
C VAL Q 66 3.68 15.42 45.44
N ILE Q 67 4.01 15.40 46.73
CA ILE Q 67 3.00 15.70 47.74
C ILE Q 67 2.67 17.18 47.76
N ARG Q 68 3.67 18.04 47.94
CA ARG Q 68 3.38 19.45 48.09
C ARG Q 68 2.91 20.06 46.77
N ASP Q 69 3.47 19.59 45.64
CA ASP Q 69 2.96 19.94 44.33
C ASP Q 69 1.53 19.45 44.10
N ALA Q 70 1.09 18.45 44.86
CA ALA Q 70 -0.34 18.14 44.88
C ALA Q 70 -1.09 19.11 45.75
N VAL Q 71 -0.62 19.29 46.99
CA VAL Q 71 -1.50 19.80 48.03
C VAL Q 71 -1.73 21.30 47.88
N THR Q 72 -0.88 21.99 47.13
CA THR Q 72 -1.11 23.39 46.79
C THR Q 72 -2.41 23.56 46.01
N TYR Q 73 -2.67 22.65 45.06
CA TYR Q 73 -3.95 22.63 44.38
C TYR Q 73 -5.09 22.39 45.37
N THR Q 74 -4.85 21.50 46.34
CA THR Q 74 -5.82 21.26 47.39
C THR Q 74 -6.00 22.49 48.27
N GLU Q 75 -4.95 23.29 48.44
CA GLU Q 75 -5.17 24.52 49.17
C GLU Q 75 -5.74 25.63 48.32
N HIS Q 76 -5.80 25.45 47.00
CA HIS Q 76 -6.37 26.52 46.19
C HIS Q 76 -7.89 26.43 46.16
N ALA Q 77 -8.41 25.35 45.60
CA ALA Q 77 -9.83 25.03 45.77
C ALA Q 77 -10.04 24.61 47.21
N LYS Q 78 -10.69 25.47 47.99
CA LYS Q 78 -10.62 25.40 49.45
C LYS Q 78 -11.41 24.20 49.97
N ARG Q 79 -10.78 23.04 49.86
CA ARG Q 79 -11.34 21.80 50.37
C ARG Q 79 -10.24 21.02 51.09
N LYS Q 80 -10.65 20.18 52.03
CA LYS Q 80 -9.73 19.41 52.84
C LYS Q 80 -9.41 18.04 52.25
N THR Q 81 -9.71 17.83 50.97
CA THR Q 81 -9.65 16.50 50.39
C THR Q 81 -8.81 16.52 49.13
N VAL Q 82 -7.80 15.66 49.09
CA VAL Q 82 -6.94 15.52 47.92
C VAL Q 82 -7.61 14.56 46.95
N THR Q 83 -8.06 15.07 45.81
CA THR Q 83 -8.66 14.19 44.83
C THR Q 83 -7.57 13.53 44.00
N ALA Q 84 -7.97 12.55 43.19
CA ALA Q 84 -7.01 11.87 42.32
C ALA Q 84 -6.54 12.76 41.20
N MET Q 85 -7.41 13.69 40.76
CA MET Q 85 -7.03 14.63 39.71
C MET Q 85 -5.92 15.56 40.17
N ASP Q 86 -5.85 15.84 41.47
CA ASP Q 86 -4.78 16.69 41.99
C ASP Q 86 -3.42 16.00 41.87
N VAL Q 87 -3.37 14.70 42.15
CA VAL Q 87 -2.11 13.98 42.03
C VAL Q 87 -1.73 13.81 40.56
N VAL Q 88 -2.73 13.61 39.69
CA VAL Q 88 -2.46 13.52 38.26
C VAL Q 88 -1.93 14.85 37.72
N TYR Q 89 -2.47 15.95 38.22
CA TYR Q 89 -1.99 17.27 37.78
C TYR Q 89 -0.61 17.59 38.34
N ALA Q 90 -0.31 17.13 39.55
CA ALA Q 90 1.03 17.33 40.09
C ALA Q 90 2.07 16.53 39.30
N LEU Q 91 1.72 15.31 38.89
CA LEU Q 91 2.64 14.54 38.06
C LEU Q 91 2.71 15.08 36.64
N LYS Q 92 1.64 15.71 36.16
CA LYS Q 92 1.64 16.41 34.88
C LYS Q 92 2.65 17.55 34.89
N ARG Q 93 2.60 18.37 35.94
CA ARG Q 93 3.53 19.49 36.05
C ARG Q 93 4.94 18.99 36.33
N GLN Q 94 5.08 17.83 36.98
CA GLN Q 94 6.40 17.32 37.34
C GLN Q 94 7.15 16.83 36.12
N GLY Q 95 6.46 16.21 35.17
CA GLY Q 95 7.09 15.74 33.96
C GLY Q 95 6.64 14.36 33.53
N ARG Q 96 6.32 13.50 34.51
CA ARG Q 96 5.92 12.13 34.25
C ARG Q 96 4.41 12.08 34.10
N THR Q 97 3.93 12.11 32.87
CA THR Q 97 2.49 12.14 32.64
C THR Q 97 1.88 10.78 32.94
N LEU Q 98 0.81 10.78 33.72
CA LEU Q 98 0.12 9.56 34.11
C LEU Q 98 -1.22 9.49 33.39
N TYR Q 99 -1.54 8.31 32.85
CA TYR Q 99 -2.81 8.11 32.19
C TYR Q 99 -3.72 7.26 33.07
N GLY Q 100 -4.92 6.99 32.55
CA GLY Q 100 -5.81 6.05 33.20
C GLY Q 100 -6.65 6.62 34.32
N PHE Q 101 -6.00 7.18 35.33
CA PHE Q 101 -6.68 7.55 36.56
C PHE Q 101 -7.39 8.90 36.48
N GLY Q 102 -7.39 9.52 35.31
CA GLY Q 102 -8.18 10.71 35.08
C GLY Q 102 -9.66 10.36 34.94
N LYS R 16 1.50 59.37 40.27
CA LYS R 16 0.16 58.81 40.14
C LYS R 16 0.18 57.52 39.32
N SER R 17 1.35 57.18 38.79
CA SER R 17 1.49 55.97 37.98
C SER R 17 1.45 54.73 38.85
N ARG R 18 0.91 53.64 38.28
CA ARG R 18 0.74 52.41 39.05
C ARG R 18 2.06 51.72 39.36
N SER R 19 3.14 52.06 38.66
CA SER R 19 4.44 51.57 39.07
C SER R 19 4.88 52.26 40.37
N SER R 20 4.77 53.59 40.40
CA SER R 20 5.19 54.35 41.58
C SER R 20 4.19 54.30 42.71
N ARG R 21 2.94 53.95 42.42
CA ARG R 21 1.93 53.89 43.47
C ARG R 21 2.16 52.71 44.39
N ALA R 22 2.60 51.58 43.84
CA ALA R 22 2.92 50.41 44.63
C ALA R 22 4.38 50.38 45.08
N GLY R 23 5.18 51.33 44.63
CA GLY R 23 6.58 51.35 45.01
C GLY R 23 7.42 50.28 44.32
N LEU R 24 7.20 50.09 43.03
CA LEU R 24 7.94 49.10 42.24
C LEU R 24 8.88 49.79 41.26
N GLN R 25 9.51 48.98 40.44
CA GLN R 25 10.37 49.46 39.37
C GLN R 25 10.00 48.85 38.03
N PHE R 26 9.60 47.59 38.00
CA PHE R 26 9.06 47.01 36.78
C PHE R 26 7.69 47.64 36.46
N PRO R 27 7.35 47.75 35.17
CA PRO R 27 6.07 48.38 34.82
C PRO R 27 4.90 47.49 35.18
N VAL R 28 3.75 48.11 35.34
CA VAL R 28 2.52 47.41 35.67
C VAL R 28 1.54 47.45 34.53
N GLY R 29 1.48 48.56 33.81
CA GLY R 29 0.60 48.65 32.65
C GLY R 29 0.99 47.74 31.51
N ARG R 30 2.30 47.51 31.33
CA ARG R 30 2.73 46.63 30.25
C ARG R 30 2.45 45.17 30.59
N VAL R 31 2.60 44.80 31.86
CA VAL R 31 2.29 43.44 32.29
C VAL R 31 0.79 43.17 32.20
N HIS R 32 -0.02 44.17 32.53
CA HIS R 32 -1.47 44.04 32.38
C HIS R 32 -1.87 43.98 30.92
N ARG R 33 -1.15 44.69 30.04
CA ARG R 33 -1.42 44.60 28.62
C ARG R 33 -1.06 43.23 28.08
N LEU R 34 0.03 42.64 28.58
CA LEU R 34 0.40 41.31 28.13
C LEU R 34 -0.44 40.21 28.77
N LEU R 35 -1.12 40.49 29.87
CA LEU R 35 -2.08 39.52 30.40
C LEU R 35 -3.45 39.65 29.78
N ARG R 36 -3.82 40.81 29.23
CA ARG R 36 -5.05 40.87 28.45
C ARG R 36 -4.88 40.17 27.11
N LYS R 37 -3.85 40.53 26.35
CA LYS R 37 -3.66 40.02 25.00
C LYS R 37 -2.81 38.75 24.96
N GLY R 38 -2.79 37.99 26.05
CA GLY R 38 -1.96 36.80 26.08
C GLY R 38 -2.75 35.50 25.99
N ASN R 39 -4.08 35.63 25.97
CA ASN R 39 -5.02 34.51 25.94
C ASN R 39 -4.77 33.54 27.10
N TYR R 40 -4.96 34.05 28.31
CA TYR R 40 -4.72 33.31 29.53
C TYR R 40 -5.98 33.08 30.36
N ALA R 41 -6.83 34.09 30.46
CA ALA R 41 -8.17 33.92 31.01
C ALA R 41 -9.03 35.00 30.39
N GLU R 42 -10.34 34.87 30.58
CA GLU R 42 -11.24 35.82 29.95
C GLU R 42 -11.26 37.15 30.70
N ARG R 43 -10.99 37.13 32.00
CA ARG R 43 -10.98 38.34 32.83
C ARG R 43 -9.71 38.35 33.67
N VAL R 44 -9.11 39.52 33.82
CA VAL R 44 -7.88 39.69 34.57
C VAL R 44 -8.14 40.66 35.70
N GLY R 45 -7.86 40.23 36.93
CA GLY R 45 -8.06 41.06 38.09
C GLY R 45 -7.05 42.20 38.17
N ALA R 46 -7.23 43.05 39.18
CA ALA R 46 -6.33 44.17 39.39
C ALA R 46 -5.24 43.88 40.41
N GLY R 47 -5.45 42.93 41.30
CA GLY R 47 -4.45 42.61 42.30
C GLY R 47 -3.37 41.65 41.85
N ALA R 48 -3.55 41.03 40.69
CA ALA R 48 -2.57 40.09 40.16
C ALA R 48 -1.32 40.72 39.54
N PRO R 49 -1.38 41.66 38.57
CA PRO R 49 -0.14 42.05 37.88
C PRO R 49 0.84 42.84 38.73
N VAL R 50 0.38 43.52 39.78
CA VAL R 50 1.31 44.16 40.72
C VAL R 50 2.11 43.10 41.48
N TYR R 51 1.45 42.01 41.87
CA TYR R 51 2.12 40.88 42.50
C TYR R 51 3.11 40.25 41.54
N LEU R 52 2.73 40.14 40.27
CA LEU R 52 3.59 39.52 39.27
C LEU R 52 4.84 40.36 39.02
N ALA R 53 4.68 41.68 38.89
CA ALA R 53 5.81 42.56 38.67
C ALA R 53 6.73 42.59 39.88
N ALA R 54 6.18 42.47 41.09
CA ALA R 54 7.01 42.41 42.28
C ALA R 54 7.86 41.14 42.31
N VAL R 55 7.26 40.00 41.92
CA VAL R 55 8.02 38.75 41.90
C VAL R 55 9.12 38.80 40.84
N LEU R 56 8.83 39.38 39.66
CA LEU R 56 9.83 39.50 38.62
C LEU R 56 10.97 40.43 39.04
N GLU R 57 10.64 41.52 39.75
CA GLU R 57 11.68 42.42 40.23
C GLU R 57 12.56 41.75 41.27
N TYR R 58 11.97 40.91 42.13
CA TYR R 58 12.78 40.20 43.11
C TYR R 58 13.72 39.19 42.45
N LEU R 59 13.25 38.49 41.42
CA LEU R 59 14.12 37.54 40.74
C LEU R 59 15.24 38.24 39.96
N THR R 60 14.93 39.38 39.35
CA THR R 60 15.95 40.13 38.64
C THR R 60 17.03 40.65 39.59
N ALA R 61 16.62 41.16 40.75
CA ALA R 61 17.61 41.60 41.74
C ALA R 61 18.42 40.44 42.28
N GLU R 62 17.78 39.27 42.44
CA GLU R 62 18.46 38.07 42.92
C GLU R 62 19.56 37.62 41.95
N ILE R 63 19.30 37.69 40.65
CA ILE R 63 20.35 37.35 39.69
C ILE R 63 21.44 38.41 39.68
N LEU R 64 21.06 39.69 39.57
CA LEU R 64 22.05 40.72 39.31
C LEU R 64 22.93 41.02 40.51
N GLU R 65 22.51 40.68 41.74
CA GLU R 65 23.40 40.83 42.88
C GLU R 65 24.59 39.88 42.79
N LEU R 66 24.32 38.60 42.52
CA LEU R 66 25.39 37.61 42.38
C LEU R 66 26.24 37.89 41.14
N ALA R 67 25.60 38.35 40.07
CA ALA R 67 26.34 38.68 38.86
C ALA R 67 27.29 39.85 39.07
N GLY R 68 26.82 40.89 39.79
CA GLY R 68 27.68 42.02 40.08
C GLY R 68 28.79 41.70 41.04
N ASN R 69 28.53 40.81 42.01
CA ASN R 69 29.60 40.41 42.92
C ASN R 69 30.66 39.58 42.23
N ALA R 70 30.25 38.69 41.32
CA ALA R 70 31.23 37.92 40.55
C ALA R 70 31.97 38.80 39.55
N ALA R 71 31.34 39.85 39.05
CA ALA R 71 32.04 40.79 38.18
C ALA R 71 33.04 41.62 38.98
N ARG R 72 32.69 41.97 40.21
CA ARG R 72 33.59 42.72 41.08
C ARG R 72 34.81 41.90 41.46
N ASP R 73 34.61 40.59 41.73
CA ASP R 73 35.75 39.77 42.14
C ASP R 73 36.70 39.46 41.00
N ASN R 74 36.31 39.69 39.74
CA ASN R 74 37.22 39.53 38.62
C ASN R 74 37.85 40.86 38.20
N LYS R 75 37.68 41.90 39.02
CA LYS R 75 38.32 43.21 38.85
C LYS R 75 37.94 43.88 37.53
N LYS R 76 36.67 43.74 37.14
CA LYS R 76 36.14 44.37 35.95
C LYS R 76 34.85 45.09 36.29
N THR R 77 34.65 46.27 35.70
CA THR R 77 33.52 47.13 36.00
C THR R 77 32.42 47.01 34.96
N ARG R 78 32.19 45.80 34.46
CA ARG R 78 31.20 45.60 33.42
C ARG R 78 30.72 44.16 33.52
N ILE R 79 29.44 43.94 33.25
CA ILE R 79 28.85 42.61 33.36
C ILE R 79 28.85 41.94 32.00
N ILE R 80 29.39 40.73 31.94
CA ILE R 80 29.53 39.96 30.71
C ILE R 80 28.93 38.58 30.96
N PRO R 81 28.47 37.87 29.92
CA PRO R 81 27.70 36.63 30.13
C PRO R 81 28.43 35.51 30.85
N ARG R 82 29.77 35.51 30.84
CA ARG R 82 30.52 34.55 31.65
C ARG R 82 30.24 34.75 33.14
N HIS R 83 30.00 36.00 33.54
CA HIS R 83 29.73 36.27 34.95
C HIS R 83 28.36 35.76 35.36
N LEU R 84 27.35 35.91 34.48
CA LEU R 84 26.05 35.31 34.78
C LEU R 84 26.12 33.80 34.78
N GLN R 85 26.97 33.22 33.91
CA GLN R 85 27.16 31.77 33.91
C GLN R 85 27.71 31.29 35.23
N LEU R 86 28.72 31.99 35.76
CA LEU R 86 29.30 31.62 37.05
C LEU R 86 28.31 31.83 38.18
N ALA R 87 27.53 32.93 38.13
CA ALA R 87 26.60 33.21 39.23
C ALA R 87 25.44 32.23 39.24
N ILE R 88 24.97 31.78 38.07
CA ILE R 88 23.91 30.80 38.04
C ILE R 88 24.43 29.43 38.47
N ARG R 89 25.55 28.99 37.90
CA ARG R 89 26.01 27.64 38.22
C ARG R 89 26.66 27.53 39.59
N ASN R 90 26.96 28.63 40.27
CA ASN R 90 27.45 28.53 41.64
C ASN R 90 26.34 28.61 42.68
N ASP R 91 25.21 29.23 42.35
CA ASP R 91 24.08 29.30 43.26
C ASP R 91 23.31 27.99 43.23
N GLU R 92 22.69 27.65 44.36
CA GLU R 92 21.97 26.39 44.46
C GLU R 92 20.52 26.50 43.99
N GLU R 93 19.84 27.61 44.32
CA GLU R 93 18.44 27.74 43.96
C GLU R 93 18.25 27.92 42.47
N LEU R 94 19.07 28.79 41.87
CA LEU R 94 18.99 29.00 40.43
C LEU R 94 19.53 27.82 39.65
N ASN R 95 20.28 26.91 40.30
CA ASN R 95 20.68 25.68 39.65
C ASN R 95 19.47 24.77 39.41
N LYS R 96 18.45 24.86 40.27
CA LYS R 96 17.25 24.07 40.07
C LYS R 96 16.20 24.84 39.28
N LEU R 97 16.15 26.17 39.42
CA LEU R 97 15.26 26.95 38.58
C LEU R 97 15.72 26.93 37.14
N LEU R 98 16.96 27.30 36.88
CA LEU R 98 17.52 27.22 35.53
C LEU R 98 18.43 26.00 35.47
N GLY R 99 17.83 24.86 35.19
CA GLY R 99 18.58 23.62 35.07
C GLY R 99 18.56 23.09 33.66
N ARG R 100 17.72 23.67 32.81
CA ARG R 100 17.63 23.25 31.42
C ARG R 100 17.88 24.45 30.52
N VAL R 101 18.92 25.23 30.82
CA VAL R 101 19.16 26.49 30.15
C VAL R 101 20.59 26.51 29.63
N THR R 102 20.74 26.76 28.34
CA THR R 102 22.02 27.11 27.75
C THR R 102 22.09 28.61 27.61
N ILE R 103 23.29 29.16 27.77
CA ILE R 103 23.51 30.61 27.74
C ILE R 103 24.53 30.90 26.66
N ALA R 104 24.19 31.83 25.76
CA ALA R 104 25.10 32.21 24.69
C ALA R 104 26.30 32.94 25.26
N GLN R 105 27.46 32.75 24.59
CA GLN R 105 28.78 33.16 25.07
C GLN R 105 29.05 32.65 26.47
N GLY R 106 28.62 31.43 26.74
CA GLY R 106 28.54 30.94 28.10
C GLY R 106 29.84 30.50 28.72
N GLY R 107 30.44 29.46 28.16
CA GLY R 107 31.51 28.78 28.85
C GLY R 107 30.93 27.83 29.89
N VAL R 108 31.81 27.19 30.63
CA VAL R 108 31.42 26.25 31.66
C VAL R 108 32.11 26.61 32.96
N LEU R 109 31.88 25.79 33.97
CA LEU R 109 32.60 25.90 35.23
C LEU R 109 34.00 25.32 35.07
N PRO R 110 34.96 25.77 35.87
CA PRO R 110 36.29 25.14 35.83
C PRO R 110 36.30 23.77 36.48
N ASN R 111 35.91 22.75 35.72
CA ASN R 111 35.78 21.39 36.21
C ASN R 111 37.02 20.58 35.85
N ILE R 112 37.74 20.15 36.87
CA ILE R 112 38.88 19.24 36.73
C ILE R 112 38.65 18.08 37.68
N GLN R 113 38.87 16.86 37.22
CA GLN R 113 38.80 15.70 38.10
C GLN R 113 39.78 14.64 37.63
N ALA R 114 40.37 13.94 38.59
CA ALA R 114 41.34 12.88 38.33
C ALA R 114 40.70 11.53 38.62
N VAL R 115 41.51 10.49 38.57
CA VAL R 115 41.02 9.13 38.80
C VAL R 115 40.86 8.82 40.29
N ARG S 34 9.53 50.78 18.20
CA ARG S 34 8.26 50.16 17.87
C ARG S 34 8.23 48.72 18.34
N LYS S 35 9.39 48.18 18.67
CA LYS S 35 9.53 46.81 19.17
C LYS S 35 10.12 46.90 20.57
N GLU S 36 9.27 46.72 21.57
CA GLU S 36 9.66 47.03 22.95
C GLU S 36 10.51 45.92 23.54
N SER S 37 11.09 46.22 24.70
CA SER S 37 11.95 45.30 25.44
C SER S 37 11.93 45.71 26.90
N TYR S 38 12.78 45.07 27.69
CA TYR S 38 12.85 45.28 29.14
C TYR S 38 14.23 45.73 29.56
N SER S 39 14.91 46.53 28.74
CA SER S 39 16.29 46.89 29.05
C SER S 39 16.35 48.00 30.09
N VAL S 40 15.47 48.99 29.96
CA VAL S 40 15.50 50.18 30.82
C VAL S 40 15.22 49.82 32.26
N TYR S 41 14.30 48.89 32.47
CA TYR S 41 13.89 48.55 33.83
C TYR S 41 14.96 47.72 34.54
N VAL S 42 15.59 46.80 33.82
CA VAL S 42 16.72 46.05 34.38
C VAL S 42 17.88 46.99 34.68
N TYR S 43 18.08 48.00 33.84
CA TYR S 43 19.12 48.99 34.10
C TYR S 43 18.81 49.81 35.35
N LYS S 44 17.52 50.13 35.57
CA LYS S 44 17.15 50.88 36.77
C LYS S 44 17.32 50.04 38.03
N VAL S 45 16.98 48.75 37.97
CA VAL S 45 17.16 47.88 39.13
C VAL S 45 18.65 47.69 39.43
N LEU S 46 19.47 47.59 38.38
CA LEU S 46 20.90 47.43 38.58
C LEU S 46 21.54 48.69 39.16
N LYS S 47 21.10 49.87 38.71
CA LYS S 47 21.59 51.10 39.33
C LYS S 47 21.00 51.33 40.71
N GLN S 48 19.90 50.66 41.05
CA GLN S 48 19.39 50.72 42.42
C GLN S 48 20.25 49.89 43.36
N VAL S 49 20.42 48.59 43.08
CA VAL S 49 21.10 47.70 44.01
C VAL S 49 22.61 47.69 43.84
N HIS S 50 23.15 48.50 42.93
CA HIS S 50 24.58 48.64 42.74
C HIS S 50 24.89 50.06 42.29
N PRO S 51 25.97 50.67 42.78
CA PRO S 51 26.21 52.09 42.51
C PRO S 51 26.57 52.40 41.06
N ASP S 52 27.56 51.71 40.51
CA ASP S 52 28.05 52.08 39.19
C ASP S 52 28.43 50.87 38.33
N THR S 53 27.92 49.69 38.64
CA THR S 53 28.28 48.49 37.90
C THR S 53 27.58 48.51 36.54
N GLY S 54 28.35 48.72 35.48
CA GLY S 54 27.79 48.74 34.16
C GLY S 54 27.46 47.35 33.66
N ILE S 55 26.63 47.31 32.61
CA ILE S 55 26.19 46.05 32.01
C ILE S 55 26.29 46.20 30.49
N SER S 56 26.83 45.17 29.85
CA SER S 56 27.05 45.25 28.41
C SER S 56 25.74 45.12 27.66
N SER S 57 25.78 45.47 26.37
CA SER S 57 24.58 45.40 25.55
C SER S 57 24.24 43.99 25.10
N LYS S 58 25.10 43.02 25.36
CA LYS S 58 24.76 41.65 25.02
C LYS S 58 24.13 40.92 26.20
N ALA S 59 24.71 41.08 27.39
CA ALA S 59 24.20 40.41 28.58
C ALA S 59 22.83 40.91 28.97
N MET S 60 22.56 42.20 28.73
CA MET S 60 21.21 42.76 28.88
C MET S 60 20.20 41.99 28.04
N GLY S 61 20.61 41.58 26.83
CA GLY S 61 19.75 40.74 25.99
C GLY S 61 19.38 39.44 26.67
N ILE S 62 20.33 38.84 27.40
CA ILE S 62 20.05 37.65 28.20
C ILE S 62 18.94 37.92 29.20
N MET S 63 19.00 39.09 29.85
CA MET S 63 17.97 39.44 30.81
C MET S 63 16.61 39.57 30.17
N ASN S 64 16.57 40.04 28.91
CA ASN S 64 15.30 40.06 28.17
C ASN S 64 14.77 38.65 28.03
N SER S 65 15.60 37.74 27.53
CA SER S 65 15.15 36.37 27.39
C SER S 65 15.09 35.64 28.71
N PHE S 66 15.50 36.27 29.82
CA PHE S 66 15.11 35.70 31.09
C PHE S 66 13.69 36.08 31.42
N VAL S 67 13.38 37.37 31.36
CA VAL S 67 12.16 37.85 31.98
C VAL S 67 11.05 38.04 30.95
N ASN S 68 11.28 37.63 29.70
CA ASN S 68 10.21 37.22 28.82
C ASN S 68 9.97 35.73 28.88
N ASP S 69 10.59 35.05 29.84
CA ASP S 69 10.47 33.60 29.99
C ASP S 69 9.77 33.21 31.28
N ILE S 70 10.19 33.77 32.41
CA ILE S 70 9.55 33.50 33.69
C ILE S 70 8.11 33.97 33.66
N PHE S 71 7.87 35.15 33.08
CA PHE S 71 6.51 35.62 32.82
C PHE S 71 5.74 34.69 31.91
N GLU S 72 6.42 33.97 31.02
CA GLU S 72 5.71 32.98 30.23
C GLU S 72 5.35 31.75 31.07
N ARG S 73 6.17 31.42 32.06
CA ARG S 73 5.83 30.26 32.89
C ARG S 73 4.69 30.58 33.84
N ILE S 74 4.92 31.54 34.75
CA ILE S 74 4.00 31.79 35.87
C ILE S 74 2.65 32.24 35.36
N ALA S 75 2.62 33.33 34.59
CA ALA S 75 1.39 33.79 33.99
C ALA S 75 0.89 32.88 32.87
N GLY S 76 1.63 31.84 32.51
CA GLY S 76 1.05 30.77 31.73
C GLY S 76 0.41 29.78 32.67
N GLU S 77 1.18 29.32 33.66
CA GLU S 77 0.78 28.17 34.46
C GLU S 77 -0.38 28.50 35.38
N ALA S 78 -0.45 29.74 35.88
CA ALA S 78 -1.59 30.17 36.68
C ALA S 78 -2.86 30.17 35.85
N SER S 79 -2.75 30.41 34.54
CA SER S 79 -3.88 30.27 33.64
C SER S 79 -4.46 28.86 33.68
N ARG S 80 -3.60 27.87 33.83
CA ARG S 80 -4.05 26.49 33.98
C ARG S 80 -4.86 26.31 35.26
N LEU S 81 -4.49 27.02 36.32
CA LEU S 81 -5.30 26.94 37.53
C LEU S 81 -6.58 27.75 37.45
N ALA S 82 -6.79 28.51 36.38
CA ALA S 82 -8.09 29.07 36.11
C ALA S 82 -8.97 28.10 35.35
N HIS S 83 -8.45 26.94 34.98
CA HIS S 83 -9.17 25.97 34.18
C HIS S 83 -9.52 24.71 34.94
N TYR S 84 -8.69 24.31 35.91
CA TYR S 84 -8.98 23.12 36.70
C TYR S 84 -10.09 23.36 37.70
N ASN S 85 -10.19 24.59 38.21
CA ASN S 85 -11.22 24.93 39.19
C ASN S 85 -12.46 25.51 38.56
N LYS S 86 -12.49 25.57 37.21
CA LYS S 86 -13.62 26.03 36.41
C LYS S 86 -13.98 27.47 36.76
N ARG S 87 -13.00 28.34 36.56
CA ARG S 87 -13.11 29.77 36.79
C ARG S 87 -12.85 30.50 35.47
N SER S 88 -12.81 31.82 35.55
CA SER S 88 -12.46 32.61 34.39
C SER S 88 -11.58 33.81 34.70
N THR S 89 -11.16 34.00 35.94
CA THR S 89 -10.37 35.15 36.34
C THR S 89 -8.96 34.72 36.74
N ILE S 90 -8.06 35.70 36.80
CA ILE S 90 -6.74 35.53 37.36
C ILE S 90 -6.58 36.61 38.42
N THR S 91 -6.76 36.25 39.68
CA THR S 91 -6.57 37.18 40.77
C THR S 91 -5.17 37.02 41.33
N SER S 92 -4.91 37.67 42.47
CA SER S 92 -3.58 37.57 43.06
C SER S 92 -3.34 36.20 43.67
N ARG S 93 -4.40 35.50 44.05
CA ARG S 93 -4.25 34.22 44.74
C ARG S 93 -3.73 33.15 43.79
N GLU S 94 -4.15 33.19 42.53
CA GLU S 94 -3.67 32.21 41.56
C GLU S 94 -2.21 32.44 41.21
N ILE S 95 -1.80 33.71 41.10
CA ILE S 95 -0.40 34.02 40.88
C ILE S 95 0.44 33.63 42.09
N GLN S 96 -0.13 33.77 43.29
CA GLN S 96 0.56 33.35 44.50
C GLN S 96 0.80 31.84 44.51
N THR S 97 -0.20 31.06 44.13
CA THR S 97 0.01 29.61 44.06
C THR S 97 0.94 29.22 42.93
N ALA S 98 0.93 29.96 41.82
CA ALA S 98 1.87 29.66 40.74
C ALA S 98 3.31 29.96 41.15
N VAL S 99 3.52 30.97 41.99
CA VAL S 99 4.85 31.23 42.51
C VAL S 99 5.24 30.17 43.53
N ARG S 100 4.27 29.69 44.32
CA ARG S 100 4.54 28.57 45.24
C ARG S 100 4.92 27.30 44.49
N LEU S 101 4.42 27.12 43.27
CA LEU S 101 4.80 25.95 42.50
C LEU S 101 6.10 26.11 41.73
N LEU S 102 6.25 27.21 40.98
CA LEU S 102 7.33 27.34 40.01
C LEU S 102 8.68 27.70 40.61
N LEU S 103 8.80 27.82 41.92
CA LEU S 103 10.08 28.20 42.49
C LEU S 103 10.48 27.22 43.58
N PRO S 104 11.78 26.97 43.75
CA PRO S 104 12.23 26.19 44.90
C PRO S 104 12.08 26.98 46.19
N GLY S 105 12.27 26.27 47.31
CA GLY S 105 11.80 26.66 48.63
C GLY S 105 12.07 28.06 49.16
N GLU S 106 13.33 28.39 49.43
CA GLU S 106 13.64 29.65 50.10
C GLU S 106 13.37 30.85 49.20
N LEU S 107 13.65 30.69 47.90
CA LEU S 107 13.38 31.75 46.94
C LEU S 107 11.88 31.98 46.81
N ALA S 108 11.09 30.91 46.88
CA ALA S 108 9.64 31.05 46.84
C ALA S 108 9.11 31.72 48.10
N LYS S 109 9.71 31.41 49.25
CA LYS S 109 9.28 32.04 50.50
C LYS S 109 9.57 33.53 50.50
N HIS S 110 10.75 33.92 50.01
CA HIS S 110 11.06 35.35 49.92
C HIS S 110 10.18 36.05 48.90
N ALA S 111 9.86 35.37 47.79
CA ALA S 111 9.04 36.00 46.77
C ALA S 111 7.59 36.20 47.23
N VAL S 112 7.03 35.19 47.91
CA VAL S 112 5.66 35.34 48.40
C VAL S 112 5.62 36.32 49.57
N SER S 113 6.72 36.46 50.31
CA SER S 113 6.75 37.47 51.37
C SER S 113 6.88 38.88 50.81
N GLU S 114 7.51 39.02 49.65
CA GLU S 114 7.67 40.35 49.07
C GLU S 114 6.46 40.79 48.26
N GLY S 115 5.76 39.85 47.63
CA GLY S 115 4.67 40.23 46.74
C GLY S 115 3.47 40.79 47.47
N THR S 116 3.07 40.17 48.57
CA THR S 116 1.95 40.68 49.35
C THR S 116 2.33 42.00 50.02
N LYS S 117 3.61 42.18 50.34
CA LYS S 117 4.11 43.45 50.83
C LYS S 117 3.96 44.54 49.77
N ALA S 118 4.09 44.17 48.49
CA ALA S 118 3.82 45.14 47.43
C ALA S 118 2.31 45.40 47.28
N VAL S 119 1.50 44.35 47.38
CA VAL S 119 0.06 44.48 47.17
C VAL S 119 -0.61 45.31 48.26
N THR S 120 -0.20 45.14 49.53
CA THR S 120 -0.82 45.87 50.63
C THR S 120 -0.58 47.37 50.56
N LYS S 121 0.57 47.77 50.04
CA LYS S 121 0.80 49.21 49.85
C LYS S 121 0.31 49.67 48.49
N TYR S 122 -0.12 48.73 47.64
CA TYR S 122 -0.88 49.14 46.47
C TYR S 122 -2.35 49.38 46.78
N THR S 123 -2.93 48.66 47.74
CA THR S 123 -4.38 48.74 47.97
C THR S 123 -4.76 50.08 48.59
N SER S 124 -4.10 50.47 49.67
CA SER S 124 -4.30 51.79 50.27
C SER S 124 -3.55 52.83 49.46
N SER S 125 -4.08 53.15 48.29
CA SER S 125 -3.42 54.05 47.35
C SER S 125 -3.42 55.49 47.84
N MET V 1 6.63 9.56 -9.64
CA MET V 1 7.57 10.64 -9.87
C MET V 1 8.34 10.95 -8.60
N ASP V 2 9.34 11.81 -8.71
CA ASP V 2 10.07 12.28 -7.55
C ASP V 2 9.22 13.24 -6.74
N GLU V 3 9.68 13.53 -5.54
CA GLU V 3 8.97 14.40 -4.62
C GLU V 3 9.77 15.68 -4.40
N THR V 4 10.31 16.22 -5.48
CA THR V 4 10.99 17.50 -5.49
C THR V 4 10.33 18.50 -6.42
N VAL V 5 9.90 18.05 -7.60
CA VAL V 5 9.31 18.95 -8.58
C VAL V 5 7.94 19.46 -8.16
N ALA V 6 7.27 18.74 -7.27
CA ALA V 6 5.94 19.16 -6.82
C ALA V 6 6.02 20.43 -5.99
N GLU V 7 7.05 20.54 -5.15
CA GLU V 7 7.28 21.76 -4.39
C GLU V 7 7.62 22.92 -5.31
N PHE V 8 8.35 22.65 -6.39
CA PHE V 8 8.70 23.70 -7.34
C PHE V 8 7.47 24.23 -8.07
N ILE V 9 6.61 23.32 -8.52
CA ILE V 9 5.40 23.76 -9.24
C ILE V 9 4.44 24.47 -8.28
N LYS V 10 4.38 23.99 -7.03
CA LYS V 10 3.52 24.64 -6.04
C LYS V 10 4.01 26.04 -5.72
N ARG V 11 5.32 26.21 -5.56
CA ARG V 11 5.88 27.51 -5.25
C ARG V 11 5.73 28.47 -6.42
N THR V 12 5.88 27.96 -7.65
CA THR V 12 5.74 28.79 -8.83
C THR V 12 4.30 29.27 -9.00
N ILE V 13 3.32 28.40 -8.76
CA ILE V 13 1.94 28.85 -8.94
C ILE V 13 1.50 29.71 -7.74
N LEU V 14 2.09 29.51 -6.55
CA LEU V 14 1.87 30.45 -5.45
C LEU V 14 2.42 31.82 -5.76
N LYS V 15 3.49 31.91 -6.54
CA LYS V 15 3.95 33.23 -6.96
C LYS V 15 3.04 33.87 -7.99
N ILE V 16 2.21 33.11 -8.67
CA ILE V 16 1.34 33.67 -9.71
C ILE V 16 0.15 34.35 -9.03
N PRO V 17 -0.20 35.58 -9.42
CA PRO V 17 -1.43 36.19 -8.90
C PRO V 17 -2.67 35.54 -9.48
N MET V 18 -3.80 35.78 -8.82
CA MET V 18 -5.08 35.27 -9.30
C MET V 18 -5.63 36.03 -10.50
N ASN V 19 -4.98 37.13 -10.91
CA ASN V 19 -5.53 37.93 -11.98
C ASN V 19 -5.37 37.25 -13.34
N GLU V 20 -4.30 36.46 -13.51
CA GLU V 20 -4.07 35.82 -14.80
C GLU V 20 -3.55 34.39 -14.63
N LEU V 21 -3.96 33.71 -13.56
CA LEU V 21 -3.53 32.33 -13.35
C LEU V 21 -4.16 31.39 -14.37
N THR V 22 -5.42 31.65 -14.74
CA THR V 22 -6.05 30.88 -15.81
C THR V 22 -5.39 31.14 -17.16
N THR V 23 -4.84 32.35 -17.35
CA THR V 23 -4.12 32.65 -18.58
C THR V 23 -2.82 31.87 -18.64
N ILE V 24 -2.13 31.77 -17.50
CA ILE V 24 -0.89 30.98 -17.41
C ILE V 24 -1.18 29.51 -17.67
N LEU V 25 -2.26 28.99 -17.06
CA LEU V 25 -2.51 27.56 -17.22
C LEU V 25 -3.09 27.21 -18.58
N LYS V 26 -3.76 28.16 -19.25
CA LYS V 26 -4.16 27.90 -20.63
C LYS V 26 -2.99 27.99 -21.59
N ALA V 27 -2.08 28.94 -21.36
CA ALA V 27 -0.92 29.07 -22.23
C ALA V 27 0.12 27.99 -21.98
N TRP V 28 0.10 27.34 -20.81
CA TRP V 28 1.11 26.34 -20.51
C TRP V 28 0.84 25.03 -21.22
N ASP V 29 -0.45 24.70 -21.46
CA ASP V 29 -0.90 23.60 -22.30
C ASP V 29 -0.37 22.26 -21.79
N PHE V 30 -0.79 21.90 -20.59
CA PHE V 30 -0.35 20.65 -19.98
C PHE V 30 -1.47 19.83 -19.37
N LEU V 31 -2.58 20.44 -18.99
CA LEU V 31 -3.69 19.70 -18.39
C LEU V 31 -4.93 19.84 -19.27
N SER V 32 -5.88 18.95 -19.05
CA SER V 32 -7.11 18.96 -19.81
C SER V 32 -8.06 20.04 -19.28
N GLU V 33 -8.81 20.65 -20.22
CA GLU V 33 -9.70 21.76 -19.87
C GLU V 33 -10.89 21.30 -19.03
N ASN V 34 -11.23 20.01 -19.06
CA ASN V 34 -12.21 19.48 -18.13
C ASN V 34 -11.68 19.55 -16.70
N GLN V 35 -10.39 19.28 -16.53
CA GLN V 35 -9.77 19.43 -15.22
C GLN V 35 -9.58 20.89 -14.84
N LEU V 36 -9.54 21.80 -15.82
CA LEU V 36 -9.66 23.22 -15.49
C LEU V 36 -11.07 23.55 -15.02
N GLN V 37 -12.07 22.90 -15.60
CA GLN V 37 -13.45 23.12 -15.20
C GLN V 37 -13.74 22.55 -13.82
N THR V 38 -13.00 21.50 -13.43
CA THR V 38 -13.22 20.87 -12.13
C THR V 38 -12.74 21.75 -10.98
N VAL V 39 -11.63 22.46 -11.18
CA VAL V 39 -11.00 23.21 -10.10
C VAL V 39 -11.78 24.48 -9.80
N ASN V 40 -12.14 24.64 -8.52
CA ASN V 40 -12.77 25.87 -8.05
C ASN V 40 -11.77 27.02 -8.13
N PHE V 41 -12.14 28.08 -8.86
CA PHE V 41 -11.33 29.29 -8.94
C PHE V 41 -11.87 30.40 -8.04
N ARG V 42 -12.56 30.04 -6.95
CA ARG V 42 -13.13 31.04 -6.06
C ARG V 42 -12.71 30.90 -4.62
N GLN V 43 -12.15 29.76 -4.21
CA GLN V 43 -11.60 29.65 -2.88
C GLN V 43 -10.20 30.25 -2.85
N ARG V 44 -9.55 30.18 -1.68
CA ARG V 44 -8.27 30.84 -1.51
C ARG V 44 -7.15 30.06 -2.18
N LYS V 45 -6.00 30.71 -2.33
CA LYS V 45 -4.90 30.19 -3.13
C LYS V 45 -4.17 29.04 -2.44
N GLU V 46 -4.37 28.83 -1.15
CA GLU V 46 -3.63 27.81 -0.43
C GLU V 46 -4.25 26.43 -0.55
N SER V 47 -5.28 26.27 -1.37
CA SER V 47 -5.84 24.96 -1.71
C SER V 47 -6.08 24.76 -3.19
N VAL V 48 -6.18 25.84 -3.98
CA VAL V 48 -6.27 25.73 -5.44
C VAL V 48 -5.01 25.07 -5.99
N VAL V 49 -3.85 25.46 -5.47
CA VAL V 49 -2.60 24.87 -5.92
C VAL V 49 -2.48 23.44 -5.42
N GLN V 50 -3.11 23.12 -4.29
CA GLN V 50 -3.14 21.74 -3.82
C GLN V 50 -3.96 20.86 -4.75
N HIS V 51 -5.09 21.39 -5.22
CA HIS V 51 -5.92 20.66 -6.16
C HIS V 51 -5.24 20.52 -7.52
N LEU V 52 -4.49 21.55 -7.94
CA LEU V 52 -3.79 21.48 -9.22
C LEU V 52 -2.62 20.51 -9.17
N ILE V 53 -1.88 20.49 -8.06
CA ILE V 53 -0.84 19.48 -7.86
C ILE V 53 -1.43 18.09 -7.82
N HIS V 54 -2.59 17.93 -7.15
CA HIS V 54 -3.25 16.62 -7.10
C HIS V 54 -3.76 16.19 -8.48
N LEU V 55 -4.05 17.14 -9.36
CA LEU V 55 -4.24 16.80 -10.77
C LEU V 55 -2.93 16.33 -11.40
N CYS V 56 -1.83 17.04 -11.12
CA CYS V 56 -0.56 16.67 -11.70
C CYS V 56 0.15 15.55 -10.96
N GLU V 57 -0.36 15.13 -9.79
CA GLU V 57 0.14 13.91 -9.15
C GLU V 57 -0.16 12.70 -10.00
N GLU V 58 -1.33 12.67 -10.64
CA GLU V 58 -1.81 11.47 -11.30
C GLU V 58 -1.23 11.30 -12.70
N LYS V 59 -1.34 12.35 -13.53
CA LYS V 59 -1.16 12.14 -14.97
C LYS V 59 0.31 12.11 -15.37
N ARG V 60 0.97 13.27 -15.34
CA ARG V 60 2.30 13.43 -15.89
C ARG V 60 3.00 14.56 -15.15
N ALA V 61 4.33 14.44 -15.05
CA ALA V 61 5.18 15.52 -14.55
C ALA V 61 6.61 15.23 -14.99
N SER V 62 7.45 16.25 -14.87
CA SER V 62 8.86 16.14 -15.16
C SER V 62 9.58 17.28 -14.46
N ILE V 63 10.85 17.47 -14.80
CA ILE V 63 11.52 18.73 -14.51
C ILE V 63 11.43 19.66 -15.72
N SER V 64 11.26 19.12 -16.92
CA SER V 64 11.23 19.94 -18.13
C SER V 64 9.95 20.74 -18.23
N ASP V 65 8.81 20.13 -17.87
CA ASP V 65 7.54 20.83 -17.93
C ASP V 65 7.45 21.91 -16.86
N ALA V 66 7.99 21.61 -15.67
CA ALA V 66 8.08 22.61 -14.61
C ALA V 66 9.00 23.76 -15.01
N ALA V 67 10.08 23.44 -15.72
CA ALA V 67 10.98 24.47 -16.22
C ALA V 67 10.30 25.34 -17.28
N LEU V 68 9.48 24.73 -18.13
CA LEU V 68 8.79 25.52 -19.15
C LEU V 68 7.70 26.39 -18.53
N LEU V 69 7.06 25.90 -17.46
CA LEU V 69 6.16 26.74 -16.67
C LEU V 69 6.91 27.91 -16.05
N ASP V 70 8.12 27.67 -15.57
CA ASP V 70 8.96 28.74 -15.01
C ASP V 70 9.32 29.75 -16.08
N ILE V 71 9.56 29.29 -17.31
CA ILE V 71 9.86 30.19 -18.43
C ILE V 71 8.66 31.07 -18.74
N ILE V 72 7.46 30.48 -18.79
CA ILE V 72 6.28 31.27 -19.10
C ILE V 72 5.96 32.24 -17.95
N TYR V 73 6.28 31.85 -16.71
CA TYR V 73 6.16 32.78 -15.59
C TYR V 73 7.12 33.96 -15.72
N MET V 74 8.35 33.68 -16.15
CA MET V 74 9.34 34.75 -16.26
C MET V 74 9.05 35.67 -17.43
N GLN V 75 8.38 35.15 -18.47
CA GLN V 75 8.06 35.98 -19.63
C GLN V 75 7.02 37.06 -19.36
N PHE V 76 6.30 36.98 -18.25
CA PHE V 76 5.28 37.98 -17.92
C PHE V 76 5.65 38.82 -16.71
N HIS V 77 6.88 38.72 -16.22
CA HIS V 77 7.33 39.49 -15.06
C HIS V 77 8.70 40.10 -15.34
N GLN V 78 8.83 40.74 -16.49
CA GLN V 78 10.07 41.37 -16.89
C GLN V 78 10.37 42.63 -16.11
N HIS V 79 9.41 43.17 -15.39
CA HIS V 79 9.65 44.34 -14.55
C HIS V 79 10.49 44.00 -13.32
N GLN V 80 10.55 42.72 -12.94
CA GLN V 80 11.25 42.35 -11.71
C GLN V 80 12.76 42.34 -11.91
N LYS V 81 13.25 41.56 -12.87
CA LYS V 81 14.68 41.37 -13.00
C LYS V 81 15.33 42.54 -13.73
N VAL V 82 16.66 42.53 -13.75
CA VAL V 82 17.47 43.53 -14.44
C VAL V 82 18.31 42.79 -15.47
N TRP V 83 18.33 43.30 -16.69
CA TRP V 83 18.87 42.57 -17.83
C TRP V 83 20.26 43.05 -18.20
N ASP V 84 20.94 42.25 -19.01
CA ASP V 84 22.27 42.55 -19.53
C ASP V 84 22.29 42.24 -21.01
N VAL V 85 23.10 42.97 -21.77
CA VAL V 85 23.13 42.89 -23.23
C VAL V 85 24.49 42.40 -23.67
N PHE V 86 24.52 41.34 -24.48
CA PHE V 86 25.72 40.82 -25.10
C PHE V 86 25.61 40.94 -26.62
N GLN V 87 26.72 40.64 -27.30
CA GLN V 87 26.75 40.57 -28.75
C GLN V 87 27.93 39.69 -29.17
N MET V 88 27.71 38.85 -30.17
CA MET V 88 28.77 38.06 -30.78
C MET V 88 29.16 38.65 -32.14
N SER V 89 30.32 38.21 -32.63
CA SER V 89 30.85 38.68 -33.91
C SER V 89 31.82 37.62 -34.43
N LYS V 90 32.62 38.01 -35.42
CA LYS V 90 33.64 37.19 -36.08
C LYS V 90 33.03 35.92 -36.68
N GLY V 91 32.13 36.12 -37.64
CA GLY V 91 31.46 35.02 -38.32
C GLY V 91 30.14 35.42 -38.92
N PHE V 99 20.38 30.04 -41.09
CA PHE V 99 20.90 29.19 -40.02
C PHE V 99 19.77 28.62 -39.17
N ASP V 100 19.72 27.28 -39.10
CA ASP V 100 18.67 26.60 -38.34
C ASP V 100 18.93 26.66 -36.84
N MET V 101 17.85 26.63 -36.07
CA MET V 101 17.96 26.71 -34.62
C MET V 101 18.01 25.35 -33.94
N LYS V 102 17.64 24.28 -34.65
CA LYS V 102 17.69 22.94 -34.08
C LYS V 102 19.13 22.50 -33.82
N GLN V 103 20.00 22.71 -34.81
CA GLN V 103 21.42 22.43 -34.63
C GLN V 103 22.04 23.32 -33.55
N PHE V 104 21.53 24.54 -33.41
CA PHE V 104 22.00 25.43 -32.35
C PHE V 104 21.60 24.91 -30.97
N LYS V 105 20.37 24.42 -30.83
CA LYS V 105 19.91 23.84 -29.57
C LYS V 105 20.74 22.62 -29.20
N ASN V 106 20.95 21.73 -30.17
CA ASN V 106 21.73 20.52 -29.91
C ASN V 106 23.18 20.85 -29.56
N SER V 107 23.78 21.79 -30.29
CA SER V 107 25.18 22.16 -30.05
C SER V 107 25.35 22.82 -28.69
N PHE V 108 24.43 23.71 -28.31
CA PHE V 108 24.53 24.37 -27.02
C PHE V 108 24.33 23.40 -25.88
N LYS V 109 23.33 22.53 -26.00
CA LYS V 109 23.10 21.52 -24.96
C LYS V 109 24.34 20.70 -24.78
N LYS V 110 24.72 19.95 -25.81
CA LYS V 110 25.90 19.11 -25.75
C LYS V 110 27.05 19.84 -25.09
N ILE V 111 27.50 20.92 -25.71
CA ILE V 111 28.61 21.68 -25.17
C ILE V 111 28.46 21.88 -23.68
N LEU V 112 27.33 22.45 -23.26
CA LEU V 112 27.17 22.76 -21.85
C LEU V 112 27.19 21.50 -20.99
N GLN V 113 26.62 20.40 -21.48
CA GLN V 113 26.69 19.15 -20.73
C GLN V 113 28.06 18.49 -20.78
N ARG V 114 28.91 18.86 -21.75
CA ARG V 114 30.30 18.44 -21.71
C ARG V 114 31.17 19.37 -20.87
N ALA V 115 30.73 20.61 -20.64
CA ALA V 115 31.50 21.53 -19.82
C ALA V 115 31.46 21.11 -18.35
N LEU V 116 30.27 21.09 -17.76
CA LEU V 116 30.10 20.62 -16.39
C LEU V 116 29.26 19.35 -16.39
N LYS V 117 29.19 18.72 -15.22
CA LYS V 117 28.44 17.49 -15.07
C LYS V 117 26.94 17.74 -15.09
N ASN V 118 26.45 18.55 -14.15
CA ASN V 118 25.03 18.74 -13.92
C ASN V 118 24.63 20.14 -14.34
N VAL V 119 23.90 20.25 -15.46
CA VAL V 119 23.23 21.48 -15.85
C VAL V 119 21.80 21.11 -16.21
N THR V 120 20.96 22.14 -16.38
CA THR V 120 19.61 21.93 -16.86
C THR V 120 19.29 23.01 -17.88
N VAL V 121 18.95 22.60 -19.10
CA VAL V 121 18.71 23.51 -20.20
C VAL V 121 17.25 23.37 -20.62
N SER V 122 16.60 24.49 -20.90
CA SER V 122 15.24 24.45 -21.42
C SER V 122 15.03 25.56 -22.44
N PHE V 123 14.31 25.23 -23.50
CA PHE V 123 14.04 26.16 -24.60
C PHE V 123 12.55 26.46 -24.68
N ARG V 124 12.24 27.55 -25.39
CA ARG V 124 10.86 27.87 -25.72
C ARG V 124 10.87 28.77 -26.95
N GLU V 125 10.02 28.46 -27.92
CA GLU V 125 9.98 29.20 -29.18
C GLU V 125 9.02 30.37 -29.08
N THR V 126 9.46 31.53 -29.53
CA THR V 126 8.68 32.76 -29.51
C THR V 126 8.94 33.47 -30.83
N GLU V 127 7.98 34.30 -31.24
CA GLU V 127 8.03 34.97 -32.53
C GLU V 127 9.16 36.00 -32.61
N GLU V 128 9.34 36.54 -33.82
CA GLU V 128 10.53 37.29 -34.25
C GLU V 128 11.78 36.42 -34.08
N ASN V 129 11.61 35.12 -34.35
CA ASN V 129 12.65 34.08 -34.25
C ASN V 129 13.30 34.02 -32.87
N ALA V 130 12.54 34.35 -31.83
CA ALA V 130 13.11 34.43 -30.48
C ALA V 130 13.20 33.06 -29.84
N VAL V 131 14.20 32.89 -28.99
CA VAL V 131 14.29 31.71 -28.15
C VAL V 131 14.65 32.15 -26.73
N TRP V 132 13.93 31.59 -25.77
CA TRP V 132 14.09 31.86 -24.34
C TRP V 132 14.76 30.64 -23.74
N ILE V 133 15.97 30.81 -23.23
CA ILE V 133 16.79 29.69 -22.79
C ILE V 133 16.97 29.81 -21.29
N ARG V 134 16.38 28.86 -20.56
CA ARG V 134 16.54 28.79 -19.12
C ARG V 134 17.67 27.84 -18.79
N ILE V 135 18.63 28.30 -17.98
CA ILE V 135 19.78 27.51 -17.58
C ILE V 135 19.76 27.42 -16.06
N ALA V 136 19.80 26.19 -15.55
CA ALA V 136 19.99 25.95 -14.13
C ALA V 136 21.38 25.38 -13.94
N TRP V 137 22.25 26.17 -13.33
CA TRP V 137 23.63 25.79 -13.11
C TRP V 137 23.73 24.78 -11.96
N GLY V 138 24.87 24.10 -11.91
CA GLY V 138 25.15 23.20 -10.82
C GLY V 138 26.64 22.95 -10.73
N THR V 139 27.00 21.95 -9.94
CA THR V 139 28.38 21.53 -9.81
C THR V 139 28.52 20.09 -10.29
N GLN V 140 29.71 19.53 -10.11
CA GLN V 140 29.96 18.14 -10.42
C GLN V 140 29.66 17.21 -9.25
N TYR V 141 29.02 17.72 -8.20
CA TYR V 141 28.61 16.88 -7.08
C TYR V 141 27.20 17.15 -6.59
N THR V 142 26.56 18.25 -6.98
CA THR V 142 25.28 18.65 -6.42
C THR V 142 24.21 18.68 -7.49
N LYS V 143 22.97 18.72 -7.05
CA LYS V 143 21.84 18.92 -7.94
C LYS V 143 21.86 20.35 -8.48
N PRO V 144 21.33 20.57 -9.69
CA PRO V 144 21.25 21.94 -10.20
C PRO V 144 20.20 22.75 -9.45
N ASN V 145 20.58 23.96 -9.06
CA ASN V 145 19.69 24.84 -8.31
C ASN V 145 18.63 25.39 -9.25
N GLN V 146 17.39 24.96 -9.09
CA GLN V 146 16.32 25.44 -9.95
C GLN V 146 15.89 26.86 -9.59
N TYR V 147 16.06 27.26 -8.34
CA TYR V 147 15.47 28.50 -7.86
C TYR V 147 16.26 29.75 -8.20
N LYS V 148 17.48 29.60 -8.73
CA LYS V 148 18.25 30.75 -9.21
C LYS V 148 18.63 30.48 -10.66
N PRO V 149 17.72 30.73 -11.59
CA PRO V 149 17.99 30.40 -12.99
C PRO V 149 18.86 31.46 -13.63
N THR V 150 19.15 31.25 -14.91
CA THR V 150 19.78 32.26 -15.75
C THR V 150 19.09 32.22 -17.10
N TYR V 151 18.57 33.36 -17.55
CA TYR V 151 17.76 33.40 -18.74
C TYR V 151 18.50 34.11 -19.86
N VAL V 152 18.43 33.54 -21.05
CA VAL V 152 19.07 34.11 -22.24
C VAL V 152 17.99 34.28 -23.31
N VAL V 153 17.80 35.52 -23.74
CA VAL V 153 16.96 35.80 -24.89
C VAL V 153 17.87 35.86 -26.11
N TYR V 154 17.74 34.90 -27.01
CA TYR V 154 18.59 34.86 -28.19
C TYR V 154 17.74 34.99 -29.45
N TYR V 155 18.27 35.70 -30.43
CA TYR V 155 17.64 35.90 -31.72
C TYR V 155 18.52 35.27 -32.79
N SER V 156 17.89 34.64 -33.79
CA SER V 156 18.66 34.00 -34.86
C SER V 156 19.28 35.03 -35.79
N GLN V 157 18.55 36.11 -36.09
CA GLN V 157 19.01 37.08 -37.06
C GLN V 157 20.10 37.97 -36.47
N THR V 158 19.77 38.69 -35.41
CA THR V 158 20.76 39.56 -34.79
C THR V 158 21.73 38.73 -33.96
N PRO V 159 23.00 39.14 -33.91
CA PRO V 159 23.96 38.47 -33.02
C PRO V 159 23.87 38.88 -31.56
N TYR V 160 22.82 39.57 -31.17
CA TYR V 160 22.61 40.09 -29.82
C TYR V 160 21.89 39.07 -28.95
N ALA V 161 22.15 39.16 -27.65
CA ALA V 161 21.52 38.27 -26.69
C ALA V 161 21.31 39.02 -25.38
N PHE V 162 20.10 38.90 -24.84
CA PHE V 162 19.75 39.54 -23.57
C PHE V 162 20.01 38.56 -22.43
N THR V 163 20.65 39.04 -21.38
CA THR V 163 21.16 38.18 -20.32
C THR V 163 20.60 38.60 -18.98
N SER V 164 20.03 37.65 -18.25
CA SER V 164 19.53 37.90 -16.91
C SER V 164 20.65 37.74 -15.89
N SER V 165 20.70 38.63 -14.92
CA SER V 165 21.65 38.48 -13.83
C SER V 165 21.15 37.44 -12.84
N SER V 166 22.06 37.00 -11.97
CA SER V 166 21.74 35.98 -10.99
C SER V 166 22.64 36.17 -9.78
N MET V 167 22.33 35.42 -8.71
CA MET V 167 23.23 35.37 -7.58
C MET V 167 24.51 34.64 -7.93
N LEU V 168 24.40 33.60 -8.74
CA LEU V 168 25.51 32.68 -8.98
C LEU V 168 26.30 33.23 -10.17
N ARG V 169 27.41 33.89 -9.88
CA ARG V 169 28.40 34.28 -10.88
C ARG V 169 29.39 33.13 -11.06
N ARG V 170 30.54 33.41 -11.67
CA ARG V 170 31.68 32.55 -11.97
C ARG V 170 31.38 31.60 -13.14
N ASN V 171 30.14 31.49 -13.58
CA ASN V 171 29.79 30.76 -14.77
C ASN V 171 29.49 31.70 -15.93
N THR V 172 29.73 33.00 -15.74
CA THR V 172 29.48 33.97 -16.82
C THR V 172 30.46 33.83 -17.99
N PRO V 173 31.80 33.77 -17.81
CA PRO V 173 32.63 33.56 -19.01
C PRO V 173 32.52 32.14 -19.57
N LEU V 174 32.20 31.16 -18.74
CA LEU V 174 31.95 29.81 -19.23
C LEU V 174 30.72 29.78 -20.13
N LEU V 175 29.64 30.42 -19.69
CA LEU V 175 28.43 30.50 -20.52
C LEU V 175 28.70 31.31 -21.78
N GLY V 176 29.50 32.38 -21.66
CA GLY V 176 29.80 33.20 -22.82
C GLY V 176 30.59 32.45 -23.89
N GLN V 177 31.64 31.74 -23.46
CA GLN V 177 32.44 30.97 -24.42
C GLN V 177 31.68 29.77 -24.93
N ALA V 178 30.85 29.13 -24.10
CA ALA V 178 30.07 27.99 -24.55
C ALA V 178 28.98 28.40 -25.52
N LEU V 179 28.43 29.61 -25.36
CA LEU V 179 27.44 30.09 -26.31
C LEU V 179 28.08 30.65 -27.57
N THR V 180 29.32 31.12 -27.47
CA THR V 180 30.02 31.59 -28.67
C THR V 180 30.47 30.42 -29.52
N ILE V 181 31.00 29.36 -28.91
CA ILE V 181 31.32 28.14 -29.65
C ILE V 181 30.05 27.43 -30.08
N ALA V 182 28.98 27.53 -29.28
CA ALA V 182 27.70 26.94 -29.64
C ALA V 182 27.06 27.65 -30.83
N SER V 183 27.28 28.95 -30.95
CA SER V 183 26.92 29.68 -32.15
C SER V 183 28.07 29.59 -33.14
N LYS V 184 27.90 30.22 -34.29
CA LYS V 184 28.95 30.23 -35.32
C LYS V 184 29.76 31.52 -35.23
N HIS V 185 30.44 31.69 -34.10
CA HIS V 185 31.10 32.93 -33.78
C HIS V 185 32.41 32.65 -33.03
N HIS V 186 33.16 33.72 -32.79
CA HIS V 186 34.46 33.65 -32.13
C HIS V 186 34.64 34.67 -31.02
N GLN V 187 33.92 35.79 -31.04
CA GLN V 187 34.08 36.87 -30.09
C GLN V 187 32.76 37.11 -29.35
N ILE V 188 32.85 37.51 -28.08
CA ILE V 188 31.69 37.94 -27.32
C ILE V 188 32.06 39.21 -26.55
N VAL V 189 31.15 40.17 -26.50
CA VAL V 189 31.42 41.44 -25.84
C VAL V 189 30.52 41.59 -24.62
N LYS V 190 30.70 42.69 -23.89
CA LYS V 190 29.90 42.98 -22.70
C LYS V 190 29.77 44.49 -22.61
N MET V 191 28.67 45.02 -23.12
CA MET V 191 28.48 46.47 -23.20
C MET V 191 28.09 47.04 -21.84
N ASP V 192 27.82 48.34 -21.82
CA ASP V 192 27.41 49.07 -20.63
C ASP V 192 25.92 48.89 -20.33
N LEU V 193 25.17 48.31 -21.26
CA LEU V 193 23.71 48.31 -21.22
C LEU V 193 23.22 47.34 -20.17
N ARG V 194 22.88 47.86 -18.99
CA ARG V 194 22.25 47.07 -17.93
C ARG V 194 21.07 47.86 -17.39
N SER V 195 19.86 47.43 -17.73
CA SER V 195 18.64 48.14 -17.33
C SER V 195 17.57 47.13 -16.96
N ARG V 196 16.40 47.64 -16.58
CA ARG V 196 15.31 46.84 -16.06
C ARG V 196 14.33 46.41 -17.14
N TYR V 197 14.02 47.29 -18.08
CA TYR V 197 12.99 47.05 -19.08
C TYR V 197 13.61 46.61 -20.39
N LEU V 198 12.97 45.65 -21.04
CA LEU V 198 13.54 45.03 -22.22
C LEU V 198 13.35 45.88 -23.47
N ASP V 199 12.33 46.72 -23.49
CA ASP V 199 12.00 47.49 -24.69
C ASP V 199 13.01 48.59 -24.97
N SER V 200 13.58 49.20 -23.92
CA SER V 200 14.61 50.21 -24.12
C SER V 200 15.88 49.60 -24.71
N LEU V 201 16.26 48.41 -24.22
CA LEU V 201 17.41 47.71 -24.76
C LEU V 201 17.14 47.26 -26.19
N LYS V 202 15.90 46.81 -26.45
CA LYS V 202 15.45 46.45 -27.79
C LYS V 202 15.58 47.63 -28.75
N ALA V 203 15.16 48.82 -28.31
CA ALA V 203 15.22 49.99 -29.17
C ALA V 203 16.66 50.45 -29.40
N ILE V 204 17.48 50.43 -28.34
CA ILE V 204 18.85 50.91 -28.46
C ILE V 204 19.71 49.93 -29.25
N VAL V 205 19.28 48.68 -29.38
CA VAL V 205 19.95 47.75 -30.30
C VAL V 205 19.42 47.89 -31.71
N PHE V 206 18.09 47.96 -31.88
CA PHE V 206 17.51 47.81 -33.21
C PHE V 206 17.51 49.10 -34.00
N LYS V 207 17.63 50.26 -33.33
CA LYS V 207 17.73 51.51 -34.07
C LYS V 207 19.10 51.60 -34.74
N GLN V 208 20.09 50.95 -34.13
CA GLN V 208 21.43 50.89 -34.69
C GLN V 208 21.60 49.74 -35.66
N TYR V 209 20.92 48.60 -35.42
CA TYR V 209 21.16 47.43 -36.25
C TYR V 209 20.36 47.47 -37.54
N ASN V 210 19.10 47.93 -37.49
CA ASN V 210 18.29 47.98 -38.70
C ASN V 210 18.73 49.12 -39.60
N GLN V 211 19.43 50.11 -39.04
CA GLN V 211 19.90 51.27 -39.79
C GLN V 211 21.40 51.48 -39.60
N THR V 212 22.18 50.41 -39.81
CA THR V 212 23.65 50.49 -39.75
C THR V 212 24.22 51.46 -40.76
#